data_7DTD
#
_entry.id   7DTD
#
_cell.length_a   1.00
_cell.length_b   1.00
_cell.length_c   1.00
_cell.angle_alpha   90.00
_cell.angle_beta   90.00
_cell.angle_gamma   90.00
#
_symmetry.space_group_name_H-M   'P 1'
#
loop_
_entity.id
_entity.type
_entity.pdbx_description
1 polymer 'Sodium channel subunit beta-4'
2 polymer 'Sodium channel protein type 1 subunit alpha'
3 non-polymer 2-acetamido-2-deoxy-beta-D-glucopyranose
4 non-polymer (3beta,14beta,17beta,25R)-3-[4-methoxy-3-(methoxymethyl)butoxy]spirost-5-en
#
loop_
_entity_poly.entity_id
_entity_poly.type
_entity_poly.pdbx_seq_one_letter_code
_entity_poly.pdbx_strand_id
1 'polypeptide(L)'
;MPGAGDGGKAPARWLGTGLLGLFLLPVTLSLEVSVGKATDIYAVNGTEILLPCTFSSCFGFEDLHFRWTYNSSDAFKILI
EGTVKNEKSDPKVTLKDDDRITLVGSTKEKMNNISIVLRDLEFSDTGKYTCHVKNPKENNLQHHATIFLQVVDRLEEVDN
TVTLIILAVVGGVIGLLILILLIKKLIIFILKKTREKKKECLVSSSGNDNTENGLPGSKAEEKPPSKV
;
B
2 'polypeptide(L)'
;MASWSHPQFEKGGGARGGSGGGSWSHPQFEKGFDYKDDDDKGTMEQTVLVPPGPDSFNFFTRESLAAIERRIAEEKAKNP
KPDKKDDDENGPKPNSDLEAGKNLPFIYGDIPPEMVSEPLEDLDPYYINKKTFIVLNKGKAIFRFSATSALYILTPFNPL
RKIAIKILVHSLFSMLIMCTILTNCVFMTMSNPPDWTKNVEYTFTGIYTFESLIKIIARGFCLEDFTFLRDPWNWLDFTV
ITFAYVTEFVDLGNVSALRTFRVLRALKTISVIPGLKTIVGALIQSVKKLSDVMILTVFCLSVFALIGLQLFMGNLRNKC
IQWPPTNASLEEHSIEKNITVNYNGTLINETVFEFDWKSYIQDSRYHYFLEGFLDALLCGNSSDAGQCPEGYMCVKAGRN
PNYGYTSFDTFSWAFLSLFRLMTQDFWENLYQLTLRAAGKTYMIFFVLVIFLGSFYLINLILAVVAMAYEEQNQATLEEA
EQKEAEFQQMIEQLKKQQEAAQQAATATASEHSREPSAAGRLSDSSSEASKLSSKSAKERRNRRKKRKQKEQSGGEEKDE
DEFQKSESEDSIRRKGFRFSIEGNRLTYEKRYSSPHQSLLSIRGSLFSPRRNSRTSLFSFRGRAKDVGSENDFADDEHST
FEDNESRRDSLFVPRRHGERRNSNLSQTSRSSRMLAVFPANGKMHSTVDCNGVVSLVGGPSVPTSPVGQLLPEVIIDKPA
TDDNGTTTETEMRKRRSSSFHVSMDFLEDPSQRQRAMSIASILTNTVEELEESRQKCPPCWYKFSNIFLIWDCSPYWLKV
KHVVNLVVMDPFVDLAITICIVLNTLFMAMEHYPMTDHFNNVLTVGNLVFTGIFTAEMFLKIIAMDPYYYFQEGWNIFDG
FIVTLSLVELGLANVEGLSVLRSFRLLRVFKLAKSWPTLNMLIKIIGNSVGALGNLTLVLAIIVFIFAVVGMQLFGKSYK
DCVCKIASDCQLPRWHMNDFFHSFLIVFRVLCGEWIETMWDCMEVAGQAMCLTVFMMVMVIGNLVVLNLFLALLLSSFSA
DNLAATDDDNEMNNLQIAVDRMHKGVAYVKRKIYEFIQQSFIRKQKILDEIKPLDDLNNKKDSCMSNHTAEIGKDLDYLK
DVNGTTSGIGTGSSVEKYIIDESDYMSFINNPSLTVTVPIAVGESDFENLNTEDFSSESDLEESKEKLNESSSSSEGSTV
DIGAPVEEQPVVEPEETLEPEACFTEGCVQRFKCCQINVEEGRGKQWWNLRRTCFRIVEHNWFETFIVFMILLSSGALAF
EDIYIDQRKTIKTMLEYADKVFTYIFILEMLLKWVAYGYQTYFTNAWCWLDFLIVDVSLVSLTANALGYSELGAIKSLRT
LRALRPLRALSRFEGMRVVVNALLGAIPSIMNVLLVCLIFWLIFSIMGVNLFAGKFYHCINTTTGDRFDIEDVNNHTDCL
KLIERNETARWKNVKVNFDNVGFGYLSLLQVATFKGWMDIMYAAVDSRNVELQPKYEESLYMYLYFVIFIIFGSFFTLNL
FIGVIIDNFNQQKKKFGGQDIFMTEEQKKYYNAMKKLGSKKPQKPIPRPGNKFQGMVFDFVTRQVFDISIMILICLNMVT
MMVETDDQSEYVTTILSRINLVFIVLFTGECVLKLISLRHYYFTIGWNIFDFVVVILSIVGMFLAELIEKYFVSPTLFRV
IRLARIGRILRLIKGAKGIRTLLFALMMSLPALFNIGLLLFLVMFIYAIFGMSNFAYVKREVGIDDMFNFETFGNSMICL
FQITTSAGWDGLLAPILNSKPPDCDPNKVNPGSSVKGDCGNPSVGIFFFVSYIIISFLVVVNMYIAVILENFSVATEESA
EPLSEDDFEMFYEVWEKFDPDATQFMEFEKLSQFAAALEPPLNLPQPNKLQLIAMDLPMVSGDRIHCLDILFAFTKRVLG
ESGEMDALRIQMEERFMASNPSKVSYQPITTTLKRKQEEVSAVIIQRAYRRHLLKRTVKQASFTYNKNKIKGGANLLIKE
DMIIDRINENSITEKTDLTMSTAACPPSYDRVTKPIVEKHEQEGKDEKAKGK
;
A
#
# COMPACT_ATOMS: atom_id res chain seq x y z
N THR A 39 24.87 38.38 -15.62
CA THR A 39 24.93 38.83 -17.00
C THR A 39 25.88 40.03 -17.15
N ASP A 40 25.65 40.83 -18.19
CA ASP A 40 26.48 42.00 -18.44
C ASP A 40 25.74 43.29 -18.10
N ILE A 41 26.50 44.34 -17.81
CA ILE A 41 25.92 45.63 -17.46
C ILE A 41 26.84 46.78 -17.87
N TYR A 42 26.28 47.74 -18.62
CA TYR A 42 27.05 48.88 -19.07
C TYR A 42 26.65 50.15 -18.33
N ALA A 43 27.64 50.88 -17.83
CA ALA A 43 27.38 52.12 -17.11
C ALA A 43 28.40 53.18 -17.51
N VAL A 44 27.98 54.43 -17.43
CA VAL A 44 28.82 55.56 -17.84
C VAL A 44 29.73 56.03 -16.71
N ASN A 45 30.99 56.32 -17.05
CA ASN A 45 31.96 56.90 -16.12
C ASN A 45 31.34 58.07 -15.35
N GLY A 46 31.54 58.09 -14.03
CA GLY A 46 31.03 59.17 -13.20
C GLY A 46 29.61 59.00 -12.68
N THR A 47 28.88 58.01 -13.19
CA THR A 47 27.50 57.78 -12.76
C THR A 47 27.45 56.69 -11.70
N GLU A 48 26.26 56.22 -11.36
CA GLU A 48 26.11 55.14 -10.37
C GLU A 48 25.38 53.97 -10.97
N ILE A 49 25.54 52.79 -10.38
CA ILE A 49 24.91 51.60 -10.91
C ILE A 49 24.47 50.72 -9.76
N LEU A 50 23.29 50.12 -9.87
CA LEU A 50 22.79 49.20 -8.86
C LEU A 50 23.12 47.80 -9.35
N LEU A 51 23.79 47.01 -8.51
CA LEU A 51 24.13 45.63 -8.80
C LEU A 51 23.23 44.79 -7.92
N PRO A 52 22.33 44.00 -8.54
CA PRO A 52 21.28 43.36 -7.77
C PRO A 52 21.63 41.99 -7.20
N CYS A 53 21.07 41.70 -6.03
CA CYS A 53 21.18 40.39 -5.41
C CYS A 53 19.93 40.18 -4.58
N THR A 54 19.13 39.22 -4.98
CA THR A 54 18.00 38.84 -4.12
C THR A 54 18.11 37.38 -3.82
N PHE A 55 17.82 37.04 -2.57
CA PHE A 55 17.68 35.64 -2.23
C PHE A 55 16.24 35.41 -1.81
N SER A 56 15.88 34.16 -1.66
CA SER A 56 14.57 33.84 -1.10
C SER A 56 14.81 32.64 -0.23
N SER A 57 13.98 32.48 0.78
CA SER A 57 14.08 31.32 1.66
C SER A 57 12.70 30.70 1.75
N CYS A 58 12.63 29.39 1.56
CA CYS A 58 11.37 28.67 1.61
C CYS A 58 10.78 28.69 3.01
N PHE A 59 11.65 28.63 4.02
CA PHE A 59 11.20 28.64 5.40
C PHE A 59 12.06 29.52 6.31
N GLY A 60 12.53 30.64 5.78
CA GLY A 60 13.31 31.57 6.58
C GLY A 60 14.73 31.11 6.82
N PHE A 61 15.42 31.80 7.72
CA PHE A 61 16.81 31.50 8.01
C PHE A 61 17.25 32.14 9.32
N GLU A 62 18.43 31.72 9.79
CA GLU A 62 19.07 32.37 10.92
C GLU A 62 20.55 32.63 10.59
N ASP A 63 21.04 33.78 11.02
CA ASP A 63 22.46 34.14 10.91
C ASP A 63 23.03 33.95 9.52
N LEU A 64 22.36 34.52 8.53
CA LEU A 64 22.86 34.49 7.16
C LEU A 64 24.08 35.41 7.06
N HIS A 65 25.08 35.00 6.28
CA HIS A 65 26.23 35.84 5.99
C HIS A 65 26.30 36.09 4.51
N PHE A 66 26.68 37.29 4.11
CA PHE A 66 26.82 37.61 2.69
C PHE A 66 28.14 38.34 2.42
N ARG A 67 28.59 38.24 1.17
CA ARG A 67 29.81 38.89 0.74
C ARG A 67 29.67 39.25 -0.74
N TRP A 68 29.97 40.49 -1.10
CA TRP A 68 30.14 40.83 -2.52
C TRP A 68 31.64 40.88 -2.82
N THR A 69 32.03 40.31 -3.95
CA THR A 69 33.44 40.37 -4.37
C THR A 69 33.58 41.05 -5.71
N TYR A 70 34.77 41.55 -5.99
CA TYR A 70 35.15 42.06 -7.30
C TYR A 70 36.34 41.28 -7.79
N ASN A 71 36.31 40.87 -9.05
CA ASN A 71 37.45 40.22 -9.68
C ASN A 71 37.82 40.90 -10.98
N SER A 72 39.11 41.19 -11.14
CA SER A 72 39.67 41.69 -12.40
CA SER A 72 39.61 41.62 -12.44
C SER A 72 40.78 40.72 -12.82
N SER A 73 41.42 40.99 -13.95
CA SER A 73 42.54 40.16 -14.42
CA SER A 73 42.51 40.12 -14.39
C SER A 73 43.69 40.14 -13.42
N ASP A 74 43.85 41.23 -12.66
CA ASP A 74 44.97 41.33 -11.72
C ASP A 74 44.60 41.66 -10.27
N ALA A 75 43.31 41.76 -9.96
CA ALA A 75 42.92 42.11 -8.60
C ALA A 75 41.72 41.31 -8.12
N PHE A 76 41.65 41.12 -6.81
CA PHE A 76 40.46 40.59 -6.16
C PHE A 76 40.18 41.48 -4.95
N LYS A 77 38.91 41.84 -4.74
CA LYS A 77 38.55 42.65 -3.58
C LYS A 77 37.32 42.09 -2.94
N ILE A 78 37.33 42.03 -1.61
CA ILE A 78 36.09 41.83 -0.86
C ILE A 78 35.49 43.22 -0.64
N LEU A 79 34.34 43.46 -1.26
CA LEU A 79 33.76 44.81 -1.29
C LEU A 79 32.93 45.17 -0.07
N ILE A 80 32.09 44.23 0.35
CA ILE A 80 31.20 44.47 1.45
C ILE A 80 30.80 43.11 2.00
N GLU A 81 30.71 43.02 3.32
CA GLU A 81 30.26 41.80 3.98
CA GLU A 81 30.25 41.79 3.98
C GLU A 81 29.27 42.16 5.06
N GLY A 82 28.39 41.22 5.41
CA GLY A 82 27.44 41.50 6.45
C GLY A 82 26.69 40.26 6.90
N THR A 83 25.77 40.47 7.84
CA THR A 83 25.00 39.37 8.42
C THR A 83 23.54 39.77 8.41
N VAL A 84 22.65 38.78 8.40
CA VAL A 84 21.22 39.04 8.51
C VAL A 84 20.73 38.05 9.56
N LYS A 85 20.21 38.56 10.68
CA LYS A 85 19.91 37.70 11.83
C LYS A 85 18.82 36.68 11.54
N ASN A 86 17.77 37.14 10.87
CA ASN A 86 16.71 36.25 10.45
C ASN A 86 15.92 36.95 9.35
N GLU A 87 14.84 36.29 8.89
CA GLU A 87 14.07 36.81 7.77
C GLU A 87 13.27 38.07 8.11
N LYS A 88 13.26 38.44 9.40
CA LYS A 88 12.54 39.64 9.85
C LYS A 88 13.51 40.74 10.25
N SER A 89 14.78 40.60 9.87
CA SER A 89 15.81 41.58 10.24
C SER A 89 16.42 42.28 9.04
N ASP A 90 16.94 43.48 9.25
CA ASP A 90 17.71 44.19 8.23
C ASP A 90 19.17 43.73 8.27
N PRO A 91 19.84 43.73 7.12
CA PRO A 91 21.27 43.40 7.10
C PRO A 91 22.11 44.30 8.03
N LYS A 92 23.18 43.76 8.57
CA LYS A 92 24.16 44.53 9.35
C LYS A 92 25.48 44.37 8.63
N VAL A 93 26.08 45.47 8.18
CA VAL A 93 27.36 45.43 7.48
C VAL A 93 28.51 45.34 8.46
N THR A 94 29.43 44.41 8.21
CA THR A 94 30.56 44.17 9.09
C THR A 94 31.90 44.47 8.41
N LEU A 95 31.86 44.73 7.11
CA LEU A 95 33.05 45.11 6.34
C LEU A 95 32.59 45.90 5.13
N LYS A 96 33.23 47.05 4.90
CA LYS A 96 32.96 47.80 3.66
C LYS A 96 34.27 48.42 3.26
N ASP A 97 34.79 48.04 2.10
CA ASP A 97 36.13 48.50 1.76
CA ASP A 97 36.13 48.39 1.64
C ASP A 97 36.14 49.60 0.70
N ASP A 98 34.97 50.11 0.35
CA ASP A 98 34.89 51.22 -0.61
C ASP A 98 33.73 52.12 -0.19
N ASP A 99 33.98 53.42 0.02
CA ASP A 99 32.93 54.30 0.55
C ASP A 99 31.90 54.69 -0.51
N ARG A 100 32.15 54.27 -1.75
CA ARG A 100 31.21 54.52 -2.85
C ARG A 100 30.14 53.44 -2.94
N ILE A 101 30.20 52.45 -2.05
CA ILE A 101 29.21 51.36 -2.01
CA ILE A 101 29.20 51.37 -2.03
C ILE A 101 28.18 51.57 -0.91
N THR A 102 26.89 51.42 -1.23
CA THR A 102 25.87 51.40 -0.18
C THR A 102 24.91 50.24 -0.42
N LEU A 103 24.38 49.66 0.66
CA LEU A 103 23.31 48.68 0.52
C LEU A 103 22.03 49.39 0.12
N VAL A 104 21.24 48.76 -0.73
CA VAL A 104 20.00 49.37 -1.24
C VAL A 104 18.94 49.49 -0.15
N GLY A 105 18.86 48.47 0.70
CA GLY A 105 17.83 48.43 1.72
C GLY A 105 16.64 47.61 1.24
N SER A 106 15.76 47.24 2.15
CA SER A 106 14.69 46.29 1.82
C SER A 106 13.29 46.91 1.88
N MET A 111 13.09 43.72 -0.09
CA MET A 111 12.83 42.29 -0.21
C MET A 111 13.83 41.47 0.59
N ASN A 112 14.13 40.27 0.11
CA ASN A 112 15.28 39.55 0.61
C ASN A 112 16.44 39.96 -0.29
N ASN A 113 16.89 41.17 0.01
CA ASN A 113 17.64 42.01 -0.89
C ASN A 113 18.96 42.44 -0.27
N ILE A 114 20.07 42.12 -0.94
CA ILE A 114 21.38 42.65 -0.53
C ILE A 114 22.04 43.27 -1.75
N SER A 115 21.25 43.99 -2.55
CA SER A 115 21.76 44.70 -3.70
C SER A 115 22.60 45.87 -3.22
N ILE A 116 23.57 46.27 -4.03
CA ILE A 116 24.43 47.40 -3.68
C ILE A 116 24.37 48.46 -4.76
N VAL A 117 24.59 49.71 -4.38
CA VAL A 117 24.76 50.75 -5.39
C VAL A 117 26.21 51.20 -5.33
N LEU A 118 26.88 51.24 -6.48
CA LEU A 118 28.24 51.74 -6.57
C LEU A 118 28.19 53.09 -7.29
N ARG A 119 28.60 54.17 -6.63
CA ARG A 119 28.51 55.50 -7.24
C ARG A 119 29.86 56.02 -7.71
N ASP A 120 29.84 57.15 -8.42
CA ASP A 120 31.08 57.76 -8.93
C ASP A 120 31.97 56.76 -9.67
N LEU A 121 31.39 56.06 -10.66
CA LEU A 121 32.09 55.01 -11.37
C LEU A 121 33.33 55.51 -12.10
N GLU A 122 34.37 54.69 -12.09
CA GLU A 122 35.60 54.95 -12.82
C GLU A 122 35.84 53.78 -13.77
N PHE A 123 36.70 53.97 -14.79
CA PHE A 123 36.92 52.85 -15.70
C PHE A 123 37.52 51.64 -15.01
N SER A 124 38.24 51.86 -13.92
CA SER A 124 38.88 50.77 -13.21
C SER A 124 37.85 49.92 -12.48
N ASP A 125 36.61 50.40 -12.44
CA ASP A 125 35.51 49.63 -11.85
C ASP A 125 35.00 48.52 -12.78
N THR A 126 35.40 48.58 -14.04
CA THR A 126 35.10 47.50 -14.96
C THR A 126 35.59 46.16 -14.43
N GLY A 127 34.73 45.16 -14.45
CA GLY A 127 35.12 43.85 -13.96
C GLY A 127 33.96 43.02 -13.48
N LYS A 128 34.28 41.96 -12.74
CA LYS A 128 33.30 40.96 -12.39
C LYS A 128 32.89 41.10 -10.93
N TYR A 129 31.57 41.26 -10.72
CA TYR A 129 31.03 41.45 -9.38
C TYR A 129 30.17 40.26 -9.04
N THR A 130 30.41 39.65 -7.87
CA THR A 130 29.68 38.44 -7.51
C THR A 130 29.17 38.49 -6.07
N CYS A 131 27.91 38.13 -5.87
CA CYS A 131 27.29 38.13 -4.54
C CYS A 131 27.28 36.69 -4.04
N HIS A 132 27.75 36.47 -2.81
CA HIS A 132 27.79 35.12 -2.23
C HIS A 132 27.00 35.11 -0.95
N VAL A 133 26.16 34.09 -0.78
CA VAL A 133 25.30 34.05 0.40
C VAL A 133 25.51 32.71 1.11
N LYS A 134 25.84 32.79 2.39
CA LYS A 134 26.15 31.58 3.16
C LYS A 134 25.16 31.37 4.30
N ASN A 135 24.66 30.14 4.40
CA ASN A 135 23.72 29.79 5.45
C ASN A 135 24.34 28.65 6.27
N PRO A 136 25.17 28.99 7.28
CA PRO A 136 25.94 28.03 8.08
C PRO A 136 25.07 26.91 8.66
N LYS A 137 23.88 27.27 9.14
CA LYS A 137 22.98 26.31 9.78
C LYS A 137 22.48 25.26 8.79
N GLU A 138 22.30 25.67 7.54
CA GLU A 138 21.88 24.74 6.51
C GLU A 138 23.07 24.19 5.71
N ASN A 139 24.28 24.47 6.19
CA ASN A 139 25.50 24.11 5.47
C ASN A 139 25.39 24.46 3.99
N ASN A 140 24.85 25.65 3.73
CA ASN A 140 24.51 26.04 2.37
C ASN A 140 25.30 27.27 1.97
N LEU A 141 25.76 27.27 0.74
CA LEU A 141 26.47 28.41 0.18
C LEU A 141 25.96 28.58 -1.25
N GLN A 142 25.45 29.77 -1.57
CA GLN A 142 24.97 30.04 -2.93
C GLN A 142 25.83 31.11 -3.57
N HIS A 143 26.28 30.87 -4.80
CA HIS A 143 26.98 31.90 -5.55
C HIS A 143 26.02 32.41 -6.61
N HIS A 144 25.70 33.70 -6.58
CA HIS A 144 24.80 34.24 -7.60
C HIS A 144 25.61 34.46 -8.87
N ALA A 145 24.92 34.59 -10.00
CA ALA A 145 25.60 34.74 -11.28
C ALA A 145 26.49 35.97 -11.26
N THR A 146 27.70 35.82 -11.78
CA THR A 146 28.63 36.95 -11.83
C THR A 146 28.12 38.02 -12.79
N ILE A 147 28.20 39.27 -12.36
CA ILE A 147 27.82 40.40 -13.21
C ILE A 147 29.08 41.02 -13.80
N PHE A 148 29.19 41.09 -15.12
CA PHE A 148 30.31 41.80 -15.70
C PHE A 148 29.89 43.24 -15.96
N LEU A 149 30.46 44.16 -15.19
CA LEU A 149 30.16 45.57 -15.34
C LEU A 149 31.19 46.18 -16.24
N GLN A 150 30.74 46.86 -17.29
CA GLN A 150 31.63 47.56 -18.20
C GLN A 150 31.36 49.04 -18.04
N VAL A 151 32.36 49.78 -17.58
CA VAL A 151 32.20 51.23 -17.46
C VAL A 151 32.70 51.86 -18.76
N VAL A 152 31.91 52.77 -19.31
CA VAL A 152 32.18 53.31 -20.66
C VAL A 152 32.27 54.83 -20.68
N ASP A 153 32.93 55.35 -21.70
CA ASP A 153 33.07 56.80 -21.90
C ASP A 153 31.94 57.30 -22.79
N PRO B 159 1.39 19.88 -58.33
CA PRO B 159 2.46 20.80 -57.94
C PRO B 159 2.33 21.30 -56.51
N LEU B 160 1.58 22.39 -56.33
CA LEU B 160 1.44 23.03 -55.02
C LEU B 160 0.73 22.12 -54.02
N ARG B 161 -0.47 21.65 -54.36
CA ARG B 161 -1.23 20.83 -53.42
C ARG B 161 -0.99 19.34 -53.65
N LYS B 162 -0.57 18.98 -54.86
CA LYS B 162 -0.32 17.59 -55.22
C LYS B 162 0.78 16.98 -54.36
N ILE B 163 1.91 17.67 -54.26
CA ILE B 163 3.04 17.17 -53.46
C ILE B 163 2.65 17.05 -52.00
N ALA B 164 1.90 18.04 -51.50
CA ALA B 164 1.52 18.09 -50.10
C ALA B 164 0.66 16.88 -49.70
N ILE B 165 -0.39 16.61 -50.48
CA ILE B 165 -1.34 15.57 -50.09
C ILE B 165 -0.73 14.19 -50.23
N LYS B 166 0.33 14.07 -51.03
CA LYS B 166 0.94 12.76 -51.25
C LYS B 166 1.82 12.33 -50.09
N ILE B 167 2.68 13.24 -49.61
CA ILE B 167 3.61 12.89 -48.54
C ILE B 167 2.86 12.57 -47.26
N LEU B 168 1.74 13.27 -47.04
CA LEU B 168 0.98 13.15 -45.79
C LEU B 168 0.54 11.72 -45.51
N VAL B 169 0.07 11.01 -46.53
CA VAL B 169 -0.56 9.71 -46.34
C VAL B 169 0.39 8.58 -46.64
N HIS B 170 1.69 8.85 -46.57
CA HIS B 170 2.71 7.83 -46.76
C HIS B 170 3.26 7.42 -45.40
N SER B 171 3.51 6.12 -45.23
CA SER B 171 3.92 5.59 -43.93
C SER B 171 5.29 6.13 -43.52
N LEU B 172 6.11 6.51 -44.48
CA LEU B 172 7.46 7.00 -44.17
C LEU B 172 7.41 8.26 -43.31
N PHE B 173 6.52 9.19 -43.64
CA PHE B 173 6.41 10.42 -42.86
C PHE B 173 5.90 10.14 -41.46
N SER B 174 4.93 9.23 -41.33
CA SER B 174 4.44 8.84 -40.02
C SER B 174 5.54 8.23 -39.17
N MET B 175 6.36 7.36 -39.77
CA MET B 175 7.47 6.76 -39.06
C MET B 175 8.49 7.80 -38.64
N LEU B 176 8.75 8.77 -39.51
CA LEU B 176 9.64 9.88 -39.16
C LEU B 176 9.13 10.61 -37.93
N ILE B 177 7.85 11.02 -37.95
CA ILE B 177 7.27 11.72 -36.82
C ILE B 177 7.34 10.87 -35.56
N MET B 178 7.13 9.56 -35.70
CA MET B 178 7.14 8.68 -34.54
C MET B 178 8.53 8.61 -33.92
N CYS B 179 9.57 8.47 -34.74
CA CYS B 179 10.92 8.43 -34.20
C CYS B 179 11.30 9.78 -33.58
N THR B 180 10.89 10.88 -34.18
CA THR B 180 11.15 12.20 -33.58
C THR B 180 10.47 12.32 -32.23
N ILE B 181 9.22 11.87 -32.14
CA ILE B 181 8.45 11.90 -30.90
C ILE B 181 9.20 11.11 -29.82
N LEU B 182 9.62 9.90 -30.17
CA LEU B 182 10.30 9.06 -29.18
C LEU B 182 11.63 9.65 -28.75
N THR B 183 12.38 10.22 -29.70
CA THR B 183 13.67 10.83 -29.33
C THR B 183 13.45 12.05 -28.45
N ASN B 184 12.40 12.83 -28.70
CA ASN B 184 12.12 13.96 -27.84
C ASN B 184 11.67 13.50 -26.45
N CYS B 185 10.95 12.38 -26.39
CA CYS B 185 10.60 11.77 -25.11
C CYS B 185 11.87 11.44 -24.34
N VAL B 186 12.86 10.86 -25.03
CA VAL B 186 14.12 10.52 -24.36
C VAL B 186 14.91 11.77 -23.99
N PHE B 187 14.73 12.86 -24.74
CA PHE B 187 15.42 14.12 -24.39
C PHE B 187 14.81 14.79 -23.17
N MET B 188 13.49 14.87 -23.10
CA MET B 188 12.85 15.57 -21.98
C MET B 188 13.11 14.85 -20.66
N THR B 189 13.63 13.63 -20.73
CA THR B 189 13.93 12.86 -19.52
C THR B 189 14.99 13.53 -18.66
N MET B 190 15.96 14.24 -19.26
CA MET B 190 17.04 14.85 -18.50
C MET B 190 16.53 15.88 -17.50
N SER B 191 17.35 16.18 -16.48
CA SER B 191 16.96 17.16 -15.47
C SER B 191 17.33 18.57 -15.88
N ASN B 192 18.61 18.78 -16.22
CA ASN B 192 19.08 20.09 -16.65
C ASN B 192 19.75 19.93 -18.00
N PRO B 193 18.96 20.01 -19.08
CA PRO B 193 19.51 19.78 -20.42
C PRO B 193 20.58 20.81 -20.76
N PRO B 194 21.73 20.37 -21.25
CA PRO B 194 22.82 21.30 -21.55
C PRO B 194 22.52 22.22 -22.74
N ASP B 195 23.53 23.02 -23.11
CA ASP B 195 23.36 24.07 -24.13
C ASP B 195 22.86 23.52 -25.47
N TRP B 196 23.57 22.51 -25.98
CA TRP B 196 23.29 21.96 -27.29
C TRP B 196 21.89 21.37 -27.36
N THR B 197 21.45 20.79 -26.24
CA THR B 197 20.10 20.25 -26.15
C THR B 197 19.11 21.32 -26.62
N LYS B 198 19.38 22.56 -26.26
CA LYS B 198 18.56 23.68 -26.70
C LYS B 198 18.29 23.60 -28.19
N ASN B 199 19.33 23.82 -28.99
CA ASN B 199 19.19 23.80 -30.44
C ASN B 199 18.54 22.49 -30.89
N VAL B 200 18.71 21.43 -30.11
CA VAL B 200 18.01 20.17 -30.40
C VAL B 200 16.51 20.41 -30.29
N GLU B 201 16.09 21.09 -29.22
CA GLU B 201 14.68 21.45 -29.05
C GLU B 201 14.23 22.38 -30.17
N TYR B 202 15.12 23.25 -30.64
CA TYR B 202 14.79 24.11 -31.77
C TYR B 202 14.48 23.28 -33.02
N THR B 203 15.33 22.29 -33.31
CA THR B 203 15.06 21.38 -34.43
C THR B 203 13.76 20.62 -34.23
N PHE B 204 13.48 20.22 -32.98
CA PHE B 204 12.22 19.52 -32.70
C PHE B 204 11.02 20.41 -33.00
N THR B 205 11.09 21.67 -32.57
CA THR B 205 10.01 22.62 -32.88
C THR B 205 9.88 22.82 -34.37
N GLY B 206 11.02 22.86 -35.09
CA GLY B 206 10.96 22.99 -36.53
C GLY B 206 10.31 21.78 -37.21
N ILE B 207 10.59 20.59 -36.69
CA ILE B 207 10.00 19.38 -37.26
C ILE B 207 8.49 19.37 -37.03
N TYR B 208 8.07 19.72 -35.81
CA TYR B 208 6.64 19.78 -35.53
C TYR B 208 5.97 20.87 -36.35
N THR B 209 6.66 21.98 -36.57
CA THR B 209 6.15 23.05 -37.41
C THR B 209 5.94 22.57 -38.84
N PHE B 210 6.93 21.85 -39.37
CA PHE B 210 6.81 21.34 -40.73
C PHE B 210 5.68 20.33 -40.84
N GLU B 211 5.51 19.50 -39.80
CA GLU B 211 4.40 18.57 -39.76
C GLU B 211 3.06 19.30 -39.84
N SER B 212 2.85 20.25 -38.93
CA SER B 212 1.60 21.00 -38.92
C SER B 212 1.43 21.79 -40.22
N LEU B 213 2.52 22.19 -40.84
CA LEU B 213 2.50 22.93 -42.09
C LEU B 213 1.98 22.04 -43.21
N ILE B 214 2.52 20.84 -43.31
CA ILE B 214 2.03 19.85 -44.26
C ILE B 214 0.54 19.64 -44.02
N LYS B 215 0.15 19.56 -42.75
CA LYS B 215 -1.25 19.26 -42.44
C LYS B 215 -2.17 20.40 -42.87
N ILE B 216 -1.77 21.64 -42.62
CA ILE B 216 -2.63 22.78 -42.99
C ILE B 216 -2.66 22.96 -44.50
N ILE B 217 -1.54 22.68 -45.18
CA ILE B 217 -1.50 22.80 -46.63
C ILE B 217 -2.34 21.69 -47.25
N ALA B 218 -2.47 20.58 -46.53
CA ALA B 218 -3.32 19.48 -46.97
C ALA B 218 -4.80 19.76 -46.78
N ARG B 219 -5.20 20.24 -45.61
CA ARG B 219 -6.61 20.44 -45.30
C ARG B 219 -7.06 21.89 -45.48
N GLY B 220 -6.17 22.80 -45.83
CA GLY B 220 -6.53 24.19 -46.01
C GLY B 220 -5.86 24.86 -47.20
N PHE B 221 -5.57 24.10 -48.25
CA PHE B 221 -4.87 24.63 -49.41
C PHE B 221 -5.73 25.65 -50.15
N CYS B 222 -5.05 26.57 -50.84
CA CYS B 222 -5.66 27.55 -51.72
C CYS B 222 -6.82 28.28 -51.05
N LEU B 223 -6.66 28.64 -49.78
CA LEU B 223 -7.61 29.50 -49.08
C LEU B 223 -9.02 28.88 -49.04
N GLU B 224 -9.20 27.78 -48.33
CA GLU B 224 -10.57 27.28 -48.17
C GLU B 224 -11.01 27.36 -46.72
N ASP B 225 -11.34 28.58 -46.28
CA ASP B 225 -12.25 28.93 -45.19
C ASP B 225 -11.79 28.50 -43.80
N PHE B 226 -10.86 27.55 -43.70
CA PHE B 226 -10.29 27.11 -42.43
C PHE B 226 -9.22 26.05 -42.67
N THR B 227 -8.74 25.45 -41.58
CA THR B 227 -7.74 24.38 -41.66
C THR B 227 -8.15 23.21 -40.78
N PHE B 228 -7.24 22.27 -40.57
CA PHE B 228 -7.61 20.99 -39.97
C PHE B 228 -8.09 21.16 -38.54
N LEU B 229 -9.41 21.10 -38.34
CA LEU B 229 -9.93 21.10 -36.97
C LEU B 229 -11.23 20.31 -36.86
N ARG B 230 -11.15 19.00 -36.62
CA ARG B 230 -12.24 18.29 -35.97
C ARG B 230 -11.67 17.26 -35.01
N ASP B 231 -10.44 16.83 -35.27
CA ASP B 231 -9.79 15.76 -34.54
C ASP B 231 -9.30 16.25 -33.19
N PRO B 232 -9.65 15.58 -32.09
CA PRO B 232 -9.24 16.05 -30.76
C PRO B 232 -7.73 16.06 -30.56
N TRP B 233 -7.02 15.18 -31.27
CA TRP B 233 -5.57 15.14 -31.17
C TRP B 233 -4.93 16.27 -31.96
N ASN B 234 -5.60 16.72 -33.01
CA ASN B 234 -5.13 17.91 -33.72
C ASN B 234 -5.23 19.14 -32.84
N TRP B 235 -6.22 19.19 -31.94
CA TRP B 235 -6.27 20.25 -30.94
C TRP B 235 -5.03 20.22 -30.07
N LEU B 236 -4.61 19.04 -29.64
CA LEU B 236 -3.41 18.92 -28.82
C LEU B 236 -2.18 19.38 -29.59
N ASP B 237 -2.04 18.93 -30.84
CA ASP B 237 -0.91 19.34 -31.65
C ASP B 237 -0.87 20.86 -31.82
N PHE B 238 -2.03 21.45 -32.10
CA PHE B 238 -2.12 22.90 -32.26
C PHE B 238 -1.75 23.61 -30.96
N THR B 239 -2.23 23.08 -29.83
CA THR B 239 -1.91 23.67 -28.54
C THR B 239 -0.42 23.67 -28.27
N VAL B 240 0.24 22.54 -28.52
CA VAL B 240 1.66 22.44 -28.20
C VAL B 240 2.48 23.33 -29.13
N ILE B 241 2.14 23.38 -30.42
CA ILE B 241 2.91 24.22 -31.33
C ILE B 241 2.67 25.70 -31.02
N THR B 242 1.44 26.05 -30.64
CA THR B 242 1.10 27.41 -30.25
C THR B 242 1.94 27.82 -29.06
N PHE B 243 1.89 27.03 -27.97
CA PHE B 243 2.69 27.33 -26.80
C PHE B 243 4.17 27.42 -27.13
N ALA B 244 4.65 26.56 -28.02
CA ALA B 244 6.05 26.55 -28.40
C ALA B 244 6.46 27.87 -29.04
N TYR B 245 5.67 28.33 -30.02
CA TYR B 245 6.00 29.56 -30.72
C TYR B 245 5.42 30.82 -30.08
N VAL B 246 4.81 30.66 -28.92
CA VAL B 246 4.38 31.78 -28.10
C VAL B 246 5.41 32.01 -27.00
N THR B 247 6.09 30.94 -26.63
CA THR B 247 7.16 31.01 -25.63
C THR B 247 8.44 31.51 -26.28
N GLU B 248 8.62 31.17 -27.55
CA GLU B 248 9.78 31.64 -28.29
C GLU B 248 9.87 33.15 -28.11
N PHE B 249 8.71 33.82 -28.17
CA PHE B 249 8.64 35.24 -27.91
C PHE B 249 9.35 35.47 -26.59
N VAL B 250 10.14 36.54 -26.52
CA VAL B 250 11.18 36.76 -25.52
C VAL B 250 10.75 36.38 -24.10
N ASP B 251 9.61 36.89 -23.66
CA ASP B 251 9.23 36.82 -22.25
C ASP B 251 7.84 36.21 -22.09
N LEU B 252 7.72 35.28 -21.12
CA LEU B 252 6.43 34.77 -20.68
C LEU B 252 6.42 34.55 -19.18
N GLY B 253 7.24 35.30 -18.44
CA GLY B 253 7.26 35.24 -17.00
C GLY B 253 8.65 35.35 -16.42
N ASN B 254 9.65 34.87 -17.17
CA ASN B 254 11.04 34.90 -16.73
C ASN B 254 11.36 33.78 -15.74
N VAL B 255 10.87 33.92 -14.52
CA VAL B 255 11.09 32.90 -13.51
C VAL B 255 10.76 31.51 -14.04
N SER B 256 9.71 31.44 -14.87
CA SER B 256 9.35 30.21 -15.54
C SER B 256 8.53 29.24 -14.70
N ALA B 257 7.25 29.09 -15.08
CA ALA B 257 6.36 28.08 -14.51
C ALA B 257 5.71 27.19 -15.56
N LEU B 258 5.76 27.55 -16.84
CA LEU B 258 5.13 26.85 -17.94
C LEU B 258 5.96 25.71 -18.52
N ARG B 259 7.08 25.35 -17.90
CA ARG B 259 7.96 24.33 -18.47
C ARG B 259 7.32 22.94 -18.46
N THR B 260 6.35 22.73 -17.57
CA THR B 260 5.68 21.44 -17.50
C THR B 260 4.80 21.20 -18.72
N PHE B 261 4.31 22.28 -19.33
CA PHE B 261 3.41 22.18 -20.49
C PHE B 261 4.08 21.50 -21.68
N ARG B 262 5.42 21.45 -21.69
CA ARG B 262 6.11 20.93 -22.86
C ARG B 262 5.95 19.41 -22.97
N VAL B 263 5.65 18.73 -21.86
CA VAL B 263 5.58 17.27 -21.87
C VAL B 263 4.34 16.82 -22.64
N LEU B 264 3.50 17.78 -23.03
CA LEU B 264 2.35 17.49 -23.88
C LEU B 264 2.75 16.97 -25.24
N ARG B 265 3.92 17.37 -25.75
CA ARG B 265 4.42 16.82 -27.00
C ARG B 265 4.74 15.33 -26.86
N ALA B 266 4.97 14.87 -25.64
CA ALA B 266 5.17 13.45 -25.38
C ALA B 266 3.85 12.69 -25.28
N LEU B 267 2.73 13.39 -25.22
CA LEU B 267 1.43 12.74 -25.28
C LEU B 267 1.00 12.49 -26.72
N LYS B 268 1.67 13.13 -27.68
CA LYS B 268 1.39 12.93 -29.10
C LYS B 268 1.68 11.49 -29.52
N THR B 269 2.35 10.72 -28.65
CA THR B 269 2.52 9.30 -28.89
C THR B 269 1.19 8.64 -29.26
N ILE B 270 0.20 8.77 -28.38
CA ILE B 270 -1.11 8.15 -28.56
C ILE B 270 -1.69 8.47 -29.93
N SER B 271 -1.15 9.49 -30.59
CA SER B 271 -1.70 9.90 -31.88
C SER B 271 -1.29 8.95 -32.99
N VAL B 272 0.00 8.72 -33.15
CA VAL B 272 0.54 7.98 -34.28
C VAL B 272 0.70 6.48 -34.05
N ILE B 273 1.18 6.09 -32.87
CA ILE B 273 1.27 4.68 -32.53
C ILE B 273 0.01 3.97 -33.01
N PRO B 274 0.06 3.34 -34.18
CA PRO B 274 -1.13 2.68 -34.71
C PRO B 274 -1.73 1.67 -33.74
N GLY B 275 -2.87 1.99 -33.14
CA GLY B 275 -3.55 1.06 -32.25
C GLY B 275 -3.66 1.49 -30.80
N LEU B 276 -3.58 2.79 -30.54
CA LEU B 276 -3.71 3.29 -29.18
C LEU B 276 -4.95 4.13 -28.93
N LYS B 277 -5.45 4.83 -29.95
CA LYS B 277 -6.68 5.61 -29.80
C LYS B 277 -7.84 4.74 -29.36
N THR B 278 -7.99 3.56 -29.95
CA THR B 278 -9.04 2.63 -29.53
C THR B 278 -8.86 2.23 -28.07
N ILE B 279 -7.63 2.01 -27.63
CA ILE B 279 -7.39 1.61 -26.25
C ILE B 279 -7.79 2.73 -25.28
N VAL B 280 -7.42 3.97 -25.58
CA VAL B 280 -7.80 5.06 -24.69
C VAL B 280 -9.32 5.26 -24.69
N GLY B 281 -9.93 5.26 -25.88
CA GLY B 281 -11.38 5.37 -25.96
C GLY B 281 -12.13 4.23 -25.30
N ALA B 282 -11.52 3.06 -25.18
CA ALA B 282 -12.11 1.93 -24.50
C ALA B 282 -11.85 1.95 -22.99
N LEU B 283 -10.75 2.57 -22.56
CA LEU B 283 -10.59 2.88 -21.15
C LEU B 283 -11.63 3.86 -20.65
N ILE B 284 -11.91 4.90 -21.42
CA ILE B 284 -12.94 5.86 -21.02
C ILE B 284 -14.31 5.19 -20.93
N GLN B 285 -14.61 4.28 -21.85
CA GLN B 285 -15.90 3.60 -21.81
C GLN B 285 -16.05 2.73 -20.57
N SER B 286 -14.94 2.15 -20.09
CA SER B 286 -14.97 1.42 -18.84
C SER B 286 -15.05 2.34 -17.63
N VAL B 287 -14.51 3.55 -17.73
CA VAL B 287 -14.61 4.49 -16.62
C VAL B 287 -16.00 5.08 -16.50
N LYS B 288 -16.76 5.08 -17.58
CA LYS B 288 -18.10 5.67 -17.52
C LYS B 288 -19.02 4.93 -16.55
N LYS B 289 -18.82 3.63 -16.39
CA LYS B 289 -19.76 2.82 -15.62
C LYS B 289 -19.71 3.10 -14.12
N LEU B 290 -18.67 3.77 -13.63
CA LEU B 290 -18.41 3.84 -12.19
C LEU B 290 -19.13 4.99 -11.49
N SER B 291 -20.11 5.60 -12.15
CA SER B 291 -20.78 6.79 -11.62
C SER B 291 -21.45 6.54 -10.27
N ASP B 292 -22.34 5.54 -10.23
CA ASP B 292 -23.11 5.28 -9.01
C ASP B 292 -22.20 4.83 -7.87
N VAL B 293 -21.18 4.04 -8.19
CA VAL B 293 -20.24 3.57 -7.18
C VAL B 293 -19.44 4.74 -6.62
N MET B 294 -19.10 5.70 -7.48
CA MET B 294 -18.41 6.89 -6.99
C MET B 294 -19.32 7.71 -6.07
N ILE B 295 -20.58 7.87 -6.45
CA ILE B 295 -21.54 8.58 -5.59
C ILE B 295 -21.63 7.89 -4.23
N LEU B 296 -21.74 6.56 -4.25
CA LEU B 296 -21.83 5.79 -3.03
C LEU B 296 -20.59 5.98 -2.16
N THR B 297 -19.41 5.87 -2.76
CA THR B 297 -18.19 5.92 -1.95
C THR B 297 -17.97 7.32 -1.38
N VAL B 298 -18.38 8.37 -2.11
CA VAL B 298 -18.24 9.69 -1.50
C VAL B 298 -19.28 9.92 -0.42
N PHE B 299 -20.50 9.39 -0.58
CA PHE B 299 -21.49 9.47 0.48
C PHE B 299 -21.00 8.79 1.75
N CYS B 300 -20.48 7.57 1.62
CA CYS B 300 -20.03 6.84 2.80
C CYS B 300 -18.79 7.49 3.42
N LEU B 301 -17.85 7.93 2.59
CA LEU B 301 -16.70 8.66 3.11
C LEU B 301 -17.14 9.88 3.90
N SER B 302 -18.13 10.62 3.38
CA SER B 302 -18.61 11.80 4.10
C SER B 302 -19.30 11.44 5.41
N VAL B 303 -20.16 10.42 5.40
CA VAL B 303 -20.86 10.02 6.62
C VAL B 303 -19.87 9.60 7.70
N PHE B 304 -18.96 8.70 7.34
CA PHE B 304 -17.98 8.25 8.33
C PHE B 304 -17.01 9.35 8.71
N ALA B 305 -16.78 10.33 7.82
CA ALA B 305 -15.92 11.45 8.16
C ALA B 305 -16.58 12.35 9.19
N LEU B 306 -17.89 12.55 9.06
CA LEU B 306 -18.65 13.26 10.09
C LEU B 306 -18.60 12.51 11.41
N ILE B 307 -18.71 11.18 11.36
CA ILE B 307 -18.66 10.38 12.59
C ILE B 307 -17.30 10.56 13.27
N GLY B 308 -16.23 10.39 12.52
CA GLY B 308 -14.90 10.56 13.09
C GLY B 308 -14.61 11.98 13.50
N LEU B 309 -15.27 12.95 12.87
CA LEU B 309 -15.16 14.35 13.23
C LEU B 309 -15.74 14.56 14.62
N GLN B 310 -16.99 14.17 14.81
CA GLN B 310 -17.65 14.36 16.09
C GLN B 310 -16.95 13.58 17.20
N LEU B 311 -16.51 12.37 16.90
CA LEU B 311 -15.91 11.53 17.94
C LEU B 311 -14.51 12.01 18.32
N PHE B 312 -13.64 12.18 17.33
CA PHE B 312 -12.22 12.44 17.56
C PHE B 312 -11.93 13.92 17.28
N MET B 313 -12.88 14.77 17.65
CA MET B 313 -12.75 16.21 17.48
C MET B 313 -11.53 16.68 18.27
N GLY B 314 -10.44 16.98 17.57
CA GLY B 314 -9.24 17.48 18.20
C GLY B 314 -8.47 16.48 19.02
N ASN B 315 -8.94 15.24 19.14
CA ASN B 315 -8.24 14.22 19.93
C ASN B 315 -6.83 13.98 19.42
N LEU B 316 -6.63 14.08 18.10
CA LEU B 316 -5.33 13.84 17.52
C LEU B 316 -4.30 14.89 17.89
N ARG B 317 -4.70 15.96 18.57
CA ARG B 317 -3.75 16.95 19.05
C ARG B 317 -3.26 16.68 20.46
N ASN B 318 -3.86 15.71 21.15
CA ASN B 318 -3.48 15.40 22.53
C ASN B 318 -2.00 15.08 22.63
N LYS B 319 -1.29 15.84 23.45
CA LYS B 319 0.14 15.67 23.64
C LYS B 319 0.43 15.37 25.11
N CYS B 320 1.71 15.34 25.46
CA CYS B 320 2.12 15.01 26.81
C CYS B 320 3.10 16.03 27.33
N ILE B 321 2.56 17.08 27.93
CA ILE B 321 3.30 18.25 28.39
C ILE B 321 3.89 17.99 29.77
N GLN B 322 5.10 18.50 29.99
CA GLN B 322 5.75 18.45 31.29
C GLN B 322 5.50 19.76 32.04
N TRP B 323 6.23 19.96 33.14
CA TRP B 323 5.98 21.08 34.06
C TRP B 323 7.14 22.07 34.02
N PRO B 324 6.96 23.28 34.57
CA PRO B 324 7.98 24.31 34.39
C PRO B 324 9.00 24.29 35.50
N PRO B 325 10.08 25.08 35.40
CA PRO B 325 11.05 25.17 36.49
C PRO B 325 10.52 25.99 37.67
N PHE B 355 -1.92 34.07 34.78
CA PHE B 355 -0.71 34.81 34.49
C PHE B 355 0.08 34.15 33.35
N ASP B 356 0.12 32.82 33.38
CA ASP B 356 0.84 32.04 32.37
C ASP B 356 -0.06 30.99 31.73
N TRP B 357 -0.21 31.04 30.41
CA TRP B 357 -0.80 29.95 29.64
C TRP B 357 -0.77 30.26 28.15
N LYS B 358 -1.12 29.28 27.32
CA LYS B 358 -1.28 29.43 25.88
C LYS B 358 0.06 29.75 25.21
N SER B 359 1.12 29.86 26.00
CA SER B 359 2.48 29.99 25.53
C SER B 359 3.39 28.91 26.10
N TYR B 360 3.01 28.30 27.21
CA TYR B 360 3.66 27.09 27.68
C TYR B 360 2.99 25.83 27.15
N ILE B 361 2.01 25.96 26.26
CA ILE B 361 1.56 24.79 25.53
C ILE B 361 1.78 25.07 24.06
N GLN B 362 3.05 24.95 23.67
CA GLN B 362 3.52 25.08 22.30
C GLN B 362 5.03 25.02 22.42
N ASP B 363 5.75 25.49 21.42
CA ASP B 363 7.21 25.50 21.50
C ASP B 363 7.76 24.08 21.37
N SER B 364 6.91 23.09 21.64
CA SER B 364 7.29 21.69 21.53
C SER B 364 8.70 21.38 22.02
N ARG B 365 9.02 21.89 23.20
CA ARG B 365 10.27 21.59 23.88
C ARG B 365 9.94 20.97 25.22
N TYR B 366 8.72 21.22 25.67
CA TYR B 366 8.16 20.67 26.90
C TYR B 366 7.33 19.42 26.65
N HIS B 367 7.34 18.91 25.43
CA HIS B 367 6.61 17.71 25.06
C HIS B 367 7.58 16.53 25.00
N TYR B 368 7.03 15.33 25.17
CA TYR B 368 7.83 14.12 25.26
C TYR B 368 8.06 13.53 23.88
N PHE B 369 9.34 13.32 23.53
CA PHE B 369 9.72 12.74 22.25
C PHE B 369 10.37 11.40 22.49
N LEU B 370 9.73 10.33 22.03
CA LEU B 370 10.12 8.96 22.33
C LEU B 370 11.33 8.56 21.48
N GLU B 371 12.49 9.13 21.81
CA GLU B 371 13.78 8.72 21.26
C GLU B 371 13.84 8.84 19.74
N GLY B 372 13.73 10.06 19.22
CA GLY B 372 13.87 10.28 17.80
C GLY B 372 12.69 9.80 16.98
N PHE B 373 11.53 10.41 17.17
CA PHE B 373 10.36 10.03 16.41
C PHE B 373 9.79 11.25 15.71
N LEU B 374 10.25 12.42 16.15
CA LEU B 374 9.81 13.70 15.63
C LEU B 374 8.32 13.68 15.31
N ASP B 375 7.51 13.60 16.36
CA ASP B 375 6.06 13.65 16.18
C ASP B 375 5.26 13.93 17.44
N ALA B 376 5.91 14.04 18.59
CA ALA B 376 5.16 14.49 19.76
C ALA B 376 4.23 13.41 20.32
N LEU B 377 4.78 12.36 20.91
CA LEU B 377 4.02 11.22 21.43
C LEU B 377 2.71 11.67 22.07
N LEU B 378 1.64 10.94 21.75
CA LEU B 378 0.30 11.28 22.19
C LEU B 378 0.02 10.72 23.58
N CYS B 379 -1.06 11.20 24.19
CA CYS B 379 -1.45 10.76 25.51
C CYS B 379 -2.96 10.63 25.58
N GLY B 380 -3.50 10.67 26.79
CA GLY B 380 -4.94 10.62 26.99
C GLY B 380 -5.29 10.58 28.46
N ASN B 381 -6.39 11.24 28.80
CA ASN B 381 -6.84 11.27 30.18
C ASN B 381 -7.49 9.95 30.57
N SER B 382 -8.33 9.40 29.69
CA SER B 382 -9.07 8.19 30.01
C SER B 382 -8.13 7.01 30.23
N SER B 383 -8.67 5.97 30.87
CA SER B 383 -7.96 4.70 31.04
C SER B 383 -8.34 3.79 29.89
N ASP B 384 -7.37 2.98 29.44
CA ASP B 384 -7.30 2.25 28.17
C ASP B 384 -6.90 3.19 27.05
N ALA B 385 -6.33 4.33 27.41
CA ALA B 385 -5.76 5.26 26.46
C ALA B 385 -4.26 5.36 26.70
N GLY B 386 -3.58 6.16 25.89
CA GLY B 386 -2.14 6.28 26.02
C GLY B 386 -1.74 6.90 27.34
N GLN B 387 -0.89 6.19 28.06
CA GLN B 387 -0.43 6.64 29.37
C GLN B 387 0.74 7.61 29.19
N CYS B 388 1.24 8.14 30.29
CA CYS B 388 2.30 9.13 30.21
C CYS B 388 3.29 8.96 31.35
N PRO B 389 4.55 9.31 31.10
CA PRO B 389 5.58 9.14 32.14
C PRO B 389 5.35 10.03 33.34
N GLU B 390 6.28 9.98 34.30
CA GLU B 390 6.16 10.72 35.55
C GLU B 390 6.27 12.22 35.28
N GLY B 391 5.24 12.97 35.70
CA GLY B 391 5.25 14.41 35.57
C GLY B 391 5.03 14.91 34.15
N TYR B 392 4.18 14.20 33.39
CA TYR B 392 3.87 14.58 32.02
C TYR B 392 2.34 14.49 31.85
N MET B 393 1.66 15.60 32.13
CA MET B 393 0.21 15.60 32.06
C MET B 393 -0.26 15.73 30.61
N CYS B 394 -1.52 15.40 30.39
CA CYS B 394 -2.13 15.37 29.06
C CYS B 394 -2.95 16.63 28.82
N VAL B 395 -2.44 17.51 27.95
CA VAL B 395 -3.15 18.72 27.56
C VAL B 395 -3.14 18.81 26.03
N LYS B 396 -4.31 19.07 25.46
CA LYS B 396 -4.48 19.16 24.01
C LYS B 396 -3.92 20.50 23.53
N ALA B 397 -2.72 20.48 22.97
CA ALA B 397 -2.10 21.73 22.50
C ALA B 397 -0.92 21.49 21.58
N GLY B 398 -1.07 21.92 20.33
CA GLY B 398 -0.04 21.75 19.33
C GLY B 398 -0.60 21.67 17.93
N ARG B 399 0.21 21.22 16.98
CA ARG B 399 -0.19 21.15 15.58
C ARG B 399 -1.05 19.93 15.28
N ASN B 400 -0.40 18.83 14.89
CA ASN B 400 -1.10 17.61 14.50
C ASN B 400 -0.07 16.52 14.25
N PRO B 401 -0.49 15.27 14.07
CA PRO B 401 0.47 14.21 13.74
C PRO B 401 0.99 14.28 12.31
N ASN B 402 2.26 13.94 12.15
CA ASN B 402 2.86 13.85 10.83
C ASN B 402 3.53 15.14 10.46
N TYR B 403 2.70 16.12 10.10
CA TYR B 403 3.20 17.44 9.74
C TYR B 403 2.11 18.45 10.02
N GLY B 404 1.00 18.01 10.60
CA GLY B 404 -0.14 18.90 10.59
C GLY B 404 -1.23 18.50 9.64
N TYR B 405 -1.06 17.41 8.88
CA TYR B 405 -2.01 16.99 7.86
C TYR B 405 -2.95 15.90 8.35
N THR B 406 -2.76 15.40 9.57
CA THR B 406 -3.54 14.28 10.10
C THR B 406 -4.36 14.79 11.28
N SER B 407 -5.68 14.81 11.11
CA SER B 407 -6.57 15.24 12.20
C SER B 407 -8.00 14.88 11.82
N PHE B 408 -8.86 14.89 12.84
CA PHE B 408 -10.28 14.58 12.66
C PHE B 408 -11.11 15.82 12.98
N ASP B 409 -10.60 16.98 12.58
CA ASP B 409 -11.34 18.24 12.74
C ASP B 409 -11.23 18.95 11.39
N THR B 410 -12.11 19.94 11.17
CA THR B 410 -12.14 20.62 9.88
C THR B 410 -12.42 19.62 8.77
N PHE B 411 -13.66 19.14 8.77
CA PHE B 411 -14.14 18.08 7.90
C PHE B 411 -13.09 17.64 6.91
N SER B 412 -12.75 18.52 6.00
CA SER B 412 -11.87 18.17 4.89
C SER B 412 -10.75 17.22 5.33
N TRP B 413 -10.10 17.50 6.46
CA TRP B 413 -9.04 16.61 6.92
C TRP B 413 -9.58 15.24 7.33
N ALA B 414 -10.79 15.18 7.89
CA ALA B 414 -11.38 13.89 8.19
C ALA B 414 -11.66 13.11 6.91
N PHE B 415 -12.04 13.81 5.84
CA PHE B 415 -12.21 13.15 4.55
C PHE B 415 -10.89 12.62 4.03
N LEU B 416 -9.81 13.40 4.16
CA LEU B 416 -8.49 12.90 3.75
C LEU B 416 -8.09 11.66 4.53
N SER B 417 -8.23 11.70 5.84
CA SER B 417 -7.87 10.56 6.68
C SER B 417 -8.73 9.33 6.43
N LEU B 418 -10.02 9.48 6.22
CA LEU B 418 -10.84 8.31 5.92
C LEU B 418 -10.69 7.82 4.49
N PHE B 419 -10.23 8.69 3.58
CA PHE B 419 -9.81 8.19 2.27
C PHE B 419 -8.55 7.35 2.38
N ARG B 420 -7.57 7.79 3.17
CA ARG B 420 -6.40 6.94 3.37
C ARG B 420 -6.76 5.65 4.09
N LEU B 421 -7.77 5.68 4.96
CA LEU B 421 -8.27 4.45 5.57
C LEU B 421 -8.99 3.55 4.57
N MET B 422 -9.62 4.14 3.55
CA MET B 422 -10.30 3.33 2.55
C MET B 422 -9.33 2.48 1.74
N THR B 423 -8.12 2.99 1.50
CA THR B 423 -7.13 2.28 0.70
C THR B 423 -6.12 1.52 1.54
N GLN B 424 -6.31 1.47 2.86
CA GLN B 424 -5.40 0.81 3.80
C GLN B 424 -3.94 1.15 3.48
N ASP B 425 -3.69 2.45 3.39
CA ASP B 425 -2.38 3.00 3.03
C ASP B 425 -1.77 3.56 4.31
N PHE B 426 -1.00 2.72 5.00
CA PHE B 426 -0.36 3.10 6.26
C PHE B 426 -1.43 3.35 7.31
N TRP B 427 -2.60 2.75 7.11
CA TRP B 427 -3.74 2.99 7.98
C TRP B 427 -3.47 2.58 9.42
N GLU B 428 -2.55 1.65 9.61
CA GLU B 428 -2.16 1.20 10.94
C GLU B 428 -1.67 2.35 11.79
N ASN B 429 -1.06 3.36 11.16
CA ASN B 429 -0.59 4.51 11.92
C ASN B 429 -1.74 5.35 12.45
N LEU B 430 -2.78 5.58 11.64
CA LEU B 430 -3.99 6.18 12.17
C LEU B 430 -4.58 5.35 13.30
N TYR B 431 -4.72 4.04 13.07
CA TYR B 431 -5.30 3.16 14.06
C TYR B 431 -4.57 3.28 15.40
N GLN B 432 -3.24 3.23 15.37
CA GLN B 432 -2.45 3.35 16.58
C GLN B 432 -2.53 4.74 17.21
N LEU B 433 -2.36 5.80 16.43
CA LEU B 433 -2.37 7.15 16.99
C LEU B 433 -3.75 7.51 17.54
N THR B 434 -4.79 6.88 17.02
CA THR B 434 -6.14 7.18 17.50
C THR B 434 -6.46 6.38 18.76
N LEU B 435 -6.16 5.08 18.76
CA LEU B 435 -6.37 4.32 19.99
C LEU B 435 -5.43 4.75 21.10
N ARG B 436 -4.33 5.44 20.79
CA ARG B 436 -3.44 5.92 21.83
C ARG B 436 -3.89 7.25 22.41
N ALA B 437 -4.87 7.92 21.78
CA ALA B 437 -5.36 9.18 22.28
C ALA B 437 -6.82 9.15 22.70
N ALA B 438 -7.66 8.38 22.00
CA ALA B 438 -9.07 8.30 22.34
C ALA B 438 -9.40 7.08 23.19
N GLY B 439 -8.50 6.13 23.31
CA GLY B 439 -8.75 4.95 24.10
C GLY B 439 -8.99 3.70 23.28
N LYS B 440 -8.49 2.56 23.77
CA LYS B 440 -8.60 1.30 23.05
C LYS B 440 -10.03 0.91 22.71
N THR B 441 -11.02 1.40 23.45
CA THR B 441 -12.40 1.00 23.22
C THR B 441 -12.95 1.53 21.90
N TYR B 442 -12.22 2.40 21.21
CA TYR B 442 -12.66 2.95 19.94
C TYR B 442 -12.19 2.14 18.75
N MET B 443 -11.51 1.02 18.98
CA MET B 443 -11.20 0.11 17.88
C MET B 443 -12.46 -0.45 17.24
N ILE B 444 -13.62 -0.32 17.87
CA ILE B 444 -14.87 -0.69 17.24
C ILE B 444 -15.10 0.17 16.01
N PHE B 445 -14.83 1.48 16.11
CA PHE B 445 -15.00 2.36 14.95
C PHE B 445 -14.04 1.97 13.83
N PHE B 446 -12.83 1.56 14.17
CA PHE B 446 -11.88 1.17 13.13
C PHE B 446 -12.25 -0.15 12.49
N VAL B 447 -12.70 -1.13 13.27
CA VAL B 447 -13.24 -2.35 12.68
C VAL B 447 -14.37 -2.02 11.72
N LEU B 448 -15.28 -1.13 12.14
CA LEU B 448 -16.40 -0.75 11.27
C LEU B 448 -15.91 -0.08 9.99
N VAL B 449 -15.07 0.93 10.12
CA VAL B 449 -14.58 1.65 8.97
C VAL B 449 -13.93 0.66 8.01
N ILE B 450 -12.97 -0.10 8.53
CA ILE B 450 -12.24 -1.04 7.68
C ILE B 450 -13.23 -1.94 6.94
N PHE B 451 -14.02 -2.70 7.68
CA PHE B 451 -14.90 -3.72 7.10
C PHE B 451 -15.93 -3.11 6.15
N LEU B 452 -16.33 -1.85 6.39
CA LEU B 452 -17.24 -1.20 5.47
C LEU B 452 -16.55 -0.60 4.26
N GLY B 453 -15.66 0.37 4.46
CA GLY B 453 -15.05 1.07 3.35
C GLY B 453 -13.97 0.28 2.65
N SER B 454 -12.92 -0.07 3.39
CA SER B 454 -11.75 -0.73 2.82
C SER B 454 -12.05 -2.06 2.14
N PHE B 455 -13.25 -2.59 2.38
CA PHE B 455 -13.63 -3.88 1.82
C PHE B 455 -14.76 -3.74 0.80
N TYR B 456 -15.89 -3.16 1.19
CA TYR B 456 -17.06 -3.16 0.33
C TYR B 456 -16.92 -2.18 -0.81
N LEU B 457 -16.36 -1.00 -0.55
CA LEU B 457 -16.15 -0.03 -1.62
C LEU B 457 -15.20 -0.57 -2.67
N ILE B 458 -14.09 -1.18 -2.25
CA ILE B 458 -13.16 -1.78 -3.20
C ILE B 458 -13.81 -2.94 -3.95
N ASN B 459 -14.59 -3.77 -3.26
CA ASN B 459 -15.26 -4.88 -3.93
C ASN B 459 -16.22 -4.37 -4.99
N LEU B 460 -16.98 -3.31 -4.67
CA LEU B 460 -17.93 -2.78 -5.63
C LEU B 460 -17.23 -2.12 -6.81
N ILE B 461 -16.16 -1.36 -6.56
CA ILE B 461 -15.39 -0.76 -7.64
C ILE B 461 -14.87 -1.83 -8.58
N LEU B 462 -14.25 -2.88 -8.02
CA LEU B 462 -13.72 -3.96 -8.83
C LEU B 462 -14.81 -4.71 -9.58
N ALA B 463 -15.95 -4.98 -8.94
CA ALA B 463 -17.02 -5.69 -9.61
C ALA B 463 -17.59 -4.89 -10.77
N VAL B 464 -17.74 -3.57 -10.62
CA VAL B 464 -18.26 -2.76 -11.71
C VAL B 464 -17.25 -2.64 -12.85
N VAL B 465 -15.97 -2.42 -12.55
CA VAL B 465 -14.96 -2.38 -13.60
C VAL B 465 -14.94 -3.71 -14.35
N ALA B 466 -14.96 -4.84 -13.62
CA ALA B 466 -14.96 -6.14 -14.26
C ALA B 466 -16.23 -6.38 -15.08
N MET B 467 -17.36 -5.93 -14.57
CA MET B 467 -18.63 -6.06 -15.28
C MET B 467 -18.58 -5.32 -16.61
N ALA B 468 -17.99 -4.12 -16.60
CA ALA B 468 -17.86 -3.35 -17.82
C ALA B 468 -16.90 -4.01 -18.79
N TYR B 469 -15.76 -4.47 -18.29
CA TYR B 469 -14.76 -5.13 -19.10
C TYR B 469 -15.32 -6.37 -19.79
N GLU B 470 -16.03 -7.18 -19.01
CA GLU B 470 -16.57 -8.45 -19.50
C GLU B 470 -17.51 -8.25 -20.68
N GLU B 471 -18.48 -7.36 -20.52
CA GLU B 471 -19.41 -7.05 -21.59
C GLU B 471 -18.71 -6.38 -22.77
N GLN B 472 -17.68 -5.59 -22.48
CA GLN B 472 -16.90 -5.00 -23.56
C GLN B 472 -16.35 -6.05 -24.51
N ASN B 473 -15.59 -7.01 -23.97
CA ASN B 473 -15.07 -8.09 -24.80
C ASN B 473 -16.17 -8.97 -25.39
N GLN B 474 -17.28 -9.17 -24.67
CA GLN B 474 -18.39 -9.89 -25.25
C GLN B 474 -18.93 -9.17 -26.50
N ALA B 475 -19.07 -7.85 -26.43
CA ALA B 475 -19.51 -7.09 -27.58
C ALA B 475 -18.50 -7.12 -28.72
N THR B 476 -17.20 -7.01 -28.42
CA THR B 476 -16.21 -7.11 -29.49
C THR B 476 -16.29 -8.47 -30.18
N LEU B 477 -16.39 -9.55 -29.40
CA LEU B 477 -16.56 -10.88 -29.99
C LEU B 477 -17.82 -10.95 -30.85
N GLU B 478 -18.94 -10.44 -30.35
CA GLU B 478 -20.19 -10.51 -31.09
C GLU B 478 -20.10 -9.74 -32.40
N GLU B 479 -19.46 -8.56 -32.37
CA GLU B 479 -19.32 -7.77 -33.59
C GLU B 479 -18.37 -8.46 -34.57
N ALA B 480 -17.34 -9.13 -34.05
CA ALA B 480 -16.46 -9.90 -34.93
C ALA B 480 -17.15 -11.15 -35.45
N GLU B 481 -18.28 -11.53 -34.84
CA GLU B 481 -18.96 -12.75 -35.26
C GLU B 481 -19.69 -12.56 -36.59
N GLN B 482 -20.38 -11.43 -36.75
CA GLN B 482 -21.07 -11.17 -38.02
C GLN B 482 -20.06 -10.93 -39.14
N ASP B 792 33.01 -34.02 -50.22
CA ASP B 792 33.04 -35.09 -49.24
C ASP B 792 32.56 -34.61 -47.88
N CYS B 793 32.40 -33.29 -47.74
CA CYS B 793 31.90 -32.71 -46.50
C CYS B 793 30.48 -33.17 -46.21
N SER B 794 29.54 -32.85 -47.10
CA SER B 794 28.13 -33.16 -46.88
C SER B 794 27.80 -34.65 -46.89
N PRO B 795 28.31 -35.48 -47.83
CA PRO B 795 27.98 -36.91 -47.78
C PRO B 795 28.43 -37.58 -46.49
N TYR B 796 29.69 -37.41 -46.12
CA TYR B 796 30.18 -37.98 -44.87
C TYR B 796 29.56 -37.33 -43.64
N TRP B 797 29.14 -36.07 -43.74
CA TRP B 797 28.44 -35.42 -42.63
C TRP B 797 27.08 -36.08 -42.41
N LEU B 798 26.35 -36.37 -43.50
CA LEU B 798 25.13 -37.15 -43.38
C LEU B 798 25.41 -38.55 -42.86
N LYS B 799 26.50 -39.16 -43.32
CA LYS B 799 26.85 -40.51 -42.89
C LYS B 799 27.11 -40.56 -41.38
N VAL B 800 27.77 -39.55 -40.84
CA VAL B 800 28.04 -39.53 -39.41
C VAL B 800 26.82 -39.11 -38.61
N LYS B 801 25.96 -38.25 -39.15
CA LYS B 801 24.74 -37.87 -38.43
C LYS B 801 23.72 -39.00 -38.44
N HIS B 802 23.87 -39.95 -39.37
CA HIS B 802 23.01 -41.12 -39.43
C HIS B 802 22.88 -41.82 -38.08
N VAL B 803 24.01 -42.20 -37.49
CA VAL B 803 23.98 -43.01 -36.27
C VAL B 803 23.53 -42.17 -35.08
N VAL B 804 23.98 -40.92 -35.01
CA VAL B 804 23.67 -40.09 -33.84
C VAL B 804 22.21 -39.68 -33.85
N ASN B 805 21.62 -39.53 -35.03
CA ASN B 805 20.18 -39.29 -35.12
C ASN B 805 19.42 -40.50 -34.58
N LEU B 806 19.83 -41.71 -34.97
CA LEU B 806 19.19 -42.90 -34.44
C LEU B 806 19.80 -43.27 -33.11
N VAL B 807 19.93 -42.30 -32.20
CA VAL B 807 20.24 -42.58 -30.81
C VAL B 807 19.24 -41.83 -29.93
N VAL B 808 19.18 -40.51 -30.08
CA VAL B 808 18.35 -39.68 -29.22
C VAL B 808 16.99 -39.42 -29.85
N MET B 809 16.10 -40.40 -29.83
CA MET B 809 14.67 -40.10 -29.87
C MET B 809 13.91 -41.11 -29.01
N ASP B 810 14.44 -42.33 -28.91
CA ASP B 810 13.73 -43.43 -28.27
C ASP B 810 13.92 -43.57 -26.75
N PRO B 811 15.12 -43.42 -26.18
CA PRO B 811 15.27 -43.74 -24.76
C PRO B 811 14.78 -42.60 -23.88
N PHE B 812 14.93 -42.79 -22.58
CA PHE B 812 14.67 -41.72 -21.63
C PHE B 812 15.83 -40.76 -21.48
N VAL B 813 16.33 -40.26 -22.62
CA VAL B 813 17.49 -39.37 -22.59
C VAL B 813 17.07 -37.92 -22.36
N ASP B 814 15.97 -37.48 -22.98
CA ASP B 814 15.43 -36.16 -22.70
C ASP B 814 14.60 -36.13 -21.44
N LEU B 815 14.53 -37.24 -20.72
CA LEU B 815 14.04 -37.28 -19.35
C LEU B 815 15.20 -37.18 -18.37
N ALA B 816 16.33 -37.84 -18.70
CA ALA B 816 17.57 -37.56 -18.01
C ALA B 816 17.92 -36.08 -18.08
N ILE B 817 17.59 -35.42 -19.19
CA ILE B 817 17.78 -33.98 -19.29
C ILE B 817 16.94 -33.27 -18.23
N THR B 818 15.71 -33.74 -18.07
CA THR B 818 14.78 -33.18 -17.08
C THR B 818 15.32 -33.33 -15.66
N ILE B 819 15.82 -34.51 -15.32
CA ILE B 819 16.31 -34.74 -13.96
C ILE B 819 17.61 -33.99 -13.73
N CYS B 820 18.38 -33.81 -14.79
CA CYS B 820 19.61 -33.03 -14.71
C CYS B 820 19.33 -31.54 -14.48
N ILE B 821 18.25 -31.05 -15.09
CA ILE B 821 17.82 -29.67 -14.85
C ILE B 821 17.37 -29.51 -13.40
N VAL B 822 16.54 -30.43 -12.93
CA VAL B 822 16.04 -30.39 -11.57
C VAL B 822 17.17 -30.50 -10.54
N LEU B 823 18.22 -31.27 -10.85
CA LEU B 823 19.34 -31.38 -9.92
C LEU B 823 20.25 -30.16 -9.97
N ASN B 824 20.41 -29.55 -11.14
CA ASN B 824 21.17 -28.30 -11.23
C ASN B 824 20.45 -27.20 -10.46
N THR B 825 19.11 -27.21 -10.50
CA THR B 825 18.33 -26.27 -9.70
C THR B 825 18.71 -26.39 -8.23
N LEU B 826 18.76 -27.61 -7.73
CA LEU B 826 19.10 -27.85 -6.33
C LEU B 826 20.56 -27.51 -6.00
N PHE B 827 21.45 -27.76 -6.95
CA PHE B 827 22.85 -27.44 -6.78
C PHE B 827 23.07 -25.93 -6.68
N MET B 828 22.35 -25.16 -7.49
CA MET B 828 22.49 -23.72 -7.43
C MET B 828 21.63 -23.13 -6.32
N ALA B 829 20.69 -23.91 -5.79
CA ALA B 829 19.91 -23.45 -4.63
C ALA B 829 20.56 -23.82 -3.31
N MET B 830 21.67 -24.54 -3.33
CA MET B 830 22.41 -24.79 -2.10
C MET B 830 23.43 -23.70 -1.82
N GLU B 831 23.47 -22.64 -2.60
CA GLU B 831 24.39 -21.54 -2.34
C GLU B 831 23.90 -20.72 -1.14
N HIS B 832 24.85 -20.19 -0.39
CA HIS B 832 24.55 -19.31 0.74
C HIS B 832 25.68 -18.30 0.86
N TYR B 833 25.85 -17.73 2.04
CA TYR B 833 26.93 -16.76 2.23
C TYR B 833 28.22 -17.45 2.67
N PRO B 834 28.30 -17.76 3.96
CA PRO B 834 29.54 -18.28 4.53
C PRO B 834 30.23 -19.29 3.61
N MET B 835 29.89 -20.57 3.77
CA MET B 835 30.44 -21.61 2.92
C MET B 835 31.92 -21.83 3.16
N THR B 836 32.34 -23.08 3.18
CA THR B 836 33.76 -23.42 3.30
C THR B 836 34.22 -24.05 1.99
N ASP B 837 35.34 -23.56 1.45
CA ASP B 837 35.78 -24.00 0.13
C ASP B 837 35.55 -25.48 -0.09
N HIS B 838 35.44 -26.27 0.97
CA HIS B 838 35.12 -27.68 0.83
C HIS B 838 33.69 -27.88 0.36
N PHE B 839 32.95 -26.78 0.26
CA PHE B 839 31.61 -26.75 -0.33
C PHE B 839 31.57 -25.98 -1.63
N ASN B 840 32.32 -24.88 -1.72
CA ASN B 840 32.41 -24.13 -2.97
C ASN B 840 33.06 -24.95 -4.07
N ASN B 841 33.97 -25.87 -3.71
CA ASN B 841 34.55 -26.78 -4.68
C ASN B 841 33.47 -27.66 -5.31
N VAL B 842 32.65 -28.29 -4.47
CA VAL B 842 31.54 -29.12 -4.96
C VAL B 842 30.62 -28.28 -5.83
N LEU B 843 30.34 -27.05 -5.39
CA LEU B 843 29.50 -26.13 -6.16
C LEU B 843 30.03 -25.90 -7.57
N THR B 844 31.26 -25.41 -7.68
CA THR B 844 31.80 -25.06 -8.99
C THR B 844 31.99 -26.31 -9.84
N VAL B 845 32.34 -27.45 -9.22
CA VAL B 845 32.55 -28.67 -9.98
C VAL B 845 31.23 -29.15 -10.56
N GLY B 846 30.17 -29.15 -9.75
CA GLY B 846 28.87 -29.56 -10.26
C GLY B 846 28.33 -28.59 -11.30
N ASN B 847 28.62 -27.29 -11.14
CA ASN B 847 28.20 -26.31 -12.13
C ASN B 847 28.89 -26.55 -13.46
N LEU B 848 30.21 -26.77 -13.43
CA LEU B 848 30.95 -27.07 -14.65
C LEU B 848 30.47 -28.38 -15.27
N VAL B 849 30.18 -29.39 -14.44
CA VAL B 849 29.72 -30.67 -14.96
C VAL B 849 28.37 -30.53 -15.64
N PHE B 850 27.47 -29.74 -15.05
CA PHE B 850 26.16 -29.54 -15.67
C PHE B 850 26.28 -28.75 -16.97
N THR B 851 27.02 -27.65 -16.95
CA THR B 851 27.30 -26.91 -18.19
C THR B 851 27.86 -27.84 -19.26
N GLY B 852 28.82 -28.68 -18.90
CA GLY B 852 29.41 -29.67 -19.79
C GLY B 852 28.44 -30.65 -20.41
N ILE B 853 27.68 -31.36 -19.57
CA ILE B 853 26.74 -32.34 -20.10
C ILE B 853 25.68 -31.67 -20.96
N PHE B 854 25.25 -30.47 -20.58
CA PHE B 854 24.23 -29.79 -21.36
C PHE B 854 24.75 -29.34 -22.71
N THR B 855 25.94 -28.73 -22.77
CA THR B 855 26.47 -28.31 -24.05
C THR B 855 26.86 -29.51 -24.90
N ALA B 856 27.26 -30.62 -24.28
CA ALA B 856 27.58 -31.82 -25.03
C ALA B 856 26.32 -32.40 -25.67
N GLU B 857 25.24 -32.52 -24.88
CA GLU B 857 23.97 -32.98 -25.43
C GLU B 857 23.49 -32.04 -26.53
N MET B 858 23.75 -30.74 -26.39
CA MET B 858 23.38 -29.78 -27.42
C MET B 858 24.14 -30.03 -28.71
N PHE B 859 25.48 -30.12 -28.62
CA PHE B 859 26.30 -30.28 -29.81
C PHE B 859 26.07 -31.64 -30.46
N LEU B 860 25.59 -32.62 -29.70
CA LEU B 860 25.25 -33.91 -30.30
C LEU B 860 23.87 -33.86 -30.97
N LYS B 861 22.86 -33.39 -30.24
CA LYS B 861 21.50 -33.37 -30.76
C LYS B 861 21.33 -32.38 -31.92
N ILE B 862 22.23 -31.39 -32.03
CA ILE B 862 22.06 -30.39 -33.07
C ILE B 862 22.24 -31.01 -34.44
N ILE B 863 23.18 -31.95 -34.59
CA ILE B 863 23.24 -32.69 -35.85
C ILE B 863 22.37 -33.92 -35.73
N ALA B 864 21.05 -33.72 -35.77
CA ALA B 864 20.10 -34.77 -36.10
C ALA B 864 18.92 -34.12 -36.81
N MET B 865 19.00 -32.80 -36.98
CA MET B 865 17.88 -32.02 -37.53
C MET B 865 18.33 -30.95 -38.51
N ASP B 866 19.62 -30.96 -38.83
CA ASP B 866 20.22 -29.97 -39.73
C ASP B 866 20.11 -28.57 -39.15
N PRO B 867 21.24 -27.93 -38.90
CA PRO B 867 21.22 -26.54 -38.46
C PRO B 867 20.31 -25.76 -39.40
N TYR B 868 19.67 -24.71 -38.89
CA TYR B 868 18.68 -24.00 -39.69
C TYR B 868 17.45 -24.86 -39.82
N TYR B 869 17.66 -26.17 -39.90
CA TYR B 869 16.57 -27.14 -39.91
C TYR B 869 16.34 -27.57 -38.47
N TYR B 870 16.95 -26.82 -37.55
CA TYR B 870 16.90 -27.11 -36.12
C TYR B 870 16.36 -25.91 -35.34
N PHE B 871 16.54 -24.71 -35.86
CA PHE B 871 16.08 -23.48 -35.21
C PHE B 871 14.65 -23.14 -35.61
N GLN B 872 13.71 -24.07 -35.41
CA GLN B 872 12.36 -23.86 -35.89
C GLN B 872 11.31 -24.15 -34.81
N GLU B 873 11.70 -24.87 -33.76
CA GLU B 873 10.73 -25.29 -32.75
C GLU B 873 10.45 -24.20 -31.72
N GLY B 874 11.35 -23.24 -31.57
CA GLY B 874 11.21 -22.24 -30.54
C GLY B 874 11.94 -22.62 -29.26
N TRP B 875 11.67 -23.82 -28.75
CA TRP B 875 12.37 -24.28 -27.56
C TRP B 875 13.85 -24.50 -27.84
N ASN B 876 14.17 -24.93 -29.06
CA ASN B 876 15.56 -25.20 -29.41
C ASN B 876 16.38 -23.92 -29.46
N ILE B 877 15.76 -22.85 -29.94
CA ILE B 877 16.39 -21.54 -29.96
C ILE B 877 16.78 -21.16 -28.54
N PHE B 878 15.82 -21.27 -27.63
CA PHE B 878 16.04 -20.89 -26.23
C PHE B 878 17.11 -21.74 -25.59
N ASP B 879 17.07 -23.05 -25.84
CA ASP B 879 18.11 -23.95 -25.35
C ASP B 879 19.48 -23.52 -25.85
N GLY B 880 19.57 -23.20 -27.13
CA GLY B 880 20.81 -22.74 -27.72
C GLY B 880 21.29 -21.45 -27.09
N PHE B 881 20.38 -20.49 -26.89
CA PHE B 881 20.72 -19.24 -26.24
C PHE B 881 21.34 -19.50 -24.86
N ILE B 882 20.69 -20.33 -24.06
CA ILE B 882 21.17 -20.66 -22.73
C ILE B 882 22.55 -21.29 -22.79
N VAL B 883 22.69 -22.31 -23.64
CA VAL B 883 23.96 -23.05 -23.71
C VAL B 883 25.09 -22.13 -24.17
N THR B 884 24.84 -21.32 -25.18
CA THR B 884 25.81 -20.36 -25.66
C THR B 884 26.23 -19.41 -24.53
N LEU B 885 25.26 -18.68 -23.96
CA LEU B 885 25.57 -17.71 -22.91
C LEU B 885 26.32 -18.36 -21.75
N SER B 886 25.99 -19.61 -21.45
CA SER B 886 26.67 -20.37 -20.41
C SER B 886 28.14 -20.58 -20.77
N LEU B 887 28.40 -20.98 -22.01
CA LEU B 887 29.77 -21.19 -22.46
C LEU B 887 30.54 -19.87 -22.52
N VAL B 888 29.87 -18.79 -22.88
CA VAL B 888 30.50 -17.47 -22.98
C VAL B 888 30.94 -16.98 -21.61
N GLU B 889 29.99 -16.90 -20.67
CA GLU B 889 30.30 -16.35 -19.36
C GLU B 889 31.34 -17.20 -18.63
N LEU B 890 31.52 -18.45 -19.07
CA LEU B 890 32.46 -19.38 -18.45
C LEU B 890 33.89 -18.83 -18.46
N GLY B 891 34.44 -18.59 -19.64
CA GLY B 891 35.82 -18.18 -19.76
C GLY B 891 36.03 -16.67 -19.81
N LEU B 892 35.34 -15.93 -18.95
CA LEU B 892 35.52 -14.47 -18.94
C LEU B 892 36.11 -14.01 -17.60
N ALA B 893 35.42 -14.31 -16.50
CA ALA B 893 35.94 -14.07 -15.14
C ALA B 893 36.41 -12.64 -14.93
N ASN B 894 35.69 -11.67 -15.47
CA ASN B 894 36.13 -10.28 -15.36
C ASN B 894 35.05 -9.33 -14.84
N VAL B 895 33.78 -9.64 -15.08
CA VAL B 895 32.67 -8.74 -14.75
C VAL B 895 32.67 -8.33 -13.29
N GLU B 896 32.73 -7.01 -13.08
CA GLU B 896 33.00 -6.49 -11.75
C GLU B 896 31.77 -6.78 -10.93
N GLY B 897 30.83 -5.84 -10.98
CA GLY B 897 29.55 -6.06 -10.40
C GLY B 897 28.65 -6.71 -11.43
N LEU B 898 29.16 -7.05 -12.61
CA LEU B 898 28.20 -7.58 -13.57
C LEU B 898 28.19 -9.10 -13.58
N SER B 899 28.28 -9.71 -12.39
CA SER B 899 28.25 -11.16 -12.25
C SER B 899 26.86 -11.74 -12.40
N VAL B 900 25.89 -10.96 -12.88
CA VAL B 900 24.53 -11.44 -13.10
C VAL B 900 24.51 -12.65 -14.02
N LEU B 901 25.46 -12.75 -14.95
CA LEU B 901 25.51 -13.87 -15.89
C LEU B 901 25.65 -15.22 -15.20
N ARG B 902 26.03 -15.26 -13.92
CA ARG B 902 25.99 -16.50 -13.18
C ARG B 902 24.56 -16.96 -12.95
N SER B 903 23.60 -16.06 -13.07
CA SER B 903 22.19 -16.39 -12.93
C SER B 903 21.48 -16.62 -14.25
N PHE B 904 22.18 -16.47 -15.38
CA PHE B 904 21.54 -16.69 -16.67
C PHE B 904 21.38 -18.18 -16.94
N ARG B 905 22.12 -19.00 -16.21
CA ARG B 905 21.96 -20.45 -16.30
C ARG B 905 20.71 -20.90 -15.55
N LEU B 906 20.09 -19.98 -14.81
CA LEU B 906 18.87 -20.30 -14.06
C LEU B 906 17.63 -20.36 -14.92
N LEU B 907 17.64 -19.78 -16.11
CA LEU B 907 16.46 -19.79 -16.98
C LEU B 907 16.14 -21.18 -17.52
N ARG B 908 17.12 -22.08 -17.59
CA ARG B 908 16.86 -23.41 -18.13
C ARG B 908 15.81 -24.18 -17.34
N VAL B 909 15.52 -23.79 -16.10
CA VAL B 909 14.42 -24.38 -15.36
C VAL B 909 13.11 -24.26 -16.11
N PHE B 910 12.99 -23.30 -17.02
CA PHE B 910 11.80 -23.17 -17.83
C PHE B 910 11.66 -24.29 -18.85
N LYS B 911 12.71 -25.08 -19.09
CA LYS B 911 12.58 -26.23 -19.98
C LYS B 911 11.60 -27.25 -19.46
N LEU B 912 11.30 -27.25 -18.15
CA LEU B 912 10.27 -28.12 -17.60
C LEU B 912 8.89 -27.81 -18.18
N ALA B 913 8.72 -26.68 -18.84
CA ALA B 913 7.42 -26.33 -19.43
C ALA B 913 6.95 -27.32 -20.47
N LYS B 914 7.84 -28.17 -20.99
CA LYS B 914 7.42 -29.18 -21.94
C LYS B 914 6.46 -30.19 -21.31
N SER B 915 6.79 -30.68 -20.13
CA SER B 915 5.92 -31.59 -19.42
C SER B 915 5.03 -30.89 -18.40
N TRP B 916 5.59 -29.98 -17.62
CA TRP B 916 4.82 -29.23 -16.63
C TRP B 916 3.85 -28.29 -17.33
N PRO B 917 2.54 -28.50 -17.21
CA PRO B 917 1.57 -27.68 -17.95
C PRO B 917 1.16 -26.36 -17.28
N THR B 918 1.26 -26.25 -15.96
CA THR B 918 0.91 -25.00 -15.30
C THR B 918 1.99 -23.94 -15.44
N LEU B 919 3.26 -24.33 -15.34
CA LEU B 919 4.34 -23.43 -15.74
C LEU B 919 4.19 -23.01 -17.19
N ASN B 920 3.64 -23.88 -18.05
CA ASN B 920 3.36 -23.49 -19.42
C ASN B 920 2.27 -22.43 -19.48
N MET B 921 1.27 -22.54 -18.61
CA MET B 921 0.23 -21.53 -18.53
C MET B 921 0.81 -20.19 -18.10
N LEU B 922 1.72 -20.22 -17.13
CA LEU B 922 2.37 -19.01 -16.65
C LEU B 922 3.21 -18.36 -17.76
N ILE B 923 3.95 -19.17 -18.51
CA ILE B 923 4.71 -18.63 -19.64
C ILE B 923 3.76 -18.07 -20.69
N LYS B 924 2.65 -18.75 -20.95
CA LYS B 924 1.64 -18.24 -21.87
C LYS B 924 1.20 -16.84 -21.48
N ILE B 925 0.90 -16.64 -20.20
CA ILE B 925 0.41 -15.32 -19.76
C ILE B 925 1.53 -14.28 -19.82
N ILE B 926 2.73 -14.63 -19.36
CA ILE B 926 3.82 -13.67 -19.35
C ILE B 926 4.25 -13.31 -20.76
N GLY B 927 3.90 -14.14 -21.75
CA GLY B 927 4.15 -13.79 -23.13
C GLY B 927 3.00 -13.07 -23.80
N ASN B 928 1.76 -13.39 -23.43
CA ASN B 928 0.61 -12.61 -23.86
C ASN B 928 0.72 -11.17 -23.37
N SER B 929 1.40 -10.96 -22.24
CA SER B 929 1.65 -9.60 -21.75
C SER B 929 2.23 -8.71 -22.84
N VAL B 930 3.21 -9.20 -23.60
CA VAL B 930 3.82 -8.42 -24.67
C VAL B 930 3.26 -8.80 -26.04
N GLY B 931 2.23 -9.64 -26.09
CA GLY B 931 1.66 -10.05 -27.35
C GLY B 931 0.35 -9.36 -27.65
N ALA B 932 -0.76 -10.10 -27.53
CA ALA B 932 -2.08 -9.52 -27.79
C ALA B 932 -2.37 -8.33 -26.88
N LEU B 933 -1.67 -8.25 -25.74
CA LEU B 933 -1.82 -7.13 -24.82
C LEU B 933 -0.57 -6.26 -24.78
N GLY B 934 0.17 -6.20 -25.89
CA GLY B 934 1.36 -5.38 -25.94
C GLY B 934 1.05 -3.90 -26.06
N ASN B 935 0.04 -3.54 -26.83
CA ASN B 935 -0.34 -2.13 -26.95
C ASN B 935 -0.93 -1.56 -25.68
N LEU B 936 -1.64 -2.38 -24.89
CA LEU B 936 -2.21 -1.88 -23.65
C LEU B 936 -1.14 -1.65 -22.59
N THR B 937 -0.18 -2.58 -22.45
CA THR B 937 0.95 -2.31 -21.58
C THR B 937 1.84 -1.20 -22.12
N LEU B 938 1.85 -0.97 -23.44
CA LEU B 938 2.54 0.20 -23.97
C LEU B 938 1.85 1.49 -23.54
N VAL B 939 0.52 1.50 -23.57
CA VAL B 939 -0.23 2.63 -23.01
C VAL B 939 0.13 2.85 -21.55
N LEU B 940 0.19 1.76 -20.77
CA LEU B 940 0.54 1.88 -19.36
C LEU B 940 1.95 2.44 -19.17
N ALA B 941 2.91 2.00 -19.99
CA ALA B 941 4.27 2.52 -19.88
C ALA B 941 4.31 4.00 -20.27
N ILE B 942 3.57 4.36 -21.30
CA ILE B 942 3.51 5.77 -21.68
C ILE B 942 3.00 6.58 -20.50
N ILE B 943 1.91 6.11 -19.89
CA ILE B 943 1.31 6.87 -18.79
C ILE B 943 2.28 7.01 -17.64
N VAL B 944 2.98 5.92 -17.29
CA VAL B 944 3.97 6.00 -16.22
C VAL B 944 5.05 7.01 -16.57
N PHE B 945 5.48 7.03 -17.84
CA PHE B 945 6.50 7.99 -18.26
C PHE B 945 5.97 9.42 -18.18
N ILE B 946 4.76 9.66 -18.68
CA ILE B 946 4.16 10.98 -18.61
C ILE B 946 4.09 11.47 -17.18
N PHE B 947 3.62 10.61 -16.26
CA PHE B 947 3.51 11.03 -14.87
C PHE B 947 4.87 11.26 -14.24
N ALA B 948 5.84 10.40 -14.56
CA ALA B 948 7.17 10.54 -13.97
C ALA B 948 7.88 11.79 -14.44
N VAL B 949 7.54 12.30 -15.63
CA VAL B 949 8.15 13.56 -16.06
C VAL B 949 7.31 14.75 -15.61
N VAL B 950 5.98 14.57 -15.51
CA VAL B 950 5.13 15.66 -15.03
C VAL B 950 5.48 16.01 -13.59
N GLY B 951 5.55 15.00 -12.73
CA GLY B 951 5.96 15.25 -11.36
C GLY B 951 7.37 15.80 -11.24
N MET B 952 8.26 15.42 -12.15
CA MET B 952 9.64 15.87 -12.13
C MET B 952 9.79 17.31 -12.60
N GLN B 953 8.92 17.76 -13.50
CA GLN B 953 8.94 19.16 -13.93
C GLN B 953 8.20 20.07 -12.97
N LEU B 954 7.01 19.66 -12.53
CA LEU B 954 6.23 20.46 -11.59
C LEU B 954 6.98 20.66 -10.27
N PHE B 955 7.29 19.55 -9.58
CA PHE B 955 7.83 19.61 -8.24
C PHE B 955 9.33 19.40 -8.17
N GLY B 956 10.02 19.28 -9.30
CA GLY B 956 11.41 18.88 -9.27
C GLY B 956 12.34 19.87 -8.58
N LYS B 957 12.23 21.15 -8.93
CA LYS B 957 13.12 22.14 -8.32
C LYS B 957 12.80 22.38 -6.85
N SER B 958 11.54 22.20 -6.45
CA SER B 958 11.14 22.37 -5.07
C SER B 958 11.81 21.39 -4.13
N TYR B 959 11.90 20.10 -4.50
CA TYR B 959 12.54 19.11 -3.65
C TYR B 959 13.97 19.50 -3.30
N LYS B 960 14.59 20.40 -4.07
CA LYS B 960 15.97 20.78 -3.78
C LYS B 960 16.03 22.19 -3.19
N ASP B 961 15.06 23.04 -3.54
CA ASP B 961 15.04 24.41 -3.05
C ASP B 961 14.54 24.55 -1.62
N CYS B 962 13.84 23.52 -1.13
CA CYS B 962 13.33 23.53 0.24
C CYS B 962 13.54 22.15 0.88
N VAL B 963 14.75 21.62 0.74
CA VAL B 963 15.10 20.34 1.37
C VAL B 963 14.95 20.37 2.88
N CYS B 964 15.45 21.40 3.56
CA CYS B 964 15.50 21.45 5.00
C CYS B 964 14.12 21.42 5.65
N LYS B 965 13.05 21.50 4.87
CA LYS B 965 11.71 21.38 5.43
C LYS B 965 11.29 19.92 5.60
N ILE B 966 11.80 19.01 4.78
CA ILE B 966 11.58 17.59 5.00
C ILE B 966 12.93 16.89 5.00
N ALA B 967 13.59 16.88 6.16
CA ALA B 967 14.96 16.39 6.27
C ALA B 967 15.46 16.49 7.71
N SER B 968 16.67 15.99 7.95
CA SER B 968 17.37 16.22 9.20
C SER B 968 18.75 16.82 8.98
N ASP B 969 19.43 16.41 7.91
CA ASP B 969 20.75 16.92 7.54
C ASP B 969 20.68 17.73 6.26
N CYS B 970 19.48 18.20 5.92
CA CYS B 970 19.24 19.02 4.72
C CYS B 970 19.76 18.32 3.46
N GLN B 971 19.39 17.06 3.31
CA GLN B 971 19.71 16.28 2.13
C GLN B 971 18.44 15.59 1.64
N LEU B 972 18.42 15.29 0.33
CA LEU B 972 17.25 14.73 -0.29
C LEU B 972 16.83 13.43 0.41
N PRO B 973 15.54 13.23 0.60
CA PRO B 973 15.07 11.98 1.22
C PRO B 973 15.25 10.79 0.31
N ARG B 974 14.83 9.60 0.77
CA ARG B 974 15.01 8.40 -0.03
C ARG B 974 14.16 8.43 -1.29
N TRP B 975 12.96 9.01 -1.23
CA TRP B 975 12.08 9.10 -2.37
C TRP B 975 11.82 10.58 -2.65
N HIS B 976 12.04 10.99 -3.90
CA HIS B 976 11.83 12.37 -4.31
C HIS B 976 11.61 12.38 -5.82
N MET B 977 11.58 13.57 -6.41
CA MET B 977 11.32 13.74 -7.83
C MET B 977 12.32 14.69 -8.46
N ASN B 978 13.55 14.73 -7.94
CA ASN B 978 14.55 15.62 -8.51
C ASN B 978 14.95 15.18 -9.92
N ASP B 979 15.21 13.90 -10.10
CA ASP B 979 15.58 13.33 -11.39
C ASP B 979 14.55 12.29 -11.82
N PHE B 980 14.71 11.79 -13.04
CA PHE B 980 13.66 10.95 -13.64
C PHE B 980 13.55 9.59 -12.97
N PHE B 981 14.67 9.01 -12.53
CA PHE B 981 14.60 7.66 -11.95
C PHE B 981 13.78 7.64 -10.66
N HIS B 982 14.12 8.51 -9.71
CA HIS B 982 13.37 8.54 -8.46
C HIS B 982 11.93 8.97 -8.68
N SER B 983 11.69 9.88 -9.62
CA SER B 983 10.33 10.26 -9.97
C SER B 983 9.54 9.10 -10.57
N PHE B 984 10.20 8.18 -11.26
CA PHE B 984 9.52 6.98 -11.74
C PHE B 984 9.28 6.00 -10.61
N LEU B 985 10.25 5.89 -9.70
CA LEU B 985 10.09 5.01 -8.55
C LEU B 985 8.92 5.44 -7.67
N ILE B 986 8.69 6.75 -7.54
CA ILE B 986 7.55 7.20 -6.74
C ILE B 986 6.24 6.87 -7.44
N VAL B 987 6.17 7.04 -8.76
CA VAL B 987 4.96 6.64 -9.47
C VAL B 987 4.71 5.15 -9.33
N PHE B 988 5.78 4.35 -9.36
CA PHE B 988 5.62 2.91 -9.17
C PHE B 988 5.12 2.59 -7.76
N ARG B 989 5.72 3.21 -6.75
CA ARG B 989 5.24 3.04 -5.38
C ARG B 989 3.77 3.39 -5.26
N VAL B 990 3.36 4.53 -5.82
CA VAL B 990 1.95 4.93 -5.77
C VAL B 990 1.08 3.92 -6.49
N LEU B 991 1.60 3.31 -7.56
CA LEU B 991 0.87 2.23 -8.21
C LEU B 991 0.81 0.99 -7.35
N CYS B 992 1.73 0.84 -6.39
CA CYS B 992 1.71 -0.27 -5.45
C CYS B 992 0.78 -0.02 -4.27
N GLY B 993 0.40 1.24 -4.02
CA GLY B 993 -0.53 1.59 -2.98
C GLY B 993 0.03 2.48 -1.88
N GLU B 994 1.33 2.77 -1.89
CA GLU B 994 1.97 3.56 -0.84
C GLU B 994 2.08 5.02 -1.29
N TRP B 995 0.94 5.71 -1.31
CA TRP B 995 0.86 7.03 -1.92
C TRP B 995 0.78 8.18 -0.91
N ILE B 996 0.85 7.92 0.40
CA ILE B 996 0.58 8.99 1.35
C ILE B 996 1.87 9.47 2.01
N GLU B 997 2.78 8.55 2.36
CA GLU B 997 4.00 8.94 3.04
C GLU B 997 4.84 9.89 2.20
N THR B 998 4.73 9.78 0.88
CA THR B 998 5.41 10.71 -0.01
C THR B 998 4.52 11.90 -0.36
N MET B 999 3.20 11.76 -0.28
CA MET B 999 2.32 12.89 -0.49
C MET B 999 2.50 13.95 0.59
N TRP B 1000 2.75 13.54 1.83
CA TRP B 1000 3.08 14.52 2.87
C TRP B 1000 4.32 15.32 2.50
N ASP B 1001 5.37 14.65 2.04
CA ASP B 1001 6.60 15.34 1.65
C ASP B 1001 6.45 16.16 0.39
N CYS B 1002 5.49 15.81 -0.46
CA CYS B 1002 5.17 16.64 -1.61
C CYS B 1002 4.48 17.93 -1.16
N MET B 1003 3.43 17.79 -0.36
CA MET B 1003 2.66 18.96 0.06
C MET B 1003 3.50 19.90 0.92
N GLU B 1004 4.39 19.35 1.73
CA GLU B 1004 5.22 20.20 2.59
C GLU B 1004 6.18 21.08 1.80
N VAL B 1005 6.53 20.70 0.58
CA VAL B 1005 7.54 21.44 -0.18
C VAL B 1005 6.98 22.12 -1.43
N ALA B 1006 5.80 21.75 -1.90
CA ALA B 1006 5.29 22.31 -3.15
C ALA B 1006 3.81 22.67 -3.11
N GLY B 1007 3.27 23.02 -1.95
CA GLY B 1007 1.89 23.49 -1.92
C GLY B 1007 0.88 22.35 -1.91
N GLN B 1008 -0.16 22.52 -1.11
CA GLN B 1008 -1.14 21.46 -0.90
C GLN B 1008 -1.96 21.16 -2.15
N ALA B 1009 -2.50 22.19 -2.81
CA ALA B 1009 -3.38 21.97 -3.95
C ALA B 1009 -2.68 21.25 -5.08
N MET B 1010 -1.46 21.69 -5.42
CA MET B 1010 -0.74 21.15 -6.56
C MET B 1010 -0.35 19.69 -6.36
N CYS B 1011 0.10 19.30 -5.17
CA CYS B 1011 0.40 17.90 -4.90
C CYS B 1011 -0.84 17.05 -4.74
N LEU B 1012 -1.89 17.56 -4.08
CA LEU B 1012 -3.14 16.80 -4.01
C LEU B 1012 -3.66 16.45 -5.39
N THR B 1013 -3.74 17.44 -6.29
CA THR B 1013 -4.31 17.17 -7.61
C THR B 1013 -3.48 16.15 -8.37
N VAL B 1014 -2.16 16.35 -8.40
CA VAL B 1014 -1.29 15.44 -9.14
C VAL B 1014 -1.34 14.03 -8.58
N PHE B 1015 -1.22 13.88 -7.26
CA PHE B 1015 -1.20 12.56 -6.67
C PHE B 1015 -2.54 11.85 -6.77
N MET B 1016 -3.65 12.56 -6.62
CA MET B 1016 -4.95 11.93 -6.82
C MET B 1016 -5.14 11.50 -8.27
N MET B 1017 -4.79 12.36 -9.22
CA MET B 1017 -4.88 11.99 -10.62
C MET B 1017 -4.01 10.77 -10.91
N VAL B 1018 -2.81 10.72 -10.33
CA VAL B 1018 -1.93 9.57 -10.52
C VAL B 1018 -2.56 8.31 -9.96
N MET B 1019 -2.93 8.31 -8.68
CA MET B 1019 -3.44 7.10 -8.05
C MET B 1019 -4.84 6.74 -8.52
N VAL B 1020 -5.47 7.56 -9.34
CA VAL B 1020 -6.71 7.16 -9.99
C VAL B 1020 -6.45 6.60 -11.37
N ILE B 1021 -5.80 7.38 -12.24
CA ILE B 1021 -5.57 6.96 -13.61
C ILE B 1021 -4.69 5.72 -13.65
N GLY B 1022 -3.56 5.73 -12.93
CA GLY B 1022 -2.64 4.62 -13.00
C GLY B 1022 -3.23 3.34 -12.45
N ASN B 1023 -3.90 3.41 -11.29
CA ASN B 1023 -4.56 2.23 -10.77
C ASN B 1023 -5.69 1.75 -11.68
N LEU B 1024 -6.38 2.65 -12.36
CA LEU B 1024 -7.41 2.21 -13.29
C LEU B 1024 -6.79 1.47 -14.48
N VAL B 1025 -5.68 1.98 -15.01
CA VAL B 1025 -5.01 1.30 -16.12
C VAL B 1025 -4.44 -0.04 -15.67
N VAL B 1026 -3.87 -0.09 -14.46
CA VAL B 1026 -3.31 -1.35 -13.96
C VAL B 1026 -4.41 -2.38 -13.77
N LEU B 1027 -5.56 -1.97 -13.23
CA LEU B 1027 -6.67 -2.90 -13.06
C LEU B 1027 -7.22 -3.35 -14.41
N ASN B 1028 -7.27 -2.44 -15.40
CA ASN B 1028 -7.71 -2.83 -16.72
C ASN B 1028 -6.76 -3.83 -17.37
N LEU B 1029 -5.45 -3.63 -17.20
CA LEU B 1029 -4.47 -4.59 -17.71
C LEU B 1029 -4.60 -5.95 -17.02
N PHE B 1030 -4.74 -5.94 -15.69
CA PHE B 1030 -4.97 -7.18 -14.96
C PHE B 1030 -6.18 -7.93 -15.51
N LEU B 1031 -7.33 -7.25 -15.58
CA LEU B 1031 -8.53 -7.90 -16.09
C LEU B 1031 -8.40 -8.30 -17.55
N ALA B 1032 -7.60 -7.57 -18.33
CA ALA B 1032 -7.41 -7.93 -19.73
C ALA B 1032 -6.61 -9.22 -19.88
N LEU B 1033 -5.54 -9.35 -19.10
CA LEU B 1033 -4.81 -10.62 -19.09
C LEU B 1033 -5.67 -11.74 -18.54
N LEU B 1034 -6.51 -11.46 -17.55
CA LEU B 1034 -7.30 -12.49 -16.91
C LEU B 1034 -8.40 -13.02 -17.83
N LEU B 1035 -9.30 -12.14 -18.28
CA LEU B 1035 -10.48 -12.57 -19.00
C LEU B 1035 -10.21 -12.92 -20.46
N SER B 1036 -8.94 -13.09 -20.84
CA SER B 1036 -8.61 -13.59 -22.16
C SER B 1036 -7.79 -14.87 -22.13
N SER B 1037 -7.22 -15.21 -20.96
CA SER B 1037 -6.40 -16.41 -20.85
C SER B 1037 -7.26 -17.67 -20.76
N PHE B 1038 -8.26 -17.66 -19.88
CA PHE B 1038 -9.12 -18.83 -19.68
C PHE B 1038 -10.48 -18.66 -20.33
N SER B 1039 -10.57 -17.83 -21.37
CA SER B 1039 -11.83 -17.60 -22.06
C SER B 1039 -12.26 -18.85 -22.83
N GLY B 1244 -25.94 -60.84 23.42
CA GLY B 1244 -25.78 -59.92 24.53
C GLY B 1244 -27.10 -59.40 25.06
N LYS B 1245 -27.59 -60.02 26.14
CA LYS B 1245 -28.85 -59.57 26.74
C LYS B 1245 -28.72 -58.17 27.32
N GLN B 1246 -27.55 -57.83 27.83
CA GLN B 1246 -27.31 -56.49 28.38
C GLN B 1246 -26.24 -55.71 27.63
N TRP B 1247 -25.27 -56.39 27.00
CA TRP B 1247 -24.24 -55.68 26.27
C TRP B 1247 -24.83 -54.85 25.14
N TRP B 1248 -25.73 -55.45 24.36
CA TRP B 1248 -26.46 -54.69 23.35
C TRP B 1248 -27.48 -53.74 23.97
N ASN B 1249 -27.97 -54.05 25.18
CA ASN B 1249 -28.93 -53.19 25.86
C ASN B 1249 -28.31 -51.91 26.40
N LEU B 1250 -27.05 -51.93 26.78
CA LEU B 1250 -26.38 -50.71 27.24
C LEU B 1250 -25.90 -49.84 26.09
N ARG B 1251 -25.55 -50.46 24.95
CA ARG B 1251 -25.25 -49.67 23.75
C ARG B 1251 -26.45 -48.83 23.35
N ARG B 1252 -27.66 -49.39 23.45
CA ARG B 1252 -28.86 -48.63 23.17
C ARG B 1252 -28.99 -47.42 24.08
N THR B 1253 -28.75 -47.60 25.38
CA THR B 1253 -28.91 -46.49 26.32
C THR B 1253 -27.88 -45.40 26.07
N CYS B 1254 -26.60 -45.77 25.93
CA CYS B 1254 -25.60 -44.73 25.68
C CYS B 1254 -25.80 -44.09 24.31
N PHE B 1255 -26.40 -44.82 23.37
CA PHE B 1255 -26.70 -44.25 22.06
C PHE B 1255 -27.84 -43.26 22.14
N ARG B 1256 -28.83 -43.53 23.00
CA ARG B 1256 -29.84 -42.52 23.30
C ARG B 1256 -29.24 -41.32 23.98
N ILE B 1257 -28.24 -41.53 24.84
CA ILE B 1257 -27.60 -40.41 25.53
C ILE B 1257 -26.85 -39.52 24.54
N VAL B 1258 -25.98 -40.12 23.72
CA VAL B 1258 -25.13 -39.32 22.85
C VAL B 1258 -25.92 -38.58 21.78
N GLU B 1259 -27.11 -39.08 21.42
CA GLU B 1259 -27.94 -38.40 20.44
C GLU B 1259 -29.04 -37.57 21.08
N HIS B 1260 -29.11 -37.52 22.41
CA HIS B 1260 -30.06 -36.65 23.07
C HIS B 1260 -29.74 -35.20 22.76
N ASN B 1261 -30.78 -34.36 22.74
CA ASN B 1261 -30.62 -32.96 22.43
C ASN B 1261 -29.85 -32.18 23.49
N TRP B 1262 -30.08 -32.48 24.78
CA TRP B 1262 -29.36 -31.80 25.84
C TRP B 1262 -27.87 -32.10 25.84
N PHE B 1263 -27.47 -33.29 25.44
CA PHE B 1263 -26.07 -33.69 25.54
C PHE B 1263 -25.15 -32.87 24.67
N GLU B 1264 -25.47 -32.71 23.38
CA GLU B 1264 -24.59 -31.95 22.49
C GLU B 1264 -24.56 -30.47 22.87
N THR B 1265 -25.71 -29.92 23.26
CA THR B 1265 -25.75 -28.54 23.75
C THR B 1265 -24.91 -28.35 25.01
N PHE B 1266 -24.99 -29.27 25.96
CA PHE B 1266 -24.18 -29.17 27.16
C PHE B 1266 -22.70 -29.32 26.84
N ILE B 1267 -22.35 -30.17 25.86
CA ILE B 1267 -20.95 -30.37 25.52
C ILE B 1267 -20.39 -29.14 24.80
N VAL B 1268 -21.19 -28.51 23.94
CA VAL B 1268 -20.70 -27.29 23.30
C VAL B 1268 -20.64 -26.14 24.30
N PHE B 1269 -21.54 -26.15 25.29
CA PHE B 1269 -21.42 -25.19 26.39
C PHE B 1269 -20.12 -25.38 27.15
N MET B 1270 -19.78 -26.63 27.46
CA MET B 1270 -18.51 -26.92 28.11
C MET B 1270 -17.32 -26.52 27.23
N ILE B 1271 -17.43 -26.71 25.92
CA ILE B 1271 -16.37 -26.30 25.01
C ILE B 1271 -16.18 -24.79 25.06
N LEU B 1272 -17.28 -24.03 24.98
CA LEU B 1272 -17.20 -22.57 25.02
C LEU B 1272 -16.63 -22.09 26.35
N LEU B 1273 -17.03 -22.70 27.46
CA LEU B 1273 -16.49 -22.27 28.75
C LEU B 1273 -15.02 -22.62 28.89
N SER B 1274 -14.61 -23.83 28.47
CA SER B 1274 -13.22 -24.22 28.53
C SER B 1274 -12.35 -23.39 27.60
N SER B 1275 -12.94 -22.85 26.53
CA SER B 1275 -12.21 -21.96 25.64
C SER B 1275 -12.09 -20.56 26.21
N GLY B 1276 -13.17 -20.04 26.80
CA GLY B 1276 -13.10 -18.77 27.51
C GLY B 1276 -12.11 -18.78 28.66
N ALA B 1277 -12.05 -19.87 29.41
CA ALA B 1277 -11.12 -19.97 30.54
C ALA B 1277 -9.66 -19.81 30.12
N LEU B 1278 -9.36 -19.82 28.82
CA LEU B 1278 -8.00 -19.60 28.35
C LEU B 1278 -7.64 -18.13 28.28
N ALA B 1279 -8.61 -17.26 28.04
CA ALA B 1279 -8.37 -15.83 27.88
C ALA B 1279 -7.88 -15.17 29.16
N PHE B 1280 -8.12 -15.77 30.32
CA PHE B 1280 -7.74 -15.18 31.60
C PHE B 1280 -6.28 -15.46 31.97
N GLU B 1281 -5.49 -15.97 31.04
CA GLU B 1281 -4.08 -16.27 31.30
C GLU B 1281 -3.20 -15.11 30.85
N ASP B 1282 -3.39 -13.97 31.50
CA ASP B 1282 -2.60 -12.78 31.23
C ASP B 1282 -1.31 -12.84 32.03
N ILE B 1283 -0.57 -11.72 32.06
CA ILE B 1283 0.56 -11.61 32.97
C ILE B 1283 0.09 -11.48 34.40
N TYR B 1284 -1.09 -10.90 34.61
CA TYR B 1284 -1.61 -10.68 35.95
C TYR B 1284 -2.20 -11.93 36.58
N ILE B 1285 -2.20 -13.07 35.87
CA ILE B 1285 -2.77 -14.30 36.42
C ILE B 1285 -2.08 -14.74 37.70
N ASP B 1286 -0.79 -14.46 37.87
CA ASP B 1286 -0.09 -14.71 39.11
C ASP B 1286 -0.28 -13.58 40.11
N GLN B 1287 -1.28 -12.74 39.92
CA GLN B 1287 -1.59 -11.66 40.86
C GLN B 1287 -3.06 -11.64 41.24
N ARG B 1288 -3.75 -12.78 41.15
CA ARG B 1288 -5.15 -12.88 41.55
C ARG B 1288 -5.36 -13.84 42.71
N LYS B 1289 -4.91 -15.08 42.58
CA LYS B 1289 -4.95 -16.12 43.60
C LYS B 1289 -6.37 -16.49 44.01
N THR B 1290 -7.38 -15.92 43.38
CA THR B 1290 -8.77 -16.28 43.66
C THR B 1290 -9.42 -16.81 42.39
N ILE B 1291 -8.88 -16.42 41.24
CA ILE B 1291 -9.32 -16.97 39.97
C ILE B 1291 -8.28 -17.94 39.39
N LYS B 1292 -7.03 -17.85 39.84
CA LYS B 1292 -6.00 -18.77 39.36
C LYS B 1292 -6.31 -20.20 39.75
N THR B 1293 -6.56 -20.45 41.05
CA THR B 1293 -6.84 -21.80 41.52
C THR B 1293 -8.17 -22.34 41.00
N MET B 1294 -9.18 -21.48 40.84
CA MET B 1294 -10.42 -21.94 40.24
C MET B 1294 -10.22 -22.34 38.79
N LEU B 1295 -9.40 -21.60 38.05
CA LEU B 1295 -9.05 -22.02 36.70
C LEU B 1295 -8.25 -23.32 36.69
N GLU B 1296 -7.37 -23.50 37.68
CA GLU B 1296 -6.65 -24.76 37.80
C GLU B 1296 -7.58 -25.94 38.03
N TYR B 1297 -8.60 -25.77 38.87
CA TYR B 1297 -9.58 -26.83 39.08
C TYR B 1297 -10.42 -27.06 37.84
N ALA B 1298 -10.83 -25.99 37.16
CA ALA B 1298 -11.61 -26.11 35.94
C ALA B 1298 -10.85 -26.80 34.83
N ASP B 1299 -9.53 -26.58 34.72
CA ASP B 1299 -8.73 -27.27 33.73
C ASP B 1299 -8.78 -28.79 33.88
N LYS B 1300 -8.88 -29.29 35.10
CA LYS B 1300 -9.00 -30.73 35.34
C LYS B 1300 -10.44 -31.22 35.18
N VAL B 1301 -11.42 -30.44 35.63
CA VAL B 1301 -12.81 -30.82 35.44
C VAL B 1301 -13.13 -30.94 33.96
N PHE B 1302 -12.65 -29.99 33.15
CA PHE B 1302 -12.87 -30.04 31.72
C PHE B 1302 -12.17 -31.23 31.10
N THR B 1303 -10.93 -31.51 31.51
CA THR B 1303 -10.22 -32.67 30.98
C THR B 1303 -10.99 -33.95 31.25
N TYR B 1304 -11.46 -34.12 32.48
CA TYR B 1304 -12.22 -35.32 32.82
C TYR B 1304 -13.56 -35.42 32.10
N ILE B 1305 -14.28 -34.32 31.93
CA ILE B 1305 -15.56 -34.41 31.25
C ILE B 1305 -15.37 -34.64 29.76
N PHE B 1306 -14.31 -34.09 29.18
CA PHE B 1306 -14.00 -34.34 27.77
C PHE B 1306 -13.40 -35.72 27.55
N ILE B 1307 -12.90 -36.35 28.60
CA ILE B 1307 -12.57 -37.77 28.52
C ILE B 1307 -13.82 -38.63 28.60
N LEU B 1308 -14.74 -38.29 29.50
CA LEU B 1308 -15.98 -39.04 29.63
C LEU B 1308 -16.82 -38.99 28.36
N GLU B 1309 -16.90 -37.83 27.71
CA GLU B 1309 -17.64 -37.75 26.46
C GLU B 1309 -16.99 -38.58 25.36
N MET B 1310 -15.66 -38.62 25.31
CA MET B 1310 -14.99 -39.45 24.32
C MET B 1310 -15.22 -40.93 24.58
N LEU B 1311 -15.22 -41.34 25.86
CA LEU B 1311 -15.55 -42.71 26.20
C LEU B 1311 -16.99 -43.06 25.84
N LEU B 1312 -17.94 -42.17 26.11
CA LEU B 1312 -19.32 -42.44 25.72
C LEU B 1312 -19.47 -42.55 24.21
N LYS B 1313 -18.78 -41.69 23.45
CA LYS B 1313 -18.77 -41.80 22.01
C LYS B 1313 -18.18 -43.12 21.53
N TRP B 1314 -17.05 -43.54 22.10
CA TRP B 1314 -16.50 -44.85 21.80
C TRP B 1314 -17.53 -45.94 22.02
N VAL B 1315 -18.12 -46.00 23.22
CA VAL B 1315 -19.03 -47.09 23.54
C VAL B 1315 -20.24 -47.09 22.61
N ALA B 1316 -20.88 -45.93 22.42
CA ALA B 1316 -22.12 -45.88 21.66
C ALA B 1316 -21.91 -45.86 20.15
N TYR B 1317 -20.67 -45.74 19.67
CA TYR B 1317 -20.44 -45.66 18.23
C TYR B 1317 -19.62 -46.81 17.68
N GLY B 1318 -18.73 -47.39 18.47
CA GLY B 1318 -17.83 -48.42 17.98
C GLY B 1318 -16.66 -47.83 17.22
N TYR B 1319 -15.52 -48.52 17.32
CA TYR B 1319 -14.28 -48.00 16.76
C TYR B 1319 -14.34 -47.82 15.25
N GLN B 1320 -15.07 -48.67 14.55
CA GLN B 1320 -15.16 -48.55 13.09
C GLN B 1320 -15.91 -47.29 12.69
N THR B 1321 -17.06 -47.02 13.30
CA THR B 1321 -17.80 -45.81 12.98
C THR B 1321 -17.12 -44.57 13.53
N TYR B 1322 -16.26 -44.74 14.53
CA TYR B 1322 -15.57 -43.60 15.12
C TYR B 1322 -14.39 -43.16 14.27
N PHE B 1323 -13.42 -44.05 14.07
CA PHE B 1323 -12.14 -43.69 13.47
C PHE B 1323 -12.22 -43.41 11.98
N THR B 1324 -13.37 -43.59 11.34
CA THR B 1324 -13.55 -43.17 9.96
C THR B 1324 -14.25 -41.83 9.84
N ASN B 1325 -14.13 -40.97 10.84
CA ASN B 1325 -14.68 -39.62 10.79
C ASN B 1325 -13.56 -38.63 11.09
N ALA B 1326 -13.38 -37.64 10.20
CA ALA B 1326 -12.33 -36.65 10.39
C ALA B 1326 -12.52 -35.87 11.69
N TRP B 1327 -13.74 -35.43 11.98
CA TRP B 1327 -14.00 -34.61 13.16
C TRP B 1327 -13.78 -35.37 14.46
N CYS B 1328 -14.23 -36.62 14.56
CA CYS B 1328 -13.93 -37.42 15.73
C CYS B 1328 -12.44 -37.65 15.92
N TRP B 1329 -11.69 -37.81 14.83
CA TRP B 1329 -10.24 -37.88 14.93
C TRP B 1329 -9.65 -36.59 15.46
N LEU B 1330 -10.10 -35.45 14.93
CA LEU B 1330 -9.63 -34.16 15.42
C LEU B 1330 -9.88 -34.02 16.92
N ASP B 1331 -11.08 -34.39 17.38
CA ASP B 1331 -11.39 -34.30 18.80
C ASP B 1331 -10.58 -35.26 19.65
N PHE B 1332 -10.42 -36.51 19.21
CA PHE B 1332 -9.64 -37.48 19.95
C PHE B 1332 -8.17 -37.07 20.05
N LEU B 1333 -7.64 -36.42 19.03
CA LEU B 1333 -6.26 -35.94 19.10
C LEU B 1333 -6.05 -34.95 20.24
N ILE B 1334 -6.99 -34.02 20.44
CA ILE B 1334 -6.82 -33.04 21.50
C ILE B 1334 -6.92 -33.68 22.87
N VAL B 1335 -7.86 -34.62 23.04
CA VAL B 1335 -7.97 -35.30 24.33
C VAL B 1335 -6.74 -36.15 24.59
N ASP B 1336 -6.11 -36.65 23.52
CA ASP B 1336 -4.86 -37.40 23.67
C ASP B 1336 -3.73 -36.48 24.15
N VAL B 1337 -3.62 -35.31 23.52
CA VAL B 1337 -2.59 -34.35 23.95
C VAL B 1337 -2.81 -33.92 25.39
N SER B 1338 -4.07 -33.74 25.80
CA SER B 1338 -4.33 -33.40 27.18
C SER B 1338 -4.03 -34.56 28.13
N LEU B 1339 -4.31 -35.79 27.71
CA LEU B 1339 -4.01 -36.95 28.54
C LEU B 1339 -2.51 -37.09 28.75
N VAL B 1340 -1.71 -36.81 27.72
CA VAL B 1340 -0.26 -36.88 27.87
C VAL B 1340 0.21 -35.95 28.98
N SER B 1341 -0.22 -34.68 28.92
CA SER B 1341 0.14 -33.72 29.95
C SER B 1341 -0.42 -34.10 31.31
N LEU B 1342 -1.60 -34.72 31.36
CA LEU B 1342 -2.16 -35.12 32.64
C LEU B 1342 -1.34 -36.23 33.29
N THR B 1343 -1.01 -37.27 32.53
CA THR B 1343 -0.11 -38.29 33.06
C THR B 1343 1.26 -37.72 33.42
N ALA B 1344 1.75 -36.73 32.68
CA ALA B 1344 3.01 -36.12 33.03
C ALA B 1344 2.96 -35.37 34.36
N ASN B 1345 1.90 -34.59 34.58
CA ASN B 1345 1.74 -33.87 35.84
C ASN B 1345 1.21 -34.75 36.96
N ALA B 1346 0.87 -36.00 36.68
CA ALA B 1346 0.36 -36.90 37.71
C ALA B 1346 1.40 -37.90 38.18
N LEU B 1347 2.26 -38.38 37.28
CA LEU B 1347 3.25 -39.38 37.66
C LEU B 1347 4.43 -38.75 38.38
N GLY B 1348 4.88 -37.58 37.93
CA GLY B 1348 6.01 -36.95 38.57
C GLY B 1348 6.90 -36.16 37.62
N TYR B 1349 6.75 -36.38 36.31
CA TYR B 1349 7.47 -35.59 35.31
C TYR B 1349 6.80 -34.22 35.22
N SER B 1350 7.14 -33.37 36.19
CA SER B 1350 6.42 -32.12 36.36
C SER B 1350 6.85 -31.09 35.32
N GLU B 1351 8.12 -30.71 35.32
CA GLU B 1351 8.64 -29.71 34.40
C GLU B 1351 9.82 -30.30 33.64
N LEU B 1352 9.69 -30.37 32.32
CA LEU B 1352 10.75 -30.91 31.47
C LEU B 1352 10.87 -30.02 30.23
N GLY B 1353 11.75 -30.43 29.33
CA GLY B 1353 11.89 -29.73 28.06
C GLY B 1353 10.70 -29.90 27.13
N ALA B 1354 9.81 -30.84 27.44
CA ALA B 1354 8.64 -31.12 26.61
C ALA B 1354 7.33 -30.79 27.29
N ILE B 1355 7.12 -31.27 28.52
CA ILE B 1355 5.84 -31.06 29.20
C ILE B 1355 5.62 -29.58 29.46
N LYS B 1356 6.68 -28.81 29.67
CA LYS B 1356 6.56 -27.36 29.77
C LYS B 1356 6.03 -26.76 28.47
N SER B 1357 6.44 -27.31 27.33
CA SER B 1357 5.95 -26.85 26.04
C SER B 1357 4.66 -27.53 25.60
N LEU B 1358 4.16 -28.50 26.38
CA LEU B 1358 2.89 -29.12 26.06
C LEU B 1358 1.72 -28.38 26.68
N ARG B 1359 1.98 -27.48 27.64
CA ARG B 1359 0.91 -26.65 28.17
C ARG B 1359 0.43 -25.66 27.12
N THR B 1360 1.33 -25.26 26.20
CA THR B 1360 0.93 -24.37 25.13
C THR B 1360 0.12 -25.09 24.06
N LEU B 1361 0.01 -26.42 24.14
CA LEU B 1361 -0.85 -27.17 23.25
C LEU B 1361 -2.32 -27.07 23.63
N ARG B 1362 -2.62 -26.51 24.80
CA ARG B 1362 -4.01 -26.23 25.15
C ARG B 1362 -4.64 -25.21 24.23
N ALA B 1363 -3.84 -24.32 23.64
CA ALA B 1363 -4.33 -23.31 22.70
C ALA B 1363 -5.15 -23.90 21.58
N LEU B 1364 -4.98 -25.19 21.26
CA LEU B 1364 -5.74 -25.80 20.19
C LEU B 1364 -7.15 -26.21 20.62
N ARG B 1365 -7.48 -26.06 21.90
CA ARG B 1365 -8.76 -26.46 22.45
C ARG B 1365 -9.96 -25.82 21.74
N PRO B 1366 -9.91 -24.54 21.37
CA PRO B 1366 -11.06 -23.93 20.67
C PRO B 1366 -11.49 -24.66 19.40
N LEU B 1367 -10.64 -25.51 18.82
CA LEU B 1367 -10.99 -26.21 17.60
C LEU B 1367 -12.18 -27.15 17.76
N ARG B 1368 -12.54 -27.51 19.00
CA ARG B 1368 -13.66 -28.41 19.24
C ARG B 1368 -15.00 -27.78 18.89
N ALA B 1369 -15.06 -26.48 18.62
CA ALA B 1369 -16.29 -25.83 18.21
C ALA B 1369 -16.52 -25.89 16.71
N LEU B 1370 -15.56 -26.39 15.94
CA LEU B 1370 -15.69 -26.40 14.49
C LEU B 1370 -16.71 -27.43 14.03
N SER B 1371 -16.82 -28.55 14.73
CA SER B 1371 -17.75 -29.61 14.36
C SER B 1371 -19.13 -29.40 14.94
N ARG B 1372 -19.33 -28.38 15.77
CA ARG B 1372 -20.63 -28.11 16.38
C ARG B 1372 -21.46 -27.12 15.59
N PHE B 1373 -20.87 -26.03 15.11
CA PHE B 1373 -21.59 -24.99 14.38
C PHE B 1373 -21.44 -25.22 12.90
N GLU B 1374 -22.58 -25.21 12.19
CA GLU B 1374 -22.56 -25.34 10.74
C GLU B 1374 -21.80 -24.22 10.06
N GLY B 1375 -21.78 -23.02 10.66
CA GLY B 1375 -21.16 -21.88 10.01
C GLY B 1375 -19.68 -22.10 9.72
N MET B 1376 -18.95 -22.68 10.67
CA MET B 1376 -17.52 -22.90 10.44
C MET B 1376 -17.25 -24.22 9.72
N ARG B 1377 -18.06 -25.25 9.96
CA ARG B 1377 -17.88 -26.51 9.26
C ARG B 1377 -18.06 -26.35 7.76
N VAL B 1378 -19.04 -25.55 7.34
CA VAL B 1378 -19.26 -25.35 5.91
C VAL B 1378 -18.05 -24.67 5.27
N VAL B 1379 -17.49 -23.66 5.94
CA VAL B 1379 -16.32 -22.97 5.41
C VAL B 1379 -15.12 -23.92 5.36
N VAL B 1380 -14.94 -24.75 6.39
CA VAL B 1380 -13.81 -25.66 6.39
C VAL B 1380 -13.94 -26.67 5.26
N ASN B 1381 -15.16 -27.17 5.03
CA ASN B 1381 -15.40 -28.05 3.89
C ASN B 1381 -15.12 -27.37 2.55
N ALA B 1382 -15.54 -26.11 2.39
CA ALA B 1382 -15.30 -25.39 1.16
C ALA B 1382 -13.82 -25.13 0.90
N LEU B 1383 -13.03 -24.90 1.95
CA LEU B 1383 -11.60 -24.73 1.74
C LEU B 1383 -10.89 -26.05 1.47
N LEU B 1384 -11.27 -27.11 2.20
CA LEU B 1384 -10.63 -28.40 1.98
C LEU B 1384 -11.04 -29.03 0.66
N GLY B 1385 -12.17 -28.60 0.08
CA GLY B 1385 -12.54 -29.08 -1.24
C GLY B 1385 -11.78 -28.44 -2.37
N ALA B 1386 -11.13 -27.31 -2.12
CA ALA B 1386 -10.43 -26.56 -3.17
C ALA B 1386 -8.95 -26.38 -2.88
N ILE B 1387 -8.45 -26.92 -1.77
CA ILE B 1387 -7.02 -26.82 -1.47
C ILE B 1387 -6.10 -27.57 -2.44
N PRO B 1388 -6.49 -28.68 -3.10
CA PRO B 1388 -5.53 -29.36 -3.97
C PRO B 1388 -5.07 -28.54 -5.17
N SER B 1389 -5.99 -27.86 -5.87
CA SER B 1389 -5.58 -26.99 -6.96
C SER B 1389 -4.69 -25.86 -6.46
N ILE B 1390 -4.98 -25.32 -5.28
CA ILE B 1390 -4.14 -24.30 -4.70
C ILE B 1390 -2.73 -24.82 -4.47
N MET B 1391 -2.63 -26.08 -4.08
CA MET B 1391 -1.33 -26.73 -3.91
C MET B 1391 -0.61 -26.84 -5.25
N ASN B 1392 -1.31 -27.35 -6.26
CA ASN B 1392 -0.77 -27.51 -7.60
C ASN B 1392 -0.22 -26.20 -8.16
N VAL B 1393 -0.90 -25.09 -7.93
CA VAL B 1393 -0.41 -23.80 -8.39
C VAL B 1393 0.69 -23.25 -7.48
N LEU B 1394 0.58 -23.52 -6.18
CA LEU B 1394 1.62 -23.11 -5.24
C LEU B 1394 2.95 -23.71 -5.61
N LEU B 1395 2.96 -24.92 -6.18
CA LEU B 1395 4.23 -25.48 -6.66
C LEU B 1395 4.89 -24.57 -7.69
N VAL B 1396 4.12 -24.13 -8.69
CA VAL B 1396 4.66 -23.24 -9.71
C VAL B 1396 5.12 -21.93 -9.10
N CYS B 1397 4.30 -21.35 -8.23
CA CYS B 1397 4.68 -20.08 -7.59
C CYS B 1397 5.94 -20.24 -6.75
N LEU B 1398 6.10 -21.39 -6.09
CA LEU B 1398 7.28 -21.63 -5.27
C LEU B 1398 8.53 -21.79 -6.12
N ILE B 1399 8.44 -22.48 -7.26
CA ILE B 1399 9.61 -22.57 -8.13
C ILE B 1399 9.94 -21.21 -8.72
N PHE B 1400 8.91 -20.45 -9.11
CA PHE B 1400 9.15 -19.13 -9.69
C PHE B 1400 9.74 -18.17 -8.67
N TRP B 1401 9.40 -18.33 -7.39
CA TRP B 1401 10.05 -17.57 -6.33
C TRP B 1401 11.43 -18.11 -5.99
N LEU B 1402 11.67 -19.41 -6.17
CA LEU B 1402 13.00 -19.96 -6.00
C LEU B 1402 13.97 -19.36 -7.01
N ILE B 1403 13.50 -19.15 -8.24
CA ILE B 1403 14.32 -18.45 -9.23
C ILE B 1403 14.80 -17.11 -8.69
N PHE B 1404 13.86 -16.25 -8.27
CA PHE B 1404 14.21 -14.94 -7.77
C PHE B 1404 15.01 -15.00 -6.47
N SER B 1405 14.77 -16.00 -5.65
CA SER B 1405 15.54 -16.18 -4.43
C SER B 1405 17.00 -16.50 -4.72
N ILE B 1406 17.28 -17.40 -5.66
CA ILE B 1406 18.67 -17.65 -6.03
C ILE B 1406 19.28 -16.41 -6.68
N MET B 1407 18.50 -15.68 -7.48
CA MET B 1407 19.00 -14.44 -8.03
C MET B 1407 19.42 -13.46 -6.94
N GLY B 1408 18.57 -13.27 -5.92
CA GLY B 1408 18.91 -12.39 -4.83
C GLY B 1408 20.09 -12.88 -4.00
N VAL B 1409 20.20 -14.20 -3.83
CA VAL B 1409 21.35 -14.75 -3.13
C VAL B 1409 22.63 -14.45 -3.89
N ASN B 1410 22.56 -14.45 -5.22
CA ASN B 1410 23.72 -14.15 -6.03
C ASN B 1410 24.10 -12.67 -6.01
N LEU B 1411 23.09 -11.80 -6.06
CA LEU B 1411 23.35 -10.37 -6.04
C LEU B 1411 23.61 -9.84 -4.63
N PHE B 1412 23.03 -10.49 -3.62
CA PHE B 1412 23.04 -10.05 -2.23
C PHE B 1412 23.55 -11.20 -1.37
N ALA B 1413 23.17 -11.23 -0.09
CA ALA B 1413 23.60 -12.30 0.81
C ALA B 1413 25.08 -12.23 1.11
N GLY B 1414 25.48 -11.17 1.82
CA GLY B 1414 26.86 -10.92 2.19
C GLY B 1414 27.19 -9.46 2.20
N LYS B 1415 26.32 -8.63 1.64
CA LYS B 1415 26.53 -7.18 1.62
C LYS B 1415 25.53 -6.43 2.51
N PHE B 1416 24.72 -7.18 3.26
CA PHE B 1416 23.75 -6.58 4.15
C PHE B 1416 24.30 -6.30 5.54
N TYR B 1417 25.59 -6.57 5.76
CA TYR B 1417 26.19 -6.34 7.06
C TYR B 1417 26.73 -4.92 7.15
N HIS B 1418 26.63 -4.32 8.33
CA HIS B 1418 27.06 -2.94 8.51
C HIS B 1418 27.36 -2.68 9.98
N CYS B 1419 28.36 -1.85 10.24
CA CYS B 1419 28.71 -1.42 11.59
C CYS B 1419 28.02 -0.11 11.93
N ILE B 1420 27.31 -0.11 13.06
CA ILE B 1420 26.65 1.07 13.60
C ILE B 1420 27.15 1.28 15.02
N ASN B 1421 27.32 2.54 15.41
CA ASN B 1421 27.60 2.87 16.81
C ASN B 1421 26.31 2.68 17.59
N THR B 1422 26.35 1.79 18.57
CA THR B 1422 25.16 1.40 19.32
C THR B 1422 24.57 2.53 20.15
N THR B 1423 25.28 3.63 20.32
CA THR B 1423 24.76 4.75 21.11
C THR B 1423 23.62 5.49 20.41
N THR B 1424 23.54 5.43 19.08
CA THR B 1424 22.51 6.15 18.35
C THR B 1424 21.92 5.40 17.17
N GLY B 1425 22.35 4.18 16.89
CA GLY B 1425 21.81 3.44 15.76
C GLY B 1425 22.18 4.00 14.41
N ASP B 1426 23.29 4.71 14.35
CA ASP B 1426 23.74 5.37 13.15
C ASP B 1426 24.60 4.51 12.22
N ARG B 1427 24.75 5.05 11.02
CA ARG B 1427 25.52 4.44 9.94
C ARG B 1427 26.92 5.02 9.82
N PHE B 1428 27.89 4.12 9.98
CA PHE B 1428 29.31 4.36 9.88
C PHE B 1428 29.70 4.53 8.43
N ASP B 1429 30.01 5.77 8.14
CA ASP B 1429 30.37 6.30 6.84
C ASP B 1429 31.58 5.56 6.28
N ILE B 1430 31.75 5.66 4.95
CA ILE B 1430 32.89 5.02 4.29
C ILE B 1430 34.19 5.75 4.57
N GLU B 1431 34.13 7.06 4.85
CA GLU B 1431 35.33 7.78 5.20
C GLU B 1431 35.91 7.32 6.53
N ASP B 1432 35.06 6.85 7.44
CA ASP B 1432 35.50 6.40 8.76
C ASP B 1432 35.84 4.91 8.77
N VAL B 1433 34.89 4.07 8.37
CA VAL B 1433 35.10 2.63 8.30
C VAL B 1433 34.85 2.21 6.85
N ASN B 1434 35.76 1.41 6.30
CA ASN B 1434 35.63 0.98 4.92
C ASN B 1434 35.05 -0.42 4.78
N ASN B 1435 35.42 -1.33 5.67
CA ASN B 1435 35.10 -2.75 5.50
C ASN B 1435 35.13 -3.44 6.85
N HIS B 1436 35.21 -4.77 6.82
CA HIS B 1436 35.20 -5.57 8.04
C HIS B 1436 36.43 -5.30 8.89
N THR B 1437 37.62 -5.33 8.27
CA THR B 1437 38.85 -5.25 9.06
C THR B 1437 38.95 -3.92 9.80
N ASP B 1438 38.40 -2.85 9.23
CA ASP B 1438 38.44 -1.57 9.93
C ASP B 1438 37.51 -1.59 11.15
N CYS B 1439 36.36 -2.24 11.04
CA CYS B 1439 35.44 -2.28 12.17
C CYS B 1439 35.98 -3.19 13.27
N LEU B 1440 36.68 -4.26 12.91
CA LEU B 1440 37.33 -5.08 13.92
C LEU B 1440 38.61 -4.43 14.43
N LYS B 1441 39.12 -3.42 13.73
CA LYS B 1441 40.15 -2.58 14.30
C LYS B 1441 39.57 -1.61 15.32
N LEU B 1442 38.33 -1.16 15.08
CA LEU B 1442 37.67 -0.28 16.04
C LEU B 1442 37.26 -1.04 17.31
N ILE B 1443 36.63 -2.20 17.16
CA ILE B 1443 36.17 -2.96 18.32
C ILE B 1443 37.35 -3.33 19.22
N GLU B 1444 38.48 -3.67 18.62
CA GLU B 1444 39.65 -3.99 19.42
C GLU B 1444 40.18 -2.77 20.18
N ARG B 1445 39.92 -1.56 19.68
CA ARG B 1445 40.29 -0.33 20.36
C ARG B 1445 39.25 0.07 21.39
N ASN B 1446 38.40 -0.86 21.82
CA ASN B 1446 37.39 -0.63 22.83
C ASN B 1446 36.44 0.49 22.43
N GLU B 1447 35.85 0.35 21.25
CA GLU B 1447 34.89 1.30 20.72
C GLU B 1447 33.50 0.69 20.71
N THR B 1448 32.51 1.48 20.28
CA THR B 1448 31.13 0.98 20.26
C THR B 1448 30.58 0.88 18.84
N ALA B 1449 31.15 -0.01 18.03
CA ALA B 1449 30.64 -0.25 16.69
C ALA B 1449 30.08 -1.67 16.59
N ARG B 1450 28.87 -1.79 16.07
CA ARG B 1450 28.20 -3.08 15.95
C ARG B 1450 28.19 -3.61 14.51
N TRP B 1451 28.88 -4.73 14.29
CA TRP B 1451 28.85 -5.41 13.00
C TRP B 1451 27.58 -6.22 12.97
N LYS B 1452 26.54 -5.66 12.35
CA LYS B 1452 25.20 -6.18 12.53
C LYS B 1452 24.62 -6.58 11.17
N ASN B 1453 23.66 -7.49 11.19
CA ASN B 1453 22.98 -7.95 10.00
C ASN B 1453 21.55 -7.41 9.99
N VAL B 1454 20.87 -7.59 8.86
CA VAL B 1454 19.53 -7.04 8.68
C VAL B 1454 18.45 -7.96 9.24
N LYS B 1455 18.74 -9.24 9.41
CA LYS B 1455 17.86 -10.22 10.07
C LYS B 1455 16.66 -10.56 9.21
N VAL B 1456 16.48 -9.86 8.09
CA VAL B 1456 15.58 -10.27 7.01
C VAL B 1456 16.36 -9.98 5.74
N ASN B 1457 17.01 -11.01 5.20
CA ASN B 1457 18.00 -10.82 4.15
C ASN B 1457 17.89 -12.00 3.18
N PHE B 1458 18.92 -12.16 2.36
CA PHE B 1458 18.97 -13.18 1.32
C PHE B 1458 20.09 -14.19 1.59
N ASP B 1459 20.58 -14.23 2.83
CA ASP B 1459 21.77 -15.04 3.14
C ASP B 1459 21.61 -16.49 2.73
N ASN B 1460 20.38 -17.02 2.76
CA ASN B 1460 20.08 -18.36 2.31
C ASN B 1460 18.94 -18.30 1.30
N VAL B 1461 18.47 -19.48 0.91
CA VAL B 1461 17.26 -19.55 0.10
C VAL B 1461 16.04 -19.56 1.00
N GLY B 1462 16.22 -19.86 2.28
CA GLY B 1462 15.12 -19.73 3.22
C GLY B 1462 14.80 -18.28 3.53
N PHE B 1463 15.80 -17.53 4.02
CA PHE B 1463 15.63 -16.10 4.20
C PHE B 1463 15.19 -15.40 2.91
N GLY B 1464 15.58 -15.93 1.75
CA GLY B 1464 15.08 -15.37 0.51
C GLY B 1464 13.58 -15.50 0.38
N TYR B 1465 13.05 -16.66 0.73
CA TYR B 1465 11.61 -16.88 0.68
C TYR B 1465 10.86 -15.94 1.61
N LEU B 1466 11.52 -15.50 2.67
CA LEU B 1466 10.89 -14.59 3.62
C LEU B 1466 10.98 -13.15 3.18
N SER B 1467 12.16 -12.72 2.71
CA SER B 1467 12.29 -11.39 2.15
C SER B 1467 11.35 -11.18 0.98
N LEU B 1468 11.19 -12.19 0.12
CA LEU B 1468 10.30 -12.07 -1.01
C LEU B 1468 8.84 -11.94 -0.59
N LEU B 1469 8.44 -12.54 0.53
CA LEU B 1469 7.07 -12.37 1.00
C LEU B 1469 6.79 -10.96 1.49
N GLN B 1470 7.72 -10.36 2.24
CA GLN B 1470 7.58 -8.96 2.63
C GLN B 1470 7.58 -8.05 1.41
N VAL B 1471 8.41 -8.34 0.41
CA VAL B 1471 8.46 -7.49 -0.77
C VAL B 1471 7.20 -7.64 -1.61
N ALA B 1472 6.61 -8.83 -1.63
CA ALA B 1472 5.43 -9.05 -2.47
C ALA B 1472 4.15 -8.65 -1.76
N THR B 1473 4.16 -8.58 -0.44
CA THR B 1473 3.01 -8.10 0.31
C THR B 1473 3.08 -6.60 0.57
N PHE B 1474 4.20 -5.94 0.24
CA PHE B 1474 4.38 -4.50 0.36
C PHE B 1474 4.38 -4.06 1.82
N LYS B 1475 4.75 -4.97 2.73
CA LYS B 1475 4.89 -4.63 4.14
C LYS B 1475 6.29 -5.02 4.60
N GLY B 1476 7.20 -4.05 4.64
CA GLY B 1476 8.55 -4.27 5.11
C GLY B 1476 9.62 -4.13 4.05
N TRP B 1477 9.23 -3.96 2.79
CA TRP B 1477 10.15 -3.82 1.67
C TRP B 1477 11.05 -2.58 1.77
N MET B 1478 10.70 -1.63 2.63
CA MET B 1478 11.51 -0.41 2.74
C MET B 1478 12.92 -0.71 3.24
N ASP B 1479 13.06 -1.42 4.37
CA ASP B 1479 14.39 -1.68 4.89
C ASP B 1479 15.16 -2.63 3.99
N ILE B 1480 14.47 -3.64 3.45
CA ILE B 1480 15.10 -4.56 2.51
C ILE B 1480 15.70 -3.80 1.34
N MET B 1481 14.95 -2.89 0.73
CA MET B 1481 15.47 -2.14 -0.41
C MET B 1481 16.51 -1.12 -0.02
N TYR B 1482 16.40 -0.49 1.15
CA TYR B 1482 17.46 0.42 1.56
C TYR B 1482 18.76 -0.31 1.89
N ALA B 1483 18.69 -1.60 2.22
CA ALA B 1483 19.91 -2.36 2.42
C ALA B 1483 20.42 -2.97 1.13
N ALA B 1484 19.53 -3.21 0.16
CA ALA B 1484 19.94 -3.82 -1.10
C ALA B 1484 20.52 -2.77 -2.05
N VAL B 1485 19.97 -1.55 -2.03
CA VAL B 1485 20.46 -0.50 -2.90
C VAL B 1485 21.82 0.01 -2.44
N ASP B 1486 22.09 -0.01 -1.14
CA ASP B 1486 23.39 0.36 -0.64
C ASP B 1486 24.38 -0.80 -0.63
N SER B 1487 24.06 -1.90 -1.30
CA SER B 1487 24.92 -3.08 -1.27
C SER B 1487 26.17 -2.83 -2.10
N ARG B 1488 27.24 -2.41 -1.43
CA ARG B 1488 28.49 -2.12 -2.12
C ARG B 1488 29.18 -3.39 -2.56
N ASN B 1489 29.56 -4.24 -1.61
CA ASN B 1489 30.20 -5.51 -1.92
C ASN B 1489 30.22 -6.36 -0.66
N VAL B 1490 30.40 -7.67 -0.85
CA VAL B 1490 30.48 -8.62 0.26
C VAL B 1490 31.64 -8.25 1.17
N GLU B 1491 31.38 -8.21 2.48
CA GLU B 1491 32.37 -7.91 3.51
C GLU B 1491 32.84 -6.46 3.48
N LEU B 1492 32.21 -5.62 2.67
CA LEU B 1492 32.54 -4.20 2.60
C LEU B 1492 31.39 -3.38 3.18
N GLN B 1493 31.74 -2.27 3.81
CA GLN B 1493 30.74 -1.42 4.43
C GLN B 1493 29.81 -0.85 3.37
N PRO B 1494 28.50 -0.92 3.58
CA PRO B 1494 27.57 -0.38 2.57
C PRO B 1494 27.53 1.13 2.62
N LYS B 1495 27.53 1.75 1.43
CA LYS B 1495 27.50 3.20 1.30
C LYS B 1495 26.18 3.64 0.71
N TYR B 1496 25.77 4.86 1.07
CA TYR B 1496 24.46 5.40 0.73
C TYR B 1496 24.25 5.46 -0.78
N GLU B 1497 23.38 4.59 -1.29
CA GLU B 1497 23.02 4.56 -2.72
C GLU B 1497 24.24 4.51 -3.63
N GLU B 1498 25.08 3.50 -3.47
CA GLU B 1498 26.17 3.28 -4.42
C GLU B 1498 25.74 2.31 -5.52
N SER B 1499 25.05 1.24 -5.15
CA SER B 1499 24.50 0.31 -6.13
C SER B 1499 23.04 0.68 -6.39
N LEU B 1500 22.84 1.86 -6.97
CA LEU B 1500 21.52 2.50 -6.96
C LEU B 1500 20.52 1.75 -7.83
N TYR B 1501 20.96 1.21 -8.95
CA TYR B 1501 20.03 0.69 -9.95
C TYR B 1501 19.47 -0.69 -9.61
N MET B 1502 19.85 -1.26 -8.47
CA MET B 1502 19.27 -2.53 -8.06
C MET B 1502 17.78 -2.45 -7.75
N TYR B 1503 17.25 -1.23 -7.57
CA TYR B 1503 15.81 -1.06 -7.49
C TYR B 1503 15.10 -1.77 -8.63
N LEU B 1504 15.74 -1.87 -9.79
CA LEU B 1504 15.15 -2.54 -10.92
C LEU B 1504 14.93 -4.03 -10.66
N TYR B 1505 15.80 -4.66 -9.87
CA TYR B 1505 15.56 -6.06 -9.50
C TYR B 1505 14.23 -6.21 -8.77
N PHE B 1506 13.99 -5.36 -7.75
CA PHE B 1506 12.75 -5.45 -7.01
C PHE B 1506 11.56 -5.03 -7.85
N VAL B 1507 11.74 -4.08 -8.76
CA VAL B 1507 10.65 -3.72 -9.67
C VAL B 1507 10.28 -4.90 -10.56
N ILE B 1508 11.30 -5.56 -11.14
CA ILE B 1508 11.08 -6.73 -11.98
C ILE B 1508 10.41 -7.84 -11.19
N PHE B 1509 10.81 -8.05 -9.95
CA PHE B 1509 10.16 -9.08 -9.15
C PHE B 1509 8.72 -8.71 -8.83
N ILE B 1510 8.48 -7.47 -8.38
CA ILE B 1510 7.12 -7.03 -8.06
C ILE B 1510 6.22 -7.18 -9.28
N ILE B 1511 6.76 -6.98 -10.48
CA ILE B 1511 5.97 -7.29 -11.67
C ILE B 1511 5.74 -8.79 -11.77
N PHE B 1512 6.80 -9.56 -12.00
CA PHE B 1512 6.64 -10.96 -12.38
C PHE B 1512 6.07 -11.81 -11.25
N GLY B 1513 6.77 -11.91 -10.13
CA GLY B 1513 6.37 -12.78 -9.05
C GLY B 1513 5.17 -12.30 -8.24
N SER B 1514 4.61 -11.14 -8.54
CA SER B 1514 3.50 -10.65 -7.74
C SER B 1514 2.27 -10.32 -8.57
N PHE B 1515 2.45 -9.75 -9.77
CA PHE B 1515 1.34 -9.46 -10.66
C PHE B 1515 0.91 -10.69 -11.44
N PHE B 1516 1.84 -11.30 -12.18
CA PHE B 1516 1.53 -12.44 -13.03
C PHE B 1516 1.20 -13.70 -12.25
N THR B 1517 1.94 -14.02 -11.19
CA THR B 1517 1.61 -15.17 -10.39
C THR B 1517 0.24 -15.03 -9.74
N LEU B 1518 -0.08 -13.83 -9.25
CA LEU B 1518 -1.41 -13.61 -8.70
C LEU B 1518 -2.48 -13.70 -9.78
N ASN B 1519 -2.16 -13.25 -11.00
CA ASN B 1519 -3.11 -13.41 -12.10
C ASN B 1519 -3.39 -14.87 -12.38
N LEU B 1520 -2.35 -15.69 -12.49
CA LEU B 1520 -2.51 -17.13 -12.66
C LEU B 1520 -3.31 -17.75 -11.52
N PHE B 1521 -3.02 -17.36 -10.28
CA PHE B 1521 -3.75 -17.89 -9.14
C PHE B 1521 -5.23 -17.55 -9.22
N ILE B 1522 -5.56 -16.30 -9.54
CA ILE B 1522 -6.95 -15.91 -9.65
C ILE B 1522 -7.64 -16.68 -10.78
N GLY B 1523 -6.92 -16.87 -11.89
CA GLY B 1523 -7.47 -17.63 -13.01
C GLY B 1523 -7.82 -19.05 -12.63
N VAL B 1524 -6.88 -19.76 -12.02
CA VAL B 1524 -7.13 -21.14 -11.63
C VAL B 1524 -8.20 -21.21 -10.56
N ILE B 1525 -8.29 -20.17 -9.71
CA ILE B 1525 -9.33 -20.12 -8.69
C ILE B 1525 -10.70 -20.01 -9.36
N ILE B 1526 -10.82 -19.13 -10.34
CA ILE B 1526 -12.07 -18.98 -11.09
C ILE B 1526 -12.43 -20.31 -11.72
N ASP B 1527 -11.44 -20.99 -12.31
CA ASP B 1527 -11.70 -22.25 -12.99
C ASP B 1527 -12.21 -23.32 -12.02
N ASN B 1528 -11.50 -23.51 -10.91
CA ASN B 1528 -11.88 -24.56 -9.97
C ASN B 1528 -13.20 -24.24 -9.28
N PHE B 1529 -13.46 -22.96 -9.03
CA PHE B 1529 -14.74 -22.58 -8.42
C PHE B 1529 -15.88 -22.78 -9.41
N ASN B 1530 -15.63 -22.54 -10.69
CA ASN B 1530 -16.63 -22.85 -11.71
C ASN B 1530 -16.95 -24.34 -11.70
N GLN B 1531 -15.92 -25.18 -11.72
CA GLN B 1531 -16.14 -26.62 -11.68
C GLN B 1531 -16.90 -27.02 -10.42
N GLN B 1532 -16.53 -26.45 -9.28
CA GLN B 1532 -17.19 -26.71 -8.01
C GLN B 1532 -18.68 -26.38 -8.07
N LYS B 1533 -19.00 -25.12 -8.38
CA LYS B 1533 -20.38 -24.64 -8.46
C LYS B 1533 -21.16 -25.45 -9.50
N LYS B 1534 -20.47 -26.01 -10.48
CA LYS B 1534 -21.13 -26.88 -11.46
C LYS B 1534 -21.45 -28.25 -10.90
N LYS B 1535 -20.55 -28.83 -10.09
CA LYS B 1535 -20.79 -30.17 -9.56
C LYS B 1535 -21.89 -30.18 -8.51
N PHE B 1536 -21.92 -29.17 -7.65
CA PHE B 1536 -22.94 -29.09 -6.60
C PHE B 1536 -24.33 -28.99 -7.20
N GLY B 1537 -24.41 -28.51 -8.43
CA GLY B 1537 -25.68 -28.36 -9.12
C GLY B 1537 -26.53 -27.28 -8.46
N GLY B 1538 -26.37 -27.12 -7.15
CA GLY B 1538 -27.12 -26.13 -6.40
C GLY B 1538 -26.59 -24.73 -6.60
N GLN B 1539 -26.21 -24.11 -5.49
CA GLN B 1539 -25.72 -22.74 -5.48
C GLN B 1539 -25.26 -22.32 -4.08
N ASP B 1540 -24.74 -21.11 -3.99
CA ASP B 1540 -24.40 -20.47 -2.73
C ASP B 1540 -23.83 -21.35 -1.61
N ILE B 1541 -22.59 -21.81 -1.79
CA ILE B 1541 -21.80 -22.34 -0.69
C ILE B 1541 -21.46 -21.22 0.28
N PHE B 1542 -20.88 -21.59 1.42
CA PHE B 1542 -20.56 -20.72 2.56
C PHE B 1542 -21.80 -20.43 3.39
N MET B 1543 -22.92 -21.01 3.01
CA MET B 1543 -24.17 -20.85 3.73
C MET B 1543 -24.60 -22.18 4.34
N THR B 1544 -25.26 -22.10 5.50
CA THR B 1544 -25.75 -23.28 6.18
C THR B 1544 -27.09 -23.70 5.58
N GLU B 1545 -27.79 -24.64 6.23
CA GLU B 1545 -29.02 -25.16 5.67
C GLU B 1545 -30.24 -24.32 6.03
N GLU B 1546 -30.15 -23.54 7.11
CA GLU B 1546 -31.24 -22.63 7.45
C GLU B 1546 -31.01 -21.23 6.92
N GLN B 1547 -29.75 -20.80 6.79
CA GLN B 1547 -29.46 -19.50 6.20
C GLN B 1547 -29.91 -19.44 4.75
N LYS B 1548 -29.89 -20.57 4.04
CA LYS B 1548 -30.33 -20.57 2.65
C LYS B 1548 -31.80 -20.21 2.51
N LYS B 1549 -32.65 -20.70 3.42
CA LYS B 1549 -34.07 -20.40 3.31
C LYS B 1549 -34.39 -18.97 3.73
N TYR B 1550 -33.60 -18.40 4.63
CA TYR B 1550 -33.72 -16.97 4.95
C TYR B 1550 -33.18 -16.09 3.84
N TYR B 1551 -32.23 -16.60 3.05
CA TYR B 1551 -31.76 -15.94 1.84
C TYR B 1551 -32.78 -15.98 0.72
N ASN B 1552 -33.51 -17.10 0.59
CA ASN B 1552 -34.54 -17.21 -0.42
C ASN B 1552 -35.69 -16.23 -0.22
N ALA B 1553 -36.09 -15.97 1.02
CA ALA B 1553 -37.19 -15.07 1.30
C ALA B 1553 -36.83 -13.60 1.13
N MET B 1554 -35.55 -13.26 1.23
CA MET B 1554 -35.13 -11.89 0.99
C MET B 1554 -34.99 -11.63 -0.51
N LYS B 1555 -34.66 -12.66 -1.29
CA LYS B 1555 -34.56 -12.50 -2.73
C LYS B 1555 -35.93 -12.17 -3.34
N LYS B 1556 -37.00 -12.62 -2.68
CA LYS B 1556 -38.35 -12.18 -3.08
C LYS B 1556 -38.67 -10.81 -2.49
N LEU B 1557 -38.14 -10.50 -1.32
CA LEU B 1557 -38.38 -9.21 -0.69
C LEU B 1557 -37.72 -8.09 -1.49
N GLY B 1558 -36.75 -8.43 -2.33
CA GLY B 1558 -36.06 -7.44 -3.12
C GLY B 1558 -36.73 -7.01 -4.41
N SER B 1559 -37.53 -7.90 -5.01
CA SER B 1559 -38.14 -7.65 -6.31
C SER B 1559 -39.65 -7.51 -6.14
N LYS B 1560 -40.08 -6.29 -5.79
CA LYS B 1560 -41.49 -5.94 -5.69
C LYS B 1560 -41.62 -4.45 -5.38
N LYS B 1561 -42.85 -3.94 -5.42
CA LYS B 1561 -43.09 -2.53 -5.14
C LYS B 1561 -44.52 -2.33 -4.68
N PRO B 1562 -44.79 -1.26 -3.94
CA PRO B 1562 -46.14 -1.06 -3.43
C PRO B 1562 -47.08 -0.46 -4.48
N GLN B 1563 -48.36 -0.70 -4.28
CA GLN B 1563 -49.40 -0.24 -5.20
C GLN B 1563 -50.55 0.38 -4.41
N LYS B 1564 -50.65 1.70 -4.47
CA LYS B 1564 -51.76 2.44 -3.89
C LYS B 1564 -52.05 2.12 -2.42
N PRO B 1565 -51.07 2.28 -1.51
CA PRO B 1565 -51.39 2.19 -0.08
C PRO B 1565 -51.74 3.56 0.48
N ILE B 1566 -52.85 4.14 0.03
CA ILE B 1566 -53.26 5.48 0.45
C ILE B 1566 -54.73 5.73 0.08
N PRO B 1567 -55.69 5.27 0.90
CA PRO B 1567 -57.09 5.44 0.48
C PRO B 1567 -57.48 6.91 0.34
N ARG B 1568 -57.58 7.63 1.47
CA ARG B 1568 -57.57 9.08 1.60
C ARG B 1568 -57.84 9.45 3.06
N PRO B 1569 -57.51 10.65 3.51
CA PRO B 1569 -58.28 11.24 4.63
C PRO B 1569 -59.60 11.77 4.09
N GLY B 1570 -60.70 11.19 4.59
CA GLY B 1570 -61.98 11.26 3.91
C GLY B 1570 -62.46 12.62 3.43
N ASN B 1571 -62.89 13.48 4.36
CA ASN B 1571 -63.44 14.78 3.97
C ASN B 1571 -63.24 15.74 5.15
N LYS B 1572 -62.22 16.58 5.04
CA LYS B 1572 -61.89 17.56 6.07
C LYS B 1572 -60.84 18.50 5.49
N PHE B 1573 -60.33 19.41 6.32
CA PHE B 1573 -59.14 20.17 5.94
C PHE B 1573 -57.95 19.24 5.76
N GLN B 1574 -58.00 18.06 6.39
CA GLN B 1574 -57.01 17.03 6.14
C GLN B 1574 -56.97 16.60 4.68
N GLY B 1575 -58.08 16.74 3.95
CA GLY B 1575 -58.10 16.42 2.54
C GLY B 1575 -57.17 17.31 1.74
N MET B 1576 -57.30 18.63 1.90
CA MET B 1576 -56.40 19.54 1.21
C MET B 1576 -54.98 19.48 1.77
N VAL B 1577 -54.82 19.20 3.06
CA VAL B 1577 -53.46 18.98 3.59
C VAL B 1577 -52.81 17.80 2.89
N PHE B 1578 -53.54 16.70 2.73
CA PHE B 1578 -53.04 15.53 2.01
C PHE B 1578 -52.75 15.88 0.56
N ASP B 1579 -53.60 16.70 -0.05
CA ASP B 1579 -53.34 17.18 -1.41
C ASP B 1579 -52.01 17.93 -1.48
N PHE B 1580 -51.72 18.72 -0.45
CA PHE B 1580 -50.51 19.55 -0.46
C PHE B 1580 -49.25 18.79 -0.14
N VAL B 1581 -49.31 17.79 0.74
CA VAL B 1581 -48.08 17.24 1.28
C VAL B 1581 -47.63 15.99 0.54
N THR B 1582 -48.54 15.28 -0.12
CA THR B 1582 -48.19 14.03 -0.79
C THR B 1582 -47.44 14.26 -2.10
N ARG B 1583 -47.60 15.42 -2.72
CA ARG B 1583 -47.01 15.67 -4.04
C ARG B 1583 -45.50 15.49 -4.02
N GLN B 1584 -44.94 15.33 -5.22
CA GLN B 1584 -43.51 15.16 -5.38
C GLN B 1584 -42.72 16.38 -4.94
N VAL B 1585 -43.31 17.58 -5.03
CA VAL B 1585 -42.59 18.80 -4.69
C VAL B 1585 -42.19 18.79 -3.22
N PHE B 1586 -43.09 18.39 -2.33
CA PHE B 1586 -42.75 18.30 -0.91
C PHE B 1586 -41.70 17.23 -0.65
N ASP B 1587 -41.72 16.13 -1.38
CA ASP B 1587 -40.75 15.07 -1.17
C ASP B 1587 -39.35 15.50 -1.60
N ILE B 1588 -39.25 16.22 -2.72
CA ILE B 1588 -37.94 16.71 -3.15
C ILE B 1588 -37.47 17.88 -2.30
N SER B 1589 -38.39 18.72 -1.82
CA SER B 1589 -38.01 19.78 -0.90
C SER B 1589 -37.41 19.24 0.39
N ILE B 1590 -37.99 18.17 0.94
CA ILE B 1590 -37.42 17.58 2.15
C ILE B 1590 -36.02 17.05 1.89
N MET B 1591 -35.76 16.52 0.70
CA MET B 1591 -34.40 16.04 0.39
C MET B 1591 -33.43 17.20 0.26
N ILE B 1592 -33.85 18.30 -0.37
CA ILE B 1592 -32.98 19.48 -0.41
C ILE B 1592 -32.72 20.00 1.00
N LEU B 1593 -33.73 19.99 1.85
CA LEU B 1593 -33.59 20.35 3.26
C LEU B 1593 -32.61 19.46 4.01
N ILE B 1594 -32.67 18.15 3.80
CA ILE B 1594 -31.73 17.25 4.44
C ILE B 1594 -30.31 17.48 3.92
N CYS B 1595 -30.17 17.79 2.63
CA CYS B 1595 -28.85 18.12 2.10
C CYS B 1595 -28.32 19.39 2.74
N LEU B 1596 -29.15 20.42 2.89
CA LEU B 1596 -28.75 21.62 3.59
C LEU B 1596 -28.37 21.36 5.04
N ASN B 1597 -29.11 20.50 5.74
CA ASN B 1597 -28.73 20.11 7.09
C ASN B 1597 -27.39 19.39 7.13
N MET B 1598 -27.13 18.52 6.14
CA MET B 1598 -25.81 17.91 6.03
C MET B 1598 -24.73 18.97 5.83
N VAL B 1599 -25.04 20.03 5.08
CA VAL B 1599 -24.05 21.09 4.89
C VAL B 1599 -23.76 21.83 6.19
N THR B 1600 -24.79 22.14 6.98
CA THR B 1600 -24.57 22.81 8.25
C THR B 1600 -24.02 21.87 9.31
N MET B 1601 -24.01 20.57 9.04
CA MET B 1601 -23.28 19.63 9.90
C MET B 1601 -21.83 19.49 9.52
N MET B 1602 -21.46 19.89 8.30
CA MET B 1602 -20.06 19.85 7.88
C MET B 1602 -19.25 21.02 8.42
N VAL B 1603 -19.92 22.09 8.88
CA VAL B 1603 -19.22 23.29 9.29
C VAL B 1603 -18.66 23.18 10.70
N GLU B 1604 -18.95 22.09 11.41
CA GLU B 1604 -18.38 21.89 12.73
C GLU B 1604 -16.87 21.83 12.66
N THR B 1605 -16.22 22.32 13.71
CA THR B 1605 -14.77 22.45 13.72
C THR B 1605 -14.28 22.52 15.16
N ASP B 1606 -13.19 21.82 15.44
CA ASP B 1606 -12.57 21.91 16.75
C ASP B 1606 -12.12 23.34 17.03
N ASP B 1607 -12.27 23.74 18.30
CA ASP B 1607 -11.80 25.04 18.78
C ASP B 1607 -12.44 26.18 17.99
N GLN B 1608 -13.76 26.20 17.98
CA GLN B 1608 -14.50 27.32 17.40
C GLN B 1608 -15.08 28.19 18.51
N SER B 1609 -15.45 29.42 18.14
CA SER B 1609 -15.93 30.38 19.11
C SER B 1609 -17.28 29.97 19.68
N GLU B 1610 -17.72 30.72 20.69
CA GLU B 1610 -19.04 30.46 21.28
C GLU B 1610 -20.14 31.03 20.40
N TYR B 1611 -19.82 32.08 19.67
CA TYR B 1611 -20.75 32.71 18.75
C TYR B 1611 -21.18 31.71 17.68
N VAL B 1612 -20.20 31.12 17.01
CA VAL B 1612 -20.44 30.16 15.93
C VAL B 1612 -21.16 28.94 16.48
N THR B 1613 -20.71 28.46 17.64
CA THR B 1613 -21.37 27.32 18.28
C THR B 1613 -22.84 27.62 18.55
N THR B 1614 -23.12 28.82 19.03
CA THR B 1614 -24.49 29.24 19.34
C THR B 1614 -25.35 29.27 18.09
N ILE B 1615 -24.87 29.94 17.04
CA ILE B 1615 -25.68 30.06 15.83
C ILE B 1615 -25.88 28.70 15.18
N LEU B 1616 -24.86 27.84 15.27
CA LEU B 1616 -24.99 26.49 14.70
C LEU B 1616 -25.98 25.66 15.48
N SER B 1617 -25.95 25.75 16.81
CA SER B 1617 -26.94 25.06 17.63
C SER B 1617 -28.34 25.56 17.31
N ARG B 1618 -28.48 26.87 17.11
CA ARG B 1618 -29.79 27.44 16.80
C ARG B 1618 -30.31 26.92 15.47
N ILE B 1619 -29.46 26.91 14.44
CA ILE B 1619 -29.93 26.49 13.12
C ILE B 1619 -30.20 24.99 13.11
N ASN B 1620 -29.44 24.22 13.89
CA ASN B 1620 -29.76 22.81 14.05
C ASN B 1620 -31.09 22.62 14.78
N LEU B 1621 -31.38 23.47 15.76
CA LEU B 1621 -32.67 23.42 16.44
C LEU B 1621 -33.80 23.70 15.46
N VAL B 1622 -33.62 24.71 14.59
CA VAL B 1622 -34.59 25.00 13.54
C VAL B 1622 -34.77 23.83 12.59
N PHE B 1623 -33.69 23.14 12.21
CA PHE B 1623 -33.82 21.97 11.36
C PHE B 1623 -34.58 20.85 12.06
N ILE B 1624 -34.28 20.61 13.34
CA ILE B 1624 -35.03 19.61 14.10
C ILE B 1624 -36.50 19.94 14.13
N VAL B 1625 -36.83 21.21 14.39
CA VAL B 1625 -38.23 21.63 14.43
C VAL B 1625 -38.89 21.48 13.08
N LEU B 1626 -38.17 21.78 11.99
CA LEU B 1626 -38.74 21.68 10.66
C LEU B 1626 -39.03 20.22 10.30
N PHE B 1627 -38.12 19.31 10.61
CA PHE B 1627 -38.36 17.90 10.32
C PHE B 1627 -39.43 17.33 11.24
N THR B 1628 -39.51 17.83 12.47
CA THR B 1628 -40.59 17.43 13.37
C THR B 1628 -41.94 17.85 12.81
N GLY B 1629 -42.01 19.07 12.28
CA GLY B 1629 -43.21 19.54 11.62
C GLY B 1629 -43.56 18.68 10.42
N GLU B 1630 -42.55 18.38 9.59
CA GLU B 1630 -42.70 17.45 8.49
C GLU B 1630 -43.43 16.19 8.93
N CYS B 1631 -42.86 15.47 9.90
CA CYS B 1631 -43.42 14.18 10.28
C CYS B 1631 -44.80 14.35 10.90
N VAL B 1632 -44.95 15.26 11.85
CA VAL B 1632 -46.22 15.38 12.57
C VAL B 1632 -47.35 15.75 11.60
N LEU B 1633 -47.06 16.61 10.62
CA LEU B 1633 -48.03 16.94 9.59
C LEU B 1633 -48.34 15.70 8.77
N LYS B 1634 -47.30 14.93 8.46
CA LYS B 1634 -47.47 13.72 7.68
C LYS B 1634 -48.30 12.68 8.44
N LEU B 1635 -48.38 12.81 9.77
CA LEU B 1635 -49.23 11.95 10.59
C LEU B 1635 -50.69 12.36 10.52
N ILE B 1636 -51.04 13.43 9.83
CA ILE B 1636 -52.42 13.90 9.74
C ILE B 1636 -52.92 13.64 8.34
N SER B 1637 -51.99 13.51 7.39
CA SER B 1637 -52.33 13.17 6.01
C SER B 1637 -52.47 11.67 5.79
N LEU B 1638 -51.84 10.85 6.61
CA LEU B 1638 -51.88 9.40 6.47
C LEU B 1638 -52.35 8.81 7.80
N ARG B 1639 -53.33 9.47 8.41
CA ARG B 1639 -53.71 9.14 9.78
C ARG B 1639 -54.62 7.91 9.83
N HIS B 1640 -54.18 6.81 9.23
CA HIS B 1640 -54.76 5.52 9.52
C HIS B 1640 -53.64 4.49 9.70
N TYR B 1641 -52.53 4.68 8.99
CA TYR B 1641 -51.38 3.81 9.21
C TYR B 1641 -50.10 4.60 9.53
N TYR B 1642 -49.66 5.40 8.55
CA TYR B 1642 -48.36 6.07 8.51
C TYR B 1642 -47.20 5.06 8.54
N PHE B 1643 -47.51 3.78 8.69
CA PHE B 1643 -46.50 2.80 9.09
C PHE B 1643 -46.55 1.55 8.21
N THR B 1644 -46.56 1.72 6.89
CA THR B 1644 -46.48 0.55 6.01
C THR B 1644 -45.05 0.32 5.53
N ILE B 1645 -44.47 1.29 4.86
CA ILE B 1645 -43.13 1.15 4.32
C ILE B 1645 -42.11 1.54 5.38
N GLY B 1646 -40.94 0.93 5.30
CA GLY B 1646 -39.95 1.10 6.36
C GLY B 1646 -39.26 2.44 6.37
N TRP B 1647 -39.36 3.21 5.28
CA TRP B 1647 -38.66 4.48 5.23
C TRP B 1647 -39.29 5.53 6.16
N ASN B 1648 -40.62 5.66 6.15
CA ASN B 1648 -41.24 6.56 7.12
C ASN B 1648 -41.08 6.06 8.54
N ILE B 1649 -40.95 4.75 8.74
CA ILE B 1649 -40.64 4.24 10.07
C ILE B 1649 -39.26 4.70 10.50
N PHE B 1650 -38.27 4.57 9.62
CA PHE B 1650 -36.92 5.05 9.92
C PHE B 1650 -36.90 6.54 10.18
N ASP B 1651 -37.72 7.31 9.45
CA ASP B 1651 -37.86 8.73 9.74
C ASP B 1651 -38.42 8.97 11.14
N PHE B 1652 -39.49 8.26 11.49
CA PHE B 1652 -40.03 8.32 12.85
C PHE B 1652 -38.94 8.05 13.88
N VAL B 1653 -38.16 6.99 13.68
CA VAL B 1653 -37.08 6.65 14.61
C VAL B 1653 -36.08 7.78 14.73
N VAL B 1654 -35.55 8.28 13.62
CA VAL B 1654 -34.49 9.29 13.71
C VAL B 1654 -35.03 10.58 14.30
N VAL B 1655 -36.30 10.91 14.03
CA VAL B 1655 -36.89 12.10 14.63
C VAL B 1655 -36.99 11.94 16.14
N ILE B 1656 -37.42 10.75 16.60
CA ILE B 1656 -37.50 10.48 18.03
C ILE B 1656 -36.12 10.59 18.66
N LEU B 1657 -35.11 9.99 18.01
CA LEU B 1657 -33.76 10.06 18.55
C LEU B 1657 -33.22 11.47 18.61
N SER B 1658 -33.52 12.30 17.60
CA SER B 1658 -33.07 13.69 17.65
C SER B 1658 -33.76 14.44 18.77
N ILE B 1659 -35.05 14.19 18.97
CA ILE B 1659 -35.79 14.86 20.06
C ILE B 1659 -35.20 14.46 21.41
N VAL B 1660 -34.86 13.19 21.57
CA VAL B 1660 -34.18 12.75 22.79
C VAL B 1660 -32.86 13.48 22.94
N GLY B 1661 -32.00 13.35 21.93
CA GLY B 1661 -30.67 13.94 21.93
C GLY B 1661 -30.64 15.43 22.22
N MET B 1662 -31.70 16.15 21.87
CA MET B 1662 -31.80 17.57 22.20
C MET B 1662 -32.44 17.76 23.58
N PHE B 1663 -33.25 16.80 24.02
CA PHE B 1663 -33.96 16.97 25.30
C PHE B 1663 -33.04 16.79 26.50
N LEU B 1664 -31.99 15.98 26.37
CA LEU B 1664 -31.06 15.80 27.48
C LEU B 1664 -29.81 16.66 27.37
N ALA B 1665 -29.68 17.45 26.30
CA ALA B 1665 -28.57 18.39 26.21
C ALA B 1665 -28.59 19.38 27.37
N GLU B 1666 -29.73 19.54 28.05
CA GLU B 1666 -29.80 20.30 29.28
C GLU B 1666 -29.70 19.40 30.51
N LEU B 1667 -29.74 18.08 30.32
CA LEU B 1667 -29.52 17.18 31.44
C LEU B 1667 -28.04 17.04 31.75
N ILE B 1668 -27.19 17.30 30.76
CA ILE B 1668 -25.74 17.23 30.95
C ILE B 1668 -25.23 18.34 31.86
N GLU B 1669 -26.01 19.41 32.06
CA GLU B 1669 -25.59 20.52 32.89
C GLU B 1669 -26.31 20.57 34.23
N LYS B 1670 -27.18 19.61 34.54
CA LYS B 1670 -27.87 19.56 35.82
C LYS B 1670 -27.80 18.21 36.51
N TYR B 1671 -27.58 17.13 35.77
CA TYR B 1671 -27.49 15.79 36.35
C TYR B 1671 -26.27 15.12 35.75
N PHE B 1672 -26.19 13.80 35.89
CA PHE B 1672 -25.00 12.99 35.61
C PHE B 1672 -24.25 13.49 34.38
N VAL B 1673 -22.97 13.83 34.57
CA VAL B 1673 -22.16 14.49 33.55
C VAL B 1673 -21.09 13.54 33.05
N SER B 1674 -20.91 13.52 31.73
CA SER B 1674 -19.75 12.91 31.09
C SER B 1674 -19.60 13.51 29.70
N PRO B 1675 -18.46 14.15 29.39
CA PRO B 1675 -18.30 14.74 28.06
C PRO B 1675 -18.15 13.70 26.96
N THR B 1676 -17.32 12.68 27.18
CA THR B 1676 -17.15 11.61 26.20
C THR B 1676 -18.46 10.92 25.89
N LEU B 1677 -19.40 10.90 26.83
CA LEU B 1677 -20.74 10.39 26.57
C LEU B 1677 -21.59 11.37 25.78
N PHE B 1678 -21.39 12.67 25.99
CA PHE B 1678 -22.08 13.67 25.18
C PHE B 1678 -21.67 13.58 23.71
N ARG B 1679 -20.36 13.42 23.45
CA ARG B 1679 -19.90 13.23 22.08
C ARG B 1679 -20.58 12.04 21.41
N VAL B 1680 -20.80 10.96 22.15
CA VAL B 1680 -21.41 9.77 21.58
C VAL B 1680 -22.91 9.94 21.38
N ILE B 1681 -23.60 10.56 22.34
CA ILE B 1681 -25.05 10.70 22.21
C ILE B 1681 -25.44 11.73 21.16
N ARG B 1682 -24.61 12.74 20.92
CA ARG B 1682 -24.94 13.73 19.90
C ARG B 1682 -24.88 13.13 18.50
N LEU B 1683 -24.25 11.97 18.35
CA LEU B 1683 -24.12 11.31 17.06
C LEU B 1683 -25.45 10.84 16.51
N ALA B 1684 -26.51 10.93 17.31
CA ALA B 1684 -27.82 10.43 16.87
C ALA B 1684 -28.40 11.26 15.73
N ARG B 1685 -27.95 12.49 15.56
CA ARG B 1685 -28.45 13.35 14.50
C ARG B 1685 -27.96 12.95 13.11
N ILE B 1686 -26.85 12.22 13.03
CA ILE B 1686 -26.40 11.70 11.74
C ILE B 1686 -27.42 10.76 11.12
N GLY B 1687 -28.31 10.18 11.92
CA GLY B 1687 -29.37 9.36 11.36
C GLY B 1687 -30.29 10.13 10.43
N ARG B 1688 -30.32 11.46 10.56
CA ARG B 1688 -31.07 12.27 9.61
C ARG B 1688 -30.43 12.21 8.23
N ILE B 1689 -29.10 12.20 8.17
CA ILE B 1689 -28.40 12.13 6.90
C ILE B 1689 -28.74 10.83 6.17
N LEU B 1690 -28.93 9.74 6.91
CA LEU B 1690 -29.21 8.44 6.31
C LEU B 1690 -30.52 8.40 5.55
N ARG B 1691 -31.33 9.46 5.61
CA ARG B 1691 -32.56 9.48 4.82
C ARG B 1691 -32.27 9.78 3.36
N LEU B 1692 -31.03 10.11 3.02
CA LEU B 1692 -30.68 10.42 1.64
C LEU B 1692 -30.74 9.20 0.73
N ILE B 1693 -30.78 7.99 1.30
CA ILE B 1693 -30.87 6.78 0.48
C ILE B 1693 -32.27 6.55 -0.06
N LYS B 1694 -33.26 7.34 0.40
CA LYS B 1694 -34.63 7.10 0.01
C LYS B 1694 -34.87 7.34 -1.48
N GLY B 1695 -34.24 8.36 -2.04
CA GLY B 1695 -34.57 8.77 -3.40
C GLY B 1695 -33.58 8.31 -4.46
N ALA B 1696 -32.32 8.14 -4.08
CA ALA B 1696 -31.26 7.79 -5.03
C ALA B 1696 -31.36 6.31 -5.37
N LYS B 1697 -32.42 5.92 -6.07
CA LYS B 1697 -32.65 4.54 -6.44
C LYS B 1697 -31.49 4.06 -7.32
N GLY B 1698 -30.74 3.09 -6.81
CA GLY B 1698 -29.49 2.65 -7.41
C GLY B 1698 -28.37 2.48 -6.40
N ILE B 1699 -28.30 3.35 -5.39
CA ILE B 1699 -27.38 3.15 -4.28
C ILE B 1699 -28.05 2.18 -3.31
N ARG B 1700 -29.40 2.16 -3.34
CA ARG B 1700 -30.17 1.23 -2.53
C ARG B 1700 -29.93 -0.20 -3.00
N THR B 1701 -29.74 -0.39 -4.31
CA THR B 1701 -29.49 -1.72 -4.84
C THR B 1701 -28.17 -2.28 -4.32
N LEU B 1702 -27.15 -1.44 -4.21
CA LEU B 1702 -25.85 -1.91 -3.74
C LEU B 1702 -25.91 -2.25 -2.26
N LEU B 1703 -26.63 -1.45 -1.47
CA LEU B 1703 -26.80 -1.78 -0.06
C LEU B 1703 -27.67 -3.02 0.11
N PHE B 1704 -28.55 -3.29 -0.84
CA PHE B 1704 -29.35 -4.50 -0.77
C PHE B 1704 -28.49 -5.73 -1.10
N ALA B 1705 -27.55 -5.57 -2.03
CA ALA B 1705 -26.55 -6.61 -2.24
C ALA B 1705 -25.68 -6.81 -1.01
N LEU B 1706 -25.39 -5.73 -0.28
CA LEU B 1706 -24.74 -5.85 1.03
C LEU B 1706 -25.56 -6.71 1.98
N MET B 1707 -26.85 -6.41 2.10
CA MET B 1707 -27.74 -7.20 2.95
C MET B 1707 -27.76 -8.67 2.51
N MET B 1708 -27.67 -8.89 1.21
CA MET B 1708 -27.57 -10.26 0.70
C MET B 1708 -26.27 -10.93 1.10
N SER B 1709 -25.15 -10.21 1.07
CA SER B 1709 -23.85 -10.78 1.37
C SER B 1709 -23.57 -10.87 2.86
N LEU B 1710 -24.45 -10.31 3.69
CA LEU B 1710 -24.26 -10.41 5.13
C LEU B 1710 -24.26 -11.85 5.65
N PRO B 1711 -25.30 -12.67 5.37
CA PRO B 1711 -25.36 -14.00 6.00
C PRO B 1711 -24.27 -14.96 5.56
N ALA B 1712 -23.72 -14.80 4.35
CA ALA B 1712 -22.62 -15.65 3.89
C ALA B 1712 -21.28 -15.20 4.46
N LEU B 1713 -21.14 -13.90 4.73
CA LEU B 1713 -19.93 -13.39 5.37
C LEU B 1713 -19.93 -13.60 6.87
N PHE B 1714 -21.10 -13.80 7.48
CA PHE B 1714 -21.17 -14.01 8.93
C PHE B 1714 -20.41 -15.27 9.35
N ASN B 1715 -20.62 -16.36 8.62
CA ASN B 1715 -19.95 -17.63 8.92
C ASN B 1715 -18.44 -17.49 8.82
N ILE B 1716 -17.97 -16.88 7.72
CA ILE B 1716 -16.54 -16.72 7.49
C ILE B 1716 -15.96 -15.79 8.54
N GLY B 1717 -16.73 -14.79 8.97
CA GLY B 1717 -16.28 -13.93 10.04
C GLY B 1717 -16.14 -14.69 11.35
N LEU B 1718 -17.07 -15.60 11.63
CA LEU B 1718 -16.97 -16.43 12.82
C LEU B 1718 -15.72 -17.32 12.76
N LEU B 1719 -15.46 -17.91 11.60
CA LEU B 1719 -14.27 -18.74 11.44
C LEU B 1719 -12.98 -17.93 11.59
N LEU B 1720 -12.92 -16.74 11.01
CA LEU B 1720 -11.79 -15.85 11.19
C LEU B 1720 -11.62 -15.44 12.63
N PHE B 1721 -12.73 -15.20 13.33
CA PHE B 1721 -12.66 -14.89 14.76
C PHE B 1721 -12.09 -16.07 15.54
N LEU B 1722 -12.45 -17.29 15.17
CA LEU B 1722 -11.93 -18.46 15.85
C LEU B 1722 -10.43 -18.59 15.63
N VAL B 1723 -9.99 -18.41 14.38
CA VAL B 1723 -8.56 -18.45 14.09
C VAL B 1723 -7.83 -17.34 14.86
N MET B 1724 -8.45 -16.16 14.93
CA MET B 1724 -7.88 -15.06 15.68
C MET B 1724 -7.75 -15.40 17.16
N PHE B 1725 -8.77 -16.07 17.71
CA PHE B 1725 -8.72 -16.53 19.09
C PHE B 1725 -7.55 -17.48 19.33
N ILE B 1726 -7.42 -18.48 18.47
CA ILE B 1726 -6.35 -19.46 18.62
C ILE B 1726 -4.99 -18.78 18.57
N TYR B 1727 -4.78 -17.93 17.56
CA TYR B 1727 -3.48 -17.27 17.42
C TYR B 1727 -3.24 -16.26 18.55
N ALA B 1728 -4.30 -15.64 19.07
CA ALA B 1728 -4.16 -14.77 20.23
C ALA B 1728 -3.70 -15.51 21.45
N ILE B 1729 -4.25 -16.68 21.74
CA ILE B 1729 -3.76 -17.46 22.86
C ILE B 1729 -2.34 -17.97 22.62
N PHE B 1730 -2.01 -18.33 21.38
CA PHE B 1730 -0.64 -18.75 21.07
C PHE B 1730 0.35 -17.62 21.34
N GLY B 1731 0.01 -16.40 20.91
CA GLY B 1731 0.89 -15.27 21.15
C GLY B 1731 0.96 -14.88 22.61
N MET B 1732 -0.17 -14.97 23.32
CA MET B 1732 -0.20 -14.64 24.74
C MET B 1732 0.58 -15.65 25.55
N SER B 1733 0.73 -16.87 25.04
CA SER B 1733 1.58 -17.85 25.72
C SER B 1733 3.03 -17.72 25.33
N ASN B 1734 3.32 -17.38 24.08
CA ASN B 1734 4.70 -17.32 23.58
C ASN B 1734 5.27 -15.90 23.61
N PHE B 1735 4.59 -14.96 22.94
CA PHE B 1735 5.14 -13.65 22.63
C PHE B 1735 4.91 -12.63 23.73
N ALA B 1736 4.32 -13.04 24.85
CA ALA B 1736 3.85 -12.07 25.85
C ALA B 1736 4.97 -11.48 26.69
N TYR B 1737 6.23 -11.75 26.36
CA TYR B 1737 7.35 -11.22 27.13
C TYR B 1737 8.50 -10.75 26.26
N VAL B 1738 8.25 -10.54 24.97
CA VAL B 1738 9.31 -10.11 24.05
C VAL B 1738 9.75 -8.69 24.40
N LYS B 1739 10.91 -8.31 23.88
CA LYS B 1739 11.40 -6.95 24.10
C LYS B 1739 10.51 -5.95 23.37
N ARG B 1740 10.51 -4.70 23.85
CA ARG B 1740 9.65 -3.66 23.29
C ARG B 1740 10.43 -2.85 22.25
N GLU B 1741 10.65 -3.47 21.10
CA GLU B 1741 11.27 -2.78 19.97
C GLU B 1741 10.21 -2.21 19.04
N VAL B 1742 10.63 -1.84 17.82
CA VAL B 1742 9.88 -0.94 16.96
C VAL B 1742 8.40 -1.30 16.89
N GLY B 1743 8.09 -2.60 16.81
CA GLY B 1743 6.72 -2.98 16.53
C GLY B 1743 5.83 -3.20 17.74
N ILE B 1744 6.42 -3.48 18.89
CA ILE B 1744 5.69 -3.81 20.11
C ILE B 1744 6.04 -2.79 21.19
N ASP B 1745 5.01 -2.12 21.69
CA ASP B 1745 5.18 -1.09 22.72
C ASP B 1745 4.10 -1.29 23.77
N ASP B 1746 4.04 -0.38 24.74
CA ASP B 1746 3.16 -0.50 25.90
C ASP B 1746 1.68 -0.50 25.54
N MET B 1747 1.32 -0.23 24.29
CA MET B 1747 -0.08 -0.08 23.92
C MET B 1747 -0.54 -1.23 23.05
N PHE B 1748 0.34 -1.70 22.17
CA PHE B 1748 0.02 -2.76 21.21
C PHE B 1748 1.06 -3.87 21.39
N ASN B 1749 0.69 -4.91 22.12
CA ASN B 1749 1.59 -6.00 22.44
C ASN B 1749 0.76 -7.26 22.65
N PHE B 1750 1.38 -8.29 23.23
CA PHE B 1750 0.74 -9.58 23.42
C PHE B 1750 0.58 -9.93 24.91
N GLU B 1751 0.52 -8.90 25.77
CA GLU B 1751 0.50 -9.15 27.21
C GLU B 1751 -0.83 -9.74 27.65
N THR B 1752 -1.94 -9.15 27.21
CA THR B 1752 -3.26 -9.57 27.61
C THR B 1752 -4.04 -10.04 26.40
N PHE B 1753 -5.28 -10.49 26.64
CA PHE B 1753 -6.15 -10.86 25.53
C PHE B 1753 -6.57 -9.64 24.73
N GLY B 1754 -6.82 -8.52 25.40
CA GLY B 1754 -7.22 -7.32 24.68
C GLY B 1754 -6.17 -6.84 23.70
N ASN B 1755 -4.96 -6.58 24.18
CA ASN B 1755 -3.89 -6.14 23.29
C ASN B 1755 -3.62 -7.15 22.20
N SER B 1756 -3.71 -8.44 22.50
CA SER B 1756 -3.43 -9.47 21.51
C SER B 1756 -4.48 -9.48 20.40
N MET B 1757 -5.76 -9.32 20.75
CA MET B 1757 -6.78 -9.28 19.72
C MET B 1757 -6.68 -8.02 18.85
N ILE B 1758 -6.27 -6.89 19.43
CA ILE B 1758 -6.13 -5.67 18.64
C ILE B 1758 -4.85 -5.65 17.80
N CYS B 1759 -3.83 -6.43 18.16
CA CYS B 1759 -2.72 -6.66 17.26
C CYS B 1759 -3.06 -7.66 16.17
N LEU B 1760 -3.80 -8.71 16.51
CA LEU B 1760 -4.22 -9.71 15.53
C LEU B 1760 -5.16 -9.11 14.49
N PHE B 1761 -6.04 -8.19 14.88
CA PHE B 1761 -6.90 -7.57 13.88
C PHE B 1761 -6.10 -6.66 12.95
N GLN B 1762 -5.05 -6.03 13.47
CA GLN B 1762 -4.16 -5.25 12.61
C GLN B 1762 -3.46 -6.13 11.60
N ILE B 1763 -2.92 -7.27 12.05
CA ILE B 1763 -2.26 -8.19 11.14
C ILE B 1763 -3.24 -8.84 10.16
N THR B 1764 -4.52 -8.93 10.52
CA THR B 1764 -5.50 -9.61 9.67
C THR B 1764 -5.51 -9.06 8.25
N THR B 1765 -5.21 -7.78 8.07
CA THR B 1765 -5.07 -7.20 6.74
C THR B 1765 -3.65 -7.25 6.20
N SER B 1766 -2.76 -7.98 6.87
CA SER B 1766 -1.33 -8.12 6.59
C SER B 1766 -0.60 -6.82 6.84
N ALA B 1767 -1.24 -5.84 7.49
CA ALA B 1767 -0.62 -4.54 7.69
C ALA B 1767 0.31 -4.56 8.89
N GLY B 1768 1.54 -4.09 8.69
CA GLY B 1768 2.45 -3.86 9.79
C GLY B 1768 2.93 -5.11 10.51
N TRP B 1769 2.94 -6.25 9.82
CA TRP B 1769 3.45 -7.47 10.44
C TRP B 1769 4.97 -7.53 10.43
N ASP B 1770 5.62 -6.78 9.54
CA ASP B 1770 7.08 -6.72 9.54
C ASP B 1770 7.62 -6.11 10.82
N GLY B 1771 6.90 -5.14 11.39
CA GLY B 1771 7.33 -4.51 12.62
C GLY B 1771 7.05 -5.38 13.82
N LEU B 1772 5.99 -6.17 13.76
CA LEU B 1772 5.68 -7.09 14.85
C LEU B 1772 6.61 -8.31 14.86
N LEU B 1773 7.07 -8.74 13.68
CA LEU B 1773 8.04 -9.83 13.63
C LEU B 1773 9.44 -9.35 13.97
N ALA B 1774 9.70 -8.04 13.81
CA ALA B 1774 11.05 -7.53 14.05
C ALA B 1774 11.59 -7.80 15.44
N PRO B 1775 10.83 -7.65 16.54
CA PRO B 1775 11.39 -7.99 17.86
C PRO B 1775 11.53 -9.48 18.10
N ILE B 1776 10.67 -10.31 17.53
CA ILE B 1776 10.73 -11.74 17.74
C ILE B 1776 11.98 -12.38 17.15
N LEU B 1777 12.41 -11.94 15.97
CA LEU B 1777 13.60 -12.50 15.34
C LEU B 1777 14.86 -12.32 16.16
N ASN B 1778 14.83 -11.52 17.22
CA ASN B 1778 15.97 -11.44 18.12
C ASN B 1778 16.13 -12.76 18.87
N SER B 1779 17.36 -13.20 19.06
CA SER B 1779 17.63 -14.50 19.64
C SER B 1779 18.53 -14.46 20.86
N LYS B 1780 19.55 -13.60 20.86
CA LYS B 1780 20.57 -13.64 21.90
C LYS B 1780 21.22 -12.28 21.99
N PRO B 1781 21.97 -12.02 23.06
CA PRO B 1781 22.71 -10.75 23.17
C PRO B 1781 23.67 -10.58 22.00
N PRO B 1782 24.14 -9.34 21.75
CA PRO B 1782 23.84 -8.11 22.49
C PRO B 1782 22.48 -7.49 22.16
N ASP B 1783 21.58 -8.29 21.58
CA ASP B 1783 20.23 -7.81 21.28
C ASP B 1783 19.34 -7.90 22.51
N CYS B 1784 19.18 -9.11 23.06
CA CYS B 1784 18.30 -9.39 24.18
C CYS B 1784 19.08 -9.50 25.47
N ASP B 1785 18.37 -9.90 26.53
CA ASP B 1785 18.97 -10.33 27.78
C ASP B 1785 18.22 -11.59 28.20
N PRO B 1786 18.77 -12.78 27.97
CA PRO B 1786 17.98 -14.01 28.15
C PRO B 1786 17.72 -14.36 29.60
N ASN B 1787 18.28 -13.57 30.52
CA ASN B 1787 18.11 -13.79 31.95
C ASN B 1787 17.51 -12.51 32.54
N LYS B 1788 16.18 -12.44 32.52
CA LYS B 1788 15.47 -11.28 33.04
C LYS B 1788 14.46 -11.63 34.11
N VAL B 1789 14.54 -10.98 35.28
CA VAL B 1789 13.72 -11.28 36.45
C VAL B 1789 12.27 -10.82 36.24
N ASN B 1790 11.97 -10.32 35.04
CA ASN B 1790 10.80 -9.48 34.73
C ASN B 1790 9.55 -9.87 35.50
N PRO B 1791 9.07 -8.92 36.30
CA PRO B 1791 8.11 -9.13 37.39
C PRO B 1791 6.83 -9.87 37.04
N GLY B 1792 6.07 -10.22 38.08
CA GLY B 1792 4.78 -10.86 37.89
C GLY B 1792 4.82 -12.19 37.18
N SER B 1793 5.87 -12.96 37.42
CA SER B 1793 5.96 -14.30 36.84
C SER B 1793 7.30 -14.97 37.08
N SER B 1794 7.34 -16.28 36.88
CA SER B 1794 8.56 -17.05 37.04
C SER B 1794 9.30 -17.13 35.71
N VAL B 1795 8.56 -16.93 34.62
CA VAL B 1795 9.13 -16.96 33.28
C VAL B 1795 10.20 -15.89 33.18
N LYS B 1796 11.31 -16.24 32.53
CA LYS B 1796 12.42 -15.32 32.34
C LYS B 1796 12.89 -15.37 30.89
N GLY B 1797 13.45 -14.28 30.43
CA GLY B 1797 13.80 -14.11 29.02
C GLY B 1797 12.92 -13.06 28.36
N ASP B 1798 13.57 -12.18 27.59
CA ASP B 1798 12.93 -10.96 27.11
C ASP B 1798 12.71 -10.98 25.60
N CYS B 1799 12.88 -12.12 24.95
CA CYS B 1799 12.53 -12.25 23.53
C CYS B 1799 12.31 -13.72 23.16
N GLY B 1800 11.53 -13.92 22.10
CA GLY B 1800 11.05 -15.23 21.71
C GLY B 1800 11.92 -15.91 20.66
N ASN B 1801 11.52 -17.12 20.33
CA ASN B 1801 12.25 -17.97 19.40
C ASN B 1801 11.98 -17.55 17.97
N PRO B 1802 13.00 -17.32 17.14
CA PRO B 1802 12.76 -16.94 15.75
C PRO B 1802 11.95 -17.96 14.97
N SER B 1803 12.19 -19.26 15.17
CA SER B 1803 11.49 -20.29 14.42
C SER B 1803 9.99 -20.23 14.64
N VAL B 1804 9.57 -20.25 15.91
CA VAL B 1804 8.13 -20.21 16.22
C VAL B 1804 7.50 -18.89 15.81
N GLY B 1805 8.22 -17.78 15.89
CA GLY B 1805 7.70 -16.51 15.43
C GLY B 1805 7.46 -16.47 13.94
N ILE B 1806 8.44 -16.95 13.17
CA ILE B 1806 8.28 -17.02 11.72
C ILE B 1806 7.13 -17.92 11.36
N PHE B 1807 7.07 -19.12 11.96
CA PHE B 1807 5.95 -20.01 11.68
C PHE B 1807 4.63 -19.34 12.00
N PHE B 1808 4.50 -18.74 13.19
CA PHE B 1808 3.29 -18.04 13.58
C PHE B 1808 2.88 -17.03 12.53
N PHE B 1809 3.75 -16.08 12.23
CA PHE B 1809 3.32 -14.95 11.40
C PHE B 1809 3.09 -15.36 9.95
N VAL B 1810 3.94 -16.22 9.39
CA VAL B 1810 3.73 -16.61 8.00
C VAL B 1810 2.49 -17.49 7.86
N SER B 1811 2.31 -18.38 8.83
CA SER B 1811 1.13 -19.23 8.89
C SER B 1811 -0.14 -18.40 8.95
N TYR B 1812 -0.14 -17.35 9.78
CA TYR B 1812 -1.31 -16.51 9.90
C TYR B 1812 -1.52 -15.64 8.67
N ILE B 1813 -0.44 -15.14 8.07
CA ILE B 1813 -0.58 -14.37 6.84
C ILE B 1813 -1.25 -15.22 5.76
N ILE B 1814 -0.78 -16.45 5.57
CA ILE B 1814 -1.33 -17.30 4.53
C ILE B 1814 -2.79 -17.68 4.84
N ILE B 1815 -3.08 -18.03 6.09
CA ILE B 1815 -4.43 -18.46 6.45
C ILE B 1815 -5.41 -17.31 6.32
N SER B 1816 -5.07 -16.15 6.90
CA SER B 1816 -5.90 -14.97 6.74
C SER B 1816 -6.03 -14.56 5.28
N PHE B 1817 -5.00 -14.75 4.46
CA PHE B 1817 -5.12 -14.43 3.05
C PHE B 1817 -6.15 -15.32 2.37
N LEU B 1818 -6.10 -16.63 2.63
CA LEU B 1818 -7.12 -17.52 2.09
C LEU B 1818 -8.52 -17.15 2.56
N VAL B 1819 -8.67 -16.90 3.86
CA VAL B 1819 -9.98 -16.52 4.41
C VAL B 1819 -10.50 -15.22 3.81
N VAL B 1820 -9.64 -14.22 3.60
CA VAL B 1820 -10.15 -12.97 3.05
C VAL B 1820 -10.40 -13.07 1.56
N VAL B 1821 -9.63 -13.91 0.83
CA VAL B 1821 -9.97 -14.15 -0.57
C VAL B 1821 -11.32 -14.84 -0.72
N ASN B 1822 -11.65 -15.78 0.16
CA ASN B 1822 -12.99 -16.36 0.05
C ASN B 1822 -14.08 -15.37 0.46
N MET B 1823 -13.79 -14.41 1.33
CA MET B 1823 -14.75 -13.32 1.59
C MET B 1823 -14.93 -12.47 0.34
N TYR B 1824 -13.82 -12.08 -0.28
CA TYR B 1824 -13.87 -11.34 -1.53
C TYR B 1824 -14.74 -12.05 -2.56
N ILE B 1825 -14.56 -13.36 -2.70
CA ILE B 1825 -15.34 -14.09 -3.70
C ILE B 1825 -16.80 -14.22 -3.27
N ALA B 1826 -17.05 -14.32 -1.95
CA ALA B 1826 -18.43 -14.40 -1.47
C ALA B 1826 -19.17 -13.09 -1.69
N VAL B 1827 -18.46 -11.98 -1.74
CA VAL B 1827 -19.08 -10.70 -2.08
C VAL B 1827 -19.25 -10.55 -3.59
N ILE B 1828 -18.25 -10.98 -4.35
CA ILE B 1828 -18.25 -10.73 -5.79
C ILE B 1828 -19.24 -11.64 -6.51
N LEU B 1829 -19.36 -12.91 -6.09
CA LEU B 1829 -20.31 -13.80 -6.74
C LEU B 1829 -21.75 -13.44 -6.42
N GLU B 1830 -21.98 -12.57 -5.43
CA GLU B 1830 -23.31 -12.04 -5.21
C GLU B 1830 -23.52 -10.73 -5.93
N ASN B 1831 -22.44 -9.95 -6.05
CA ASN B 1831 -22.48 -8.74 -6.86
C ASN B 1831 -22.86 -9.08 -8.29
N PHE B 1832 -22.30 -10.17 -8.81
CA PHE B 1832 -22.56 -10.56 -10.19
C PHE B 1832 -24.00 -11.00 -10.40
N SER B 1833 -24.56 -11.79 -9.48
CA SER B 1833 -25.88 -12.37 -9.65
C SER B 1833 -27.01 -11.40 -9.38
N VAL B 1834 -26.71 -10.17 -8.96
CA VAL B 1834 -27.76 -9.16 -8.83
C VAL B 1834 -27.75 -8.20 -10.00
N ALA B 1835 -26.59 -8.01 -10.64
CA ALA B 1835 -26.53 -7.16 -11.82
C ALA B 1835 -26.80 -7.93 -13.10
N THR B 1836 -26.57 -9.24 -13.11
CA THR B 1836 -26.97 -10.03 -14.28
C THR B 1836 -28.44 -10.39 -14.22
N GLU B 1837 -29.01 -10.48 -13.01
CA GLU B 1837 -30.43 -10.77 -12.88
C GLU B 1837 -31.29 -9.52 -12.87
N GLU B 1838 -30.75 -8.38 -13.28
CA GLU B 1838 -31.56 -7.18 -13.48
C GLU B 1838 -31.21 -6.52 -14.81
#